data_6WB3
# 
_entry.id   6WB3 
# 
_audit_conform.dict_name       mmcif_pdbx.dic 
_audit_conform.dict_version    5.398 
_audit_conform.dict_location   http://mmcif.pdb.org/dictionaries/ascii/mmcif_pdbx.dic 
# 
loop_
_database_2.database_id 
_database_2.database_code 
_database_2.pdbx_database_accession 
_database_2.pdbx_DOI 
PDB   6WB3         pdb_00006wb3 10.2210/pdb6wb3/pdb 
WWPDB D_1000247939 ?            ?                   
# 
loop_
_pdbx_audit_revision_history.ordinal 
_pdbx_audit_revision_history.data_content_type 
_pdbx_audit_revision_history.major_revision 
_pdbx_audit_revision_history.minor_revision 
_pdbx_audit_revision_history.revision_date 
1 'Structure model' 1 0 2021-03-17 
2 'Structure model' 1 1 2021-03-24 
3 'Structure model' 1 2 2024-11-13 
# 
_pdbx_audit_revision_details.ordinal             1 
_pdbx_audit_revision_details.revision_ordinal    1 
_pdbx_audit_revision_details.data_content_type   'Structure model' 
_pdbx_audit_revision_details.provider            repository 
_pdbx_audit_revision_details.type                'Initial release' 
_pdbx_audit_revision_details.description         ? 
_pdbx_audit_revision_details.details             ? 
# 
loop_
_pdbx_audit_revision_group.ordinal 
_pdbx_audit_revision_group.revision_ordinal 
_pdbx_audit_revision_group.data_content_type 
_pdbx_audit_revision_group.group 
1 2 'Structure model' 'Database references' 
2 3 'Structure model' 'Data collection'     
3 3 'Structure model' 'Database references' 
4 3 'Structure model' 'Structure summary'   
# 
loop_
_pdbx_audit_revision_category.ordinal 
_pdbx_audit_revision_category.revision_ordinal 
_pdbx_audit_revision_category.data_content_type 
_pdbx_audit_revision_category.category 
1 2 'Structure model' citation                  
2 2 'Structure model' citation_author           
3 3 'Structure model' chem_comp_atom            
4 3 'Structure model' chem_comp_bond            
5 3 'Structure model' database_2                
6 3 'Structure model' pdbx_entry_details        
7 3 'Structure model' pdbx_modification_feature 
# 
loop_
_pdbx_audit_revision_item.ordinal 
_pdbx_audit_revision_item.revision_ordinal 
_pdbx_audit_revision_item.data_content_type 
_pdbx_audit_revision_item.item 
1 2 'Structure model' '_citation.journal_volume'                     
2 2 'Structure model' '_citation_author.name'                        
3 3 'Structure model' '_database_2.pdbx_DOI'                         
4 3 'Structure model' '_database_2.pdbx_database_accession'          
5 3 'Structure model' '_pdbx_entry_details.has_protein_modification' 
# 
_pdbx_database_status.status_code                     REL 
_pdbx_database_status.status_code_sf                  REL 
_pdbx_database_status.status_code_mr                  ? 
_pdbx_database_status.entry_id                        6WB3 
_pdbx_database_status.recvd_initial_deposition_date   2020-03-26 
_pdbx_database_status.SG_entry                        N 
_pdbx_database_status.deposit_site                    RCSB 
_pdbx_database_status.process_site                    RCSB 
_pdbx_database_status.status_code_cs                  ? 
_pdbx_database_status.status_code_nmr_data            ? 
_pdbx_database_status.methods_development_category    ? 
_pdbx_database_status.pdb_format_compatible           Y 
# 
loop_
_audit_author.name 
_audit_author.pdbx_ordinal 
_audit_author.identifier_ORCID 
'Cabrejos, D.A.L.'   1  ?                   
'Cavini, I.'         2  0000-0003-2035-6584 
'Sala, F.A.'         3  0000-0002-0287-3054 
'Valadares, N.F.'    4  0000-0002-6251-7342 
'Pereira, H.M.'      5  0000-0002-8652-6729 
'Brandao-Neto, J.'   6  0000-0003-3414-5171 
'Nascimento, A.F.Z.' 7  0000-0003-4692-5263 
'Uson, I.'           8  0000-0003-2504-1696 
'Araujo, A.P.U.'     9  0000-0001-5455-084X 
'Garratt, R.C.'      10 0000-0002-2016-3179 
# 
_citation.abstract                  ? 
_citation.abstract_id_CAS           ? 
_citation.book_id_ISBN              ? 
_citation.book_publisher            ? 
_citation.book_publisher_city       ? 
_citation.book_title                ? 
_citation.coordinate_linkage        ? 
_citation.country                   UK 
_citation.database_id_Medline       ? 
_citation.details                   ? 
_citation.id                        primary 
_citation.journal_abbrev            J.Mol.Biol. 
_citation.journal_id_ASTM           JMOBAK 
_citation.journal_id_CSD            0070 
_citation.journal_id_ISSN           1089-8638 
_citation.journal_full              ? 
_citation.journal_issue             ? 
_citation.journal_volume            433 
_citation.language                  ? 
_citation.page_first                166889 
_citation.page_last                 166889 
_citation.title                     'Orientational Ambiguity in Septin Coiled Coils and its Structural Basis.' 
_citation.year                      2021 
_citation.database_id_CSD           ? 
_citation.pdbx_database_id_DOI      10.1016/j.jmb.2021.166889 
_citation.pdbx_database_id_PubMed   33639214 
_citation.unpublished_flag          ? 
# 
loop_
_citation_author.citation_id 
_citation_author.name 
_citation_author.ordinal 
_citation_author.identifier_ORCID 
primary 'Leonardo, D.A.'      1  ? 
primary 'Cavini, I.A.'        2  ? 
primary 'Sala, F.A.'          3  ? 
primary 'Mendonca, D.C.'      4  ? 
primary 'Rosa, H.V.D.'        5  ? 
primary 'Kumagai, P.S.'       6  ? 
primary 'Crusca Jr., E.'      7  ? 
primary 'Valadares, N.F.'     8  ? 
primary 'Marques, I.A.'       9  ? 
primary 'Brandao-Neto, J.'    10 ? 
primary 'Munte, C.E.'         11 ? 
primary 'Kalbitzer, H.R.'     12 ? 
primary 'Soler, N.'           13 ? 
primary 'Uson, I.'            14 ? 
primary 'Andre, I.'           15 ? 
primary 'Araujo, A.P.U.'      16 ? 
primary 
;D'Muniz Pereira, H.
;
17 ? 
primary 'Garratt, R.C.'       18 ? 
# 
loop_
_entity.id 
_entity.type 
_entity.src_method 
_entity.pdbx_description 
_entity.formula_weight 
_entity.pdbx_number_of_molecules 
_entity.pdbx_ec 
_entity.pdbx_mutation 
_entity.pdbx_fragment 
_entity.details 
1 polymer     syn Septin-4      3875.542 2  ? ? 'Coiled coil region' ? 
2 non-polymer syn 'SULFATE ION' 96.063   2  ? ? ?                    ? 
3 non-polymer syn 'ACETATE ION' 59.044   2  ? ? ?                    ? 
4 water       nat water         18.015   44 ? ? ?                    ? 
# 
_entity_name_com.entity_id   1 
_entity_name_com.name        
;Apoptosis-related protein in the TGF-beta signaling pathway,ARTS,Bradeion beta,Brain protein H5,CE5B3 beta,Cell division control-related protein 2,hCDCREL-2,Cerebral protein 7,Peanut-like protein 2
;
# 
_entity_poly.entity_id                      1 
_entity_poly.type                           'polypeptide(L)' 
_entity_poly.nstd_linkage                   no 
_entity_poly.nstd_monomer                   yes 
_entity_poly.pdbx_seq_one_letter_code       '(ACE)ETEKLIREKDEELRRMQEMLHKIQKQMKEN(NH2)' 
_entity_poly.pdbx_seq_one_letter_code_can   XETEKLIREKDEELRRMQEMLHKIQKQMKENX 
_entity_poly.pdbx_strand_id                 A,B 
_entity_poly.pdbx_target_identifier         ? 
# 
loop_
_pdbx_entity_nonpoly.entity_id 
_pdbx_entity_nonpoly.name 
_pdbx_entity_nonpoly.comp_id 
2 'SULFATE ION' SO4 
3 'ACETATE ION' ACT 
4 water         HOH 
# 
loop_
_entity_poly_seq.entity_id 
_entity_poly_seq.num 
_entity_poly_seq.mon_id 
_entity_poly_seq.hetero 
1 1  ACE n 
1 2  GLU n 
1 3  THR n 
1 4  GLU n 
1 5  LYS n 
1 6  LEU n 
1 7  ILE n 
1 8  ARG n 
1 9  GLU n 
1 10 LYS n 
1 11 ASP n 
1 12 GLU n 
1 13 GLU n 
1 14 LEU n 
1 15 ARG n 
1 16 ARG n 
1 17 MET n 
1 18 GLN n 
1 19 GLU n 
1 20 MET n 
1 21 LEU n 
1 22 HIS n 
1 23 LYS n 
1 24 ILE n 
1 25 GLN n 
1 26 LYS n 
1 27 GLN n 
1 28 MET n 
1 29 LYS n 
1 30 GLU n 
1 31 ASN n 
1 32 NH2 n 
# 
_pdbx_entity_src_syn.entity_id              1 
_pdbx_entity_src_syn.pdbx_src_id            1 
_pdbx_entity_src_syn.pdbx_alt_source_flag   sample 
_pdbx_entity_src_syn.pdbx_beg_seq_num       1 
_pdbx_entity_src_syn.pdbx_end_seq_num       32 
_pdbx_entity_src_syn.organism_scientific    'Homo sapiens' 
_pdbx_entity_src_syn.organism_common_name   Human 
_pdbx_entity_src_syn.ncbi_taxonomy_id       9606 
_pdbx_entity_src_syn.details                ? 
# 
loop_
_chem_comp.id 
_chem_comp.type 
_chem_comp.mon_nstd_flag 
_chem_comp.name 
_chem_comp.pdbx_synonyms 
_chem_comp.formula 
_chem_comp.formula_weight 
ACE non-polymer         . 'ACETYL GROUP'  ? 'C2 H4 O'        44.053  
ACT non-polymer         . 'ACETATE ION'   ? 'C2 H3 O2 -1'    59.044  
ARG 'L-peptide linking' y ARGININE        ? 'C6 H15 N4 O2 1' 175.209 
ASN 'L-peptide linking' y ASPARAGINE      ? 'C4 H8 N2 O3'    132.118 
ASP 'L-peptide linking' y 'ASPARTIC ACID' ? 'C4 H7 N O4'     133.103 
GLN 'L-peptide linking' y GLUTAMINE       ? 'C5 H10 N2 O3'   146.144 
GLU 'L-peptide linking' y 'GLUTAMIC ACID' ? 'C5 H9 N O4'     147.129 
HIS 'L-peptide linking' y HISTIDINE       ? 'C6 H10 N3 O2 1' 156.162 
HOH non-polymer         . WATER           ? 'H2 O'           18.015  
ILE 'L-peptide linking' y ISOLEUCINE      ? 'C6 H13 N O2'    131.173 
LEU 'L-peptide linking' y LEUCINE         ? 'C6 H13 N O2'    131.173 
LYS 'L-peptide linking' y LYSINE          ? 'C6 H15 N2 O2 1' 147.195 
MET 'L-peptide linking' y METHIONINE      ? 'C5 H11 N O2 S'  149.211 
NH2 non-polymer         . 'AMINO GROUP'   ? 'H2 N'           16.023  
SO4 non-polymer         . 'SULFATE ION'   ? 'O4 S -2'        96.063  
THR 'L-peptide linking' y THREONINE       ? 'C4 H9 N O3'     119.119 
# 
loop_
_pdbx_poly_seq_scheme.asym_id 
_pdbx_poly_seq_scheme.entity_id 
_pdbx_poly_seq_scheme.seq_id 
_pdbx_poly_seq_scheme.mon_id 
_pdbx_poly_seq_scheme.ndb_seq_num 
_pdbx_poly_seq_scheme.pdb_seq_num 
_pdbx_poly_seq_scheme.auth_seq_num 
_pdbx_poly_seq_scheme.pdb_mon_id 
_pdbx_poly_seq_scheme.auth_mon_id 
_pdbx_poly_seq_scheme.pdb_strand_id 
_pdbx_poly_seq_scheme.pdb_ins_code 
_pdbx_poly_seq_scheme.hetero 
A 1 1  ACE 1  447 447 ACE ACE A . n 
A 1 2  GLU 2  448 448 GLU GLU A . n 
A 1 3  THR 3  449 449 THR THR A . n 
A 1 4  GLU 4  450 450 GLU GLU A . n 
A 1 5  LYS 5  451 451 LYS LYS A . n 
A 1 6  LEU 6  452 452 LEU LEU A . n 
A 1 7  ILE 7  453 453 ILE ILE A . n 
A 1 8  ARG 8  454 454 ARG ARG A . n 
A 1 9  GLU 9  455 455 GLU GLU A . n 
A 1 10 LYS 10 456 456 LYS LYS A . n 
A 1 11 ASP 11 457 457 ASP ASP A . n 
A 1 12 GLU 12 458 458 GLU GLU A . n 
A 1 13 GLU 13 459 459 GLU GLU A . n 
A 1 14 LEU 14 460 460 LEU LEU A . n 
A 1 15 ARG 15 461 461 ARG ARG A . n 
A 1 16 ARG 16 462 462 ARG ARG A . n 
A 1 17 MET 17 463 463 MET MET A . n 
A 1 18 GLN 18 464 464 GLN GLN A . n 
A 1 19 GLU 19 465 465 GLU GLU A . n 
A 1 20 MET 20 466 466 MET MET A . n 
A 1 21 LEU 21 467 467 LEU LEU A . n 
A 1 22 HIS 22 468 468 HIS HIS A . n 
A 1 23 LYS 23 469 469 LYS LYS A . n 
A 1 24 ILE 24 470 470 ILE ILE A . n 
A 1 25 GLN 25 471 471 GLN GLN A . n 
A 1 26 LYS 26 472 472 LYS LYS A . n 
A 1 27 GLN 27 473 473 GLN GLN A . n 
A 1 28 MET 28 474 474 MET MET A . n 
A 1 29 LYS 29 475 475 LYS LYS A . n 
A 1 30 GLU 30 476 476 GLU GLU A . n 
A 1 31 ASN 31 477 477 ASN ASN A . n 
A 1 32 NH2 32 478 478 NH2 NH2 A . n 
B 1 1  ACE 1  447 447 ACE ACE B . n 
B 1 2  GLU 2  448 448 GLU GLU B . n 
B 1 3  THR 3  449 449 THR THR B . n 
B 1 4  GLU 4  450 450 GLU GLU B . n 
B 1 5  LYS 5  451 451 LYS LYS B . n 
B 1 6  LEU 6  452 452 LEU LEU B . n 
B 1 7  ILE 7  453 453 ILE ILE B . n 
B 1 8  ARG 8  454 454 ARG ARG B . n 
B 1 9  GLU 9  455 455 GLU GLU B . n 
B 1 10 LYS 10 456 456 LYS LYS B . n 
B 1 11 ASP 11 457 457 ASP ASP B . n 
B 1 12 GLU 12 458 458 GLU GLU B . n 
B 1 13 GLU 13 459 459 GLU GLU B . n 
B 1 14 LEU 14 460 460 LEU LEU B . n 
B 1 15 ARG 15 461 461 ARG ARG B . n 
B 1 16 ARG 16 462 462 ARG ARG B . n 
B 1 17 MET 17 463 463 MET MET B . n 
B 1 18 GLN 18 464 464 GLN GLN B . n 
B 1 19 GLU 19 465 465 GLU GLU B . n 
B 1 20 MET 20 466 466 MET MET B . n 
B 1 21 LEU 21 467 467 LEU LEU B . n 
B 1 22 HIS 22 468 468 HIS HIS B . n 
B 1 23 LYS 23 469 469 LYS LYS B . n 
B 1 24 ILE 24 470 470 ILE ILE B . n 
B 1 25 GLN 25 471 471 GLN GLN B . n 
B 1 26 LYS 26 472 472 LYS LYS B . n 
B 1 27 GLN 27 473 473 GLN GLN B . n 
B 1 28 MET 28 474 474 MET MET B . n 
B 1 29 LYS 29 475 475 LYS ALA B . n 
B 1 30 GLU 30 476 476 GLU GLU B . n 
B 1 31 ASN 31 477 477 ASN ASN B . n 
B 1 32 NH2 32 478 ?   ?   ?   B . n 
# 
loop_
_pdbx_entity_instance_feature.ordinal 
_pdbx_entity_instance_feature.comp_id 
_pdbx_entity_instance_feature.asym_id 
_pdbx_entity_instance_feature.seq_num 
_pdbx_entity_instance_feature.auth_comp_id 
_pdbx_entity_instance_feature.auth_asym_id 
_pdbx_entity_instance_feature.auth_seq_num 
_pdbx_entity_instance_feature.feature_type 
_pdbx_entity_instance_feature.details 
1 ACE ? ? ACE ? ? 'SUBJECT OF INVESTIGATION' ? 
2 ACT ? ? ACT ? ? 'SUBJECT OF INVESTIGATION' ? 
3 NH2 ? ? NH2 ? ? 'SUBJECT OF INVESTIGATION' ? 
4 SO4 ? ? SO4 ? ? 'SUBJECT OF INVESTIGATION' ? 
# 
loop_
_pdbx_nonpoly_scheme.asym_id 
_pdbx_nonpoly_scheme.entity_id 
_pdbx_nonpoly_scheme.mon_id 
_pdbx_nonpoly_scheme.ndb_seq_num 
_pdbx_nonpoly_scheme.pdb_seq_num 
_pdbx_nonpoly_scheme.auth_seq_num 
_pdbx_nonpoly_scheme.pdb_mon_id 
_pdbx_nonpoly_scheme.auth_mon_id 
_pdbx_nonpoly_scheme.pdb_strand_id 
_pdbx_nonpoly_scheme.pdb_ins_code 
C 2 SO4 1  501 2  SO4 SO4 A . 
D 3 ACT 1  502 2  ACT ACT A . 
E 2 SO4 1  501 1  SO4 SO4 B . 
F 3 ACT 1  502 1  ACT ACT B . 
G 4 HOH 1  601 4  HOH HOH A . 
G 4 HOH 2  602 36 HOH HOH A . 
G 4 HOH 3  603 32 HOH HOH A . 
G 4 HOH 4  604 30 HOH HOH A . 
G 4 HOH 5  605 15 HOH HOH A . 
G 4 HOH 6  606 20 HOH HOH A . 
G 4 HOH 7  607 25 HOH HOH A . 
G 4 HOH 8  608 9  HOH HOH A . 
G 4 HOH 9  609 17 HOH HOH A . 
G 4 HOH 10 610 13 HOH HOH A . 
G 4 HOH 11 611 8  HOH HOH A . 
G 4 HOH 12 612 42 HOH HOH A . 
G 4 HOH 13 613 43 HOH HOH A . 
G 4 HOH 14 614 37 HOH HOH A . 
G 4 HOH 15 615 24 HOH HOH A . 
G 4 HOH 16 616 18 HOH HOH A . 
G 4 HOH 17 617 44 HOH HOH A . 
G 4 HOH 18 618 12 HOH HOH A . 
G 4 HOH 19 619 26 HOH HOH A . 
G 4 HOH 20 620 38 HOH HOH A . 
G 4 HOH 21 621 33 HOH HOH A . 
G 4 HOH 22 622 34 HOH HOH A . 
G 4 HOH 23 623 3  HOH HOH A . 
H 4 HOH 1  601 5  HOH HOH B . 
H 4 HOH 2  602 7  HOH HOH B . 
H 4 HOH 3  603 35 HOH HOH B . 
H 4 HOH 4  604 1  HOH HOH B . 
H 4 HOH 5  605 6  HOH HOH B . 
H 4 HOH 6  606 16 HOH HOH B . 
H 4 HOH 7  607 31 HOH HOH B . 
H 4 HOH 8  608 41 HOH HOH B . 
H 4 HOH 9  609 21 HOH HOH B . 
H 4 HOH 10 610 11 HOH HOH B . 
H 4 HOH 11 611 14 HOH HOH B . 
H 4 HOH 12 612 29 HOH HOH B . 
H 4 HOH 13 613 22 HOH HOH B . 
H 4 HOH 14 614 27 HOH HOH B . 
H 4 HOH 15 615 2  HOH HOH B . 
H 4 HOH 16 616 23 HOH HOH B . 
H 4 HOH 17 617 39 HOH HOH B . 
H 4 HOH 18 618 40 HOH HOH B . 
H 4 HOH 19 619 28 HOH HOH B . 
H 4 HOH 20 620 10 HOH HOH B . 
H 4 HOH 21 621 19 HOH HOH B . 
# 
loop_
_pdbx_unobs_or_zero_occ_atoms.id 
_pdbx_unobs_or_zero_occ_atoms.PDB_model_num 
_pdbx_unobs_or_zero_occ_atoms.polymer_flag 
_pdbx_unobs_or_zero_occ_atoms.occupancy_flag 
_pdbx_unobs_or_zero_occ_atoms.auth_asym_id 
_pdbx_unobs_or_zero_occ_atoms.auth_comp_id 
_pdbx_unobs_or_zero_occ_atoms.auth_seq_id 
_pdbx_unobs_or_zero_occ_atoms.PDB_ins_code 
_pdbx_unobs_or_zero_occ_atoms.auth_atom_id 
_pdbx_unobs_or_zero_occ_atoms.label_alt_id 
_pdbx_unobs_or_zero_occ_atoms.label_asym_id 
_pdbx_unobs_or_zero_occ_atoms.label_comp_id 
_pdbx_unobs_or_zero_occ_atoms.label_seq_id 
_pdbx_unobs_or_zero_occ_atoms.label_atom_id 
1  1 Y 1 A GLU 448 ? CG  ? A GLU 2  CG  
2  1 Y 1 A GLU 448 ? CD  ? A GLU 2  CD  
3  1 Y 1 A GLU 448 ? OE1 ? A GLU 2  OE1 
4  1 Y 1 A GLU 448 ? OE2 ? A GLU 2  OE2 
5  1 Y 1 A LYS 451 ? CG  ? A LYS 5  CG  
6  1 Y 1 A LYS 451 ? CD  ? A LYS 5  CD  
7  1 Y 1 A LYS 451 ? CE  ? A LYS 5  CE  
8  1 Y 1 A LYS 451 ? NZ  ? A LYS 5  NZ  
9  1 Y 1 A GLU 455 ? CG  ? A GLU 9  CG  
10 1 Y 1 A GLU 455 ? CD  ? A GLU 9  CD  
11 1 Y 1 A GLU 455 ? OE1 ? A GLU 9  OE1 
12 1 Y 1 A GLU 455 ? OE2 ? A GLU 9  OE2 
13 1 Y 1 B GLU 448 ? CG  ? B GLU 2  CG  
14 1 Y 1 B GLU 448 ? CD  ? B GLU 2  CD  
15 1 Y 1 B GLU 448 ? OE1 ? B GLU 2  OE1 
16 1 Y 1 B GLU 448 ? OE2 ? B GLU 2  OE2 
17 1 Y 1 B GLU 455 ? CG  ? B GLU 9  CG  
18 1 Y 1 B GLU 455 ? CD  ? B GLU 9  CD  
19 1 Y 1 B GLU 455 ? OE1 ? B GLU 9  OE1 
20 1 Y 1 B GLU 455 ? OE2 ? B GLU 9  OE2 
21 1 Y 1 B GLN 473 ? CG  ? B GLN 27 CG  
22 1 Y 1 B GLN 473 ? CD  ? B GLN 27 CD  
23 1 Y 1 B GLN 473 ? OE1 ? B GLN 27 OE1 
24 1 Y 1 B GLN 473 ? NE2 ? B GLN 27 NE2 
25 1 Y 1 B LYS 475 ? CG  ? B LYS 29 CG  
26 1 Y 1 B LYS 475 ? CD  ? B LYS 29 CD  
27 1 Y 1 B LYS 475 ? CE  ? B LYS 29 CE  
28 1 Y 1 B LYS 475 ? NZ  ? B LYS 29 NZ  
# 
loop_
_software.citation_id 
_software.classification 
_software.compiler_name 
_software.compiler_version 
_software.contact_author 
_software.contact_author_email 
_software.date 
_software.description 
_software.dependencies 
_software.hardware 
_software.language 
_software.location 
_software.mods 
_software.name 
_software.os 
_software.os_version 
_software.type 
_software.version 
_software.pdbx_ordinal 
? refinement        ? ? ? ? ? ? ? ? ? ? ? BUSTER      ? ? ? '2.10.3 (6-FEB-2020)' 1 
? 'data scaling'    ? ? ? ? ? ? ? ? ? ? ? Aimless     ? ? ? 0.5.31                2 
? 'data extraction' ? ? ? ? ? ? ? ? ? ? ? PDB_EXTRACT ? ? ? 3.25                  3 
? 'data reduction'  ? ? ? ? ? ? ? ? ? ? ? XDS         ? ? ? .                     4 
? phasing           ? ? ? ? ? ? ? ? ? ? ? Arcimboldo  ? ? ? .                     5 
# 
_cell.angle_alpha                  90.000 
_cell.angle_alpha_esd              ? 
_cell.angle_beta                   90.000 
_cell.angle_beta_esd               ? 
_cell.angle_gamma                  90.000 
_cell.angle_gamma_esd              ? 
_cell.entry_id                     6WB3 
_cell.details                      ? 
_cell.formula_units_Z              ? 
_cell.length_a                     25.763 
_cell.length_a_esd                 ? 
_cell.length_b                     41.463 
_cell.length_b_esd                 ? 
_cell.length_c                     54.588 
_cell.length_c_esd                 ? 
_cell.volume                       ? 
_cell.volume_esd                   ? 
_cell.Z_PDB                        8 
_cell.reciprocal_angle_alpha       ? 
_cell.reciprocal_angle_beta        ? 
_cell.reciprocal_angle_gamma       ? 
_cell.reciprocal_angle_alpha_esd   ? 
_cell.reciprocal_angle_beta_esd    ? 
_cell.reciprocal_angle_gamma_esd   ? 
_cell.reciprocal_length_a          ? 
_cell.reciprocal_length_b          ? 
_cell.reciprocal_length_c          ? 
_cell.reciprocal_length_a_esd      ? 
_cell.reciprocal_length_b_esd      ? 
_cell.reciprocal_length_c_esd      ? 
_cell.pdbx_unique_axis             ? 
# 
_symmetry.entry_id                         6WB3 
_symmetry.cell_setting                     ? 
_symmetry.Int_Tables_number                19 
_symmetry.space_group_name_Hall            ? 
_symmetry.space_group_name_H-M             'P 21 21 21' 
_symmetry.pdbx_full_space_group_name_H-M   ? 
# 
_exptl.absorpt_coefficient_mu     ? 
_exptl.absorpt_correction_T_max   ? 
_exptl.absorpt_correction_T_min   ? 
_exptl.absorpt_correction_type    ? 
_exptl.absorpt_process_details    ? 
_exptl.entry_id                   6WB3 
_exptl.crystals_number            1 
_exptl.details                    ? 
_exptl.method                     'X-RAY DIFFRACTION' 
_exptl.method_details             ? 
# 
_exptl_crystal.colour                      ? 
_exptl_crystal.density_diffrn              ? 
_exptl_crystal.density_Matthews            1.89 
_exptl_crystal.density_method              ? 
_exptl_crystal.density_percent_sol         35.01 
_exptl_crystal.description                 ? 
_exptl_crystal.F_000                       ? 
_exptl_crystal.id                          1 
_exptl_crystal.preparation                 ? 
_exptl_crystal.size_max                    ? 
_exptl_crystal.size_mid                    ? 
_exptl_crystal.size_min                    ? 
_exptl_crystal.size_rad                    ? 
_exptl_crystal.colour_lustre               ? 
_exptl_crystal.colour_modifier             ? 
_exptl_crystal.colour_primary              ? 
_exptl_crystal.density_meas                ? 
_exptl_crystal.density_meas_esd            ? 
_exptl_crystal.density_meas_gt             ? 
_exptl_crystal.density_meas_lt             ? 
_exptl_crystal.density_meas_temp           ? 
_exptl_crystal.density_meas_temp_esd       ? 
_exptl_crystal.density_meas_temp_gt        ? 
_exptl_crystal.density_meas_temp_lt        ? 
_exptl_crystal.pdbx_crystal_image_url      ? 
_exptl_crystal.pdbx_crystal_image_format   ? 
_exptl_crystal.pdbx_mosaicity              ? 
_exptl_crystal.pdbx_mosaicity_esd          ? 
# 
_exptl_crystal_grow.apparatus       ? 
_exptl_crystal_grow.atmosphere      ? 
_exptl_crystal_grow.crystal_id      1 
_exptl_crystal_grow.details         ? 
_exptl_crystal_grow.method          'VAPOR DIFFUSION' 
_exptl_crystal_grow.method_ref      ? 
_exptl_crystal_grow.pH              4.6 
_exptl_crystal_grow.pressure        ? 
_exptl_crystal_grow.pressure_esd    ? 
_exptl_crystal_grow.seeding         ? 
_exptl_crystal_grow.seeding_ref     ? 
_exptl_crystal_grow.temp            291 
_exptl_crystal_grow.temp_details    ? 
_exptl_crystal_grow.temp_esd        ? 
_exptl_crystal_grow.time            ? 
_exptl_crystal_grow.pdbx_details    '0.1 M sodium acetate pH 4.6, 0.2 M NH4SO4, 16% w/v PEG 4000' 
_exptl_crystal_grow.pdbx_pH_range   ? 
# 
_diffrn.ambient_environment              ? 
_diffrn.ambient_temp                     100 
_diffrn.ambient_temp_details             ? 
_diffrn.ambient_temp_esd                 ? 
_diffrn.crystal_id                       1 
_diffrn.crystal_support                  ? 
_diffrn.crystal_treatment                ? 
_diffrn.details                          ? 
_diffrn.id                               1 
_diffrn.ambient_pressure                 ? 
_diffrn.ambient_pressure_esd             ? 
_diffrn.ambient_pressure_gt              ? 
_diffrn.ambient_pressure_lt              ? 
_diffrn.ambient_temp_gt                  ? 
_diffrn.ambient_temp_lt                  ? 
_diffrn.pdbx_serial_crystal_experiment   N 
# 
_diffrn_detector.details                      ? 
_diffrn_detector.detector                     PIXEL 
_diffrn_detector.diffrn_id                    1 
_diffrn_detector.type                         'DECTRIS PILATUS 6M' 
_diffrn_detector.area_resol_mean              ? 
_diffrn_detector.dtime                        ? 
_diffrn_detector.pdbx_frames_total            ? 
_diffrn_detector.pdbx_collection_time_total   ? 
_diffrn_detector.pdbx_collection_date         2016-02-02 
_diffrn_detector.pdbx_frequency               ? 
# 
_diffrn_radiation.collimation                      ? 
_diffrn_radiation.diffrn_id                        1 
_diffrn_radiation.filter_edge                      ? 
_diffrn_radiation.inhomogeneity                    ? 
_diffrn_radiation.monochromator                    ? 
_diffrn_radiation.polarisn_norm                    ? 
_diffrn_radiation.polarisn_ratio                   ? 
_diffrn_radiation.probe                            ? 
_diffrn_radiation.type                             ? 
_diffrn_radiation.xray_symbol                      ? 
_diffrn_radiation.wavelength_id                    1 
_diffrn_radiation.pdbx_monochromatic_or_laue_m_l   M 
_diffrn_radiation.pdbx_wavelength_list             ? 
_diffrn_radiation.pdbx_wavelength                  ? 
_diffrn_radiation.pdbx_diffrn_protocol             'SINGLE WAVELENGTH' 
_diffrn_radiation.pdbx_analyzer                    ? 
_diffrn_radiation.pdbx_scattering_type             x-ray 
# 
_diffrn_radiation_wavelength.id           1 
_diffrn_radiation_wavelength.wavelength   0.9795 
_diffrn_radiation_wavelength.wt           1.0 
# 
_diffrn_source.current                     ? 
_diffrn_source.details                     ? 
_diffrn_source.diffrn_id                   1 
_diffrn_source.power                       ? 
_diffrn_source.size                        ? 
_diffrn_source.source                      SYNCHROTRON 
_diffrn_source.target                      ? 
_diffrn_source.type                        'ALBA BEAMLINE XALOC' 
_diffrn_source.voltage                     ? 
_diffrn_source.take-off_angle              ? 
_diffrn_source.pdbx_wavelength_list        0.9795 
_diffrn_source.pdbx_wavelength             ? 
_diffrn_source.pdbx_synchrotron_beamline   XALOC 
_diffrn_source.pdbx_synchrotron_site       ALBA 
# 
_reflns.B_iso_Wilson_estimate            18.230 
_reflns.entry_id                         6WB3 
_reflns.data_reduction_details           ? 
_reflns.data_reduction_method            ? 
_reflns.d_resolution_high                1.350 
_reflns.d_resolution_low                 33.020 
_reflns.details                          ? 
_reflns.limit_h_max                      ? 
_reflns.limit_h_min                      ? 
_reflns.limit_k_max                      ? 
_reflns.limit_k_min                      ? 
_reflns.limit_l_max                      ? 
_reflns.limit_l_min                      ? 
_reflns.number_all                       ? 
_reflns.number_obs                       13442 
_reflns.observed_criterion               ? 
_reflns.observed_criterion_F_max         ? 
_reflns.observed_criterion_F_min         ? 
_reflns.observed_criterion_I_max         ? 
_reflns.observed_criterion_I_min         ? 
_reflns.observed_criterion_sigma_F       ? 
_reflns.observed_criterion_sigma_I       ? 
_reflns.percent_possible_obs             99.900 
_reflns.R_free_details                   ? 
_reflns.Rmerge_F_all                     ? 
_reflns.Rmerge_F_obs                     ? 
_reflns.Friedel_coverage                 ? 
_reflns.number_gt                        ? 
_reflns.threshold_expression             ? 
_reflns.pdbx_redundancy                  12.100 
_reflns.pdbx_Rmerge_I_obs                0.071 
_reflns.pdbx_Rmerge_I_all                ? 
_reflns.pdbx_Rsym_value                  ? 
_reflns.pdbx_netI_over_av_sigmaI         ? 
_reflns.pdbx_netI_over_sigmaI            16.200 
_reflns.pdbx_res_netI_over_av_sigmaI_2   ? 
_reflns.pdbx_res_netI_over_sigmaI_2      ? 
_reflns.pdbx_chi_squared                 ? 
_reflns.pdbx_scaling_rejects             32 
_reflns.pdbx_d_res_high_opt              ? 
_reflns.pdbx_d_res_low_opt               ? 
_reflns.pdbx_d_res_opt_method            ? 
_reflns.phase_calculation_details        ? 
_reflns.pdbx_Rrim_I_all                  0.074 
_reflns.pdbx_Rpim_I_all                  0.022 
_reflns.pdbx_d_opt                       ? 
_reflns.pdbx_number_measured_all         162112 
_reflns.pdbx_diffrn_id                   1 
_reflns.pdbx_ordinal                     1 
_reflns.pdbx_CC_half                     0.999 
_reflns.pdbx_CC_star                     ? 
_reflns.pdbx_R_split                     ? 
# 
loop_
_reflns_shell.d_res_high 
_reflns_shell.d_res_low 
_reflns_shell.meanI_over_sigI_all 
_reflns_shell.meanI_over_sigI_obs 
_reflns_shell.number_measured_all 
_reflns_shell.number_measured_obs 
_reflns_shell.number_possible 
_reflns_shell.number_unique_all 
_reflns_shell.number_unique_obs 
_reflns_shell.percent_possible_all 
_reflns_shell.percent_possible_obs 
_reflns_shell.Rmerge_F_all 
_reflns_shell.Rmerge_F_obs 
_reflns_shell.Rmerge_I_all 
_reflns_shell.Rmerge_I_obs 
_reflns_shell.meanI_over_sigI_gt 
_reflns_shell.meanI_over_uI_all 
_reflns_shell.meanI_over_uI_gt 
_reflns_shell.number_measured_gt 
_reflns_shell.number_unique_gt 
_reflns_shell.percent_possible_gt 
_reflns_shell.Rmerge_F_gt 
_reflns_shell.Rmerge_I_gt 
_reflns_shell.pdbx_redundancy 
_reflns_shell.pdbx_Rsym_value 
_reflns_shell.pdbx_chi_squared 
_reflns_shell.pdbx_netI_over_sigmaI_all 
_reflns_shell.pdbx_netI_over_sigmaI_obs 
_reflns_shell.pdbx_Rrim_I_all 
_reflns_shell.pdbx_Rpim_I_all 
_reflns_shell.pdbx_rejects 
_reflns_shell.pdbx_ordinal 
_reflns_shell.pdbx_diffrn_id 
_reflns_shell.pdbx_CC_half 
_reflns_shell.pdbx_CC_star 
_reflns_shell.pdbx_R_split 
1.350 1.370  ? ? 8065 ? ? ? 654 100.000 ? ? ? ? 0.888 ? ? ? ? ? ? ? ? 12.300 ? ? ? 2.600  0.926 0.261 ? 1 1 0.948 ? ? 
7.390 33.020 ? ? 1036 ? ? ? 111 99.700  ? ? ? ? 0.067 ? ? ? ? ? ? ? ? 9.300  ? ? ? 36.400 0.071 0.022 ? 2 1 0.998 ? ? 
# 
_refine.aniso_B[1][1]                            -10.9664 
_refine.aniso_B[1][2]                            0.0000 
_refine.aniso_B[1][3]                            0.0000 
_refine.aniso_B[2][2]                            7.4025 
_refine.aniso_B[2][3]                            0.0000 
_refine.aniso_B[3][3]                            3.5639 
_refine.B_iso_max                                100.340 
_refine.B_iso_mean                               31.3000 
_refine.B_iso_min                                16.870 
_refine.correlation_coeff_Fo_to_Fc               0.9360 
_refine.correlation_coeff_Fo_to_Fc_free          0.9190 
_refine.details                                  ? 
_refine.diff_density_max                         ? 
_refine.diff_density_max_esd                     ? 
_refine.diff_density_min                         ? 
_refine.diff_density_min_esd                     ? 
_refine.diff_density_rms                         ? 
_refine.diff_density_rms_esd                     ? 
_refine.entry_id                                 6WB3 
_refine.pdbx_refine_id                           'X-RAY DIFFRACTION' 
_refine.ls_abs_structure_details                 ? 
_refine.ls_abs_structure_Flack                   ? 
_refine.ls_abs_structure_Flack_esd               ? 
_refine.ls_abs_structure_Rogers                  ? 
_refine.ls_abs_structure_Rogers_esd              ? 
_refine.ls_d_res_high                            1.3500 
_refine.ls_d_res_low                             33.0200 
_refine.ls_extinction_coef                       ? 
_refine.ls_extinction_coef_esd                   ? 
_refine.ls_extinction_expression                 ? 
_refine.ls_extinction_method                     ? 
_refine.ls_goodness_of_fit_all                   ? 
_refine.ls_goodness_of_fit_all_esd               ? 
_refine.ls_goodness_of_fit_obs                   ? 
_refine.ls_goodness_of_fit_obs_esd               ? 
_refine.ls_hydrogen_treatment                    ? 
_refine.ls_matrix_type                           ? 
_refine.ls_number_constraints                    ? 
_refine.ls_number_parameters                     ? 
_refine.ls_number_reflns_all                     ? 
_refine.ls_number_reflns_obs                     13276 
_refine.ls_number_reflns_R_free                  658 
_refine.ls_number_reflns_R_work                  ? 
_refine.ls_number_restraints                     ? 
_refine.ls_percent_reflns_obs                    99.0000 
_refine.ls_percent_reflns_R_free                 4.9600 
_refine.ls_R_factor_all                          ? 
_refine.ls_R_factor_obs                          0.2227 
_refine.ls_R_factor_R_free                       0.2467 
_refine.ls_R_factor_R_free_error                 ? 
_refine.ls_R_factor_R_free_error_details         ? 
_refine.ls_R_factor_R_work                       0.2215 
_refine.ls_R_Fsqd_factor_obs                     ? 
_refine.ls_R_I_factor_obs                        ? 
_refine.ls_redundancy_reflns_all                 ? 
_refine.ls_redundancy_reflns_obs                 ? 
_refine.ls_restrained_S_all                      ? 
_refine.ls_restrained_S_obs                      ? 
_refine.ls_shift_over_esd_max                    ? 
_refine.ls_shift_over_esd_mean                   ? 
_refine.ls_structure_factor_coef                 ? 
_refine.ls_weighting_details                     ? 
_refine.ls_weighting_scheme                      ? 
_refine.ls_wR_factor_all                         ? 
_refine.ls_wR_factor_obs                         ? 
_refine.ls_wR_factor_R_free                      ? 
_refine.ls_wR_factor_R_work                      ? 
_refine.occupancy_max                            ? 
_refine.occupancy_min                            ? 
_refine.solvent_model_details                    ? 
_refine.solvent_model_param_bsol                 ? 
_refine.solvent_model_param_ksol                 ? 
_refine.pdbx_R_complete                          ? 
_refine.ls_R_factor_gt                           ? 
_refine.ls_goodness_of_fit_gt                    ? 
_refine.ls_goodness_of_fit_ref                   ? 
_refine.ls_shift_over_su_max                     ? 
_refine.ls_shift_over_su_max_lt                  ? 
_refine.ls_shift_over_su_mean                    ? 
_refine.ls_shift_over_su_mean_lt                 ? 
_refine.pdbx_ls_sigma_I                          ? 
_refine.pdbx_ls_sigma_F                          0.000 
_refine.pdbx_ls_sigma_Fsqd                       ? 
_refine.pdbx_data_cutoff_high_absF               ? 
_refine.pdbx_data_cutoff_high_rms_absF           ? 
_refine.pdbx_data_cutoff_low_absF                ? 
_refine.pdbx_isotropic_thermal_model             ? 
_refine.pdbx_ls_cross_valid_method               THROUGHOUT 
_refine.pdbx_method_to_determine_struct          'AB INITIO PHASING' 
_refine.pdbx_starting_model                      ? 
_refine.pdbx_stereochemistry_target_values       ? 
_refine.pdbx_R_Free_selection_details            RANDOM 
_refine.pdbx_stereochem_target_val_spec_case     ? 
_refine.pdbx_overall_ESU_R                       ? 
_refine.pdbx_overall_ESU_R_Free                  ? 
_refine.pdbx_solvent_vdw_probe_radii             ? 
_refine.pdbx_solvent_ion_probe_radii             ? 
_refine.pdbx_solvent_shrinkage_radii             ? 
_refine.pdbx_real_space_R                        ? 
_refine.pdbx_density_correlation                 ? 
_refine.pdbx_pd_number_of_powder_patterns        ? 
_refine.pdbx_pd_number_of_points                 ? 
_refine.pdbx_pd_meas_number_of_points            ? 
_refine.pdbx_pd_proc_ls_prof_R_factor            ? 
_refine.pdbx_pd_proc_ls_prof_wR_factor           ? 
_refine.pdbx_pd_Marquardt_correlation_coeff      ? 
_refine.pdbx_pd_Fsqrd_R_factor                   ? 
_refine.pdbx_pd_ls_matrix_band_width             ? 
_refine.pdbx_overall_phase_error                 ? 
_refine.pdbx_overall_SU_R_free_Cruickshank_DPI   0.0700 
_refine.pdbx_overall_SU_R_free_Blow_DPI          0.0730 
_refine.pdbx_overall_SU_R_Blow_DPI               0.0740 
_refine.pdbx_TLS_residual_ADP_flag               ? 
_refine.pdbx_diffrn_id                           1 
_refine.overall_SU_B                             ? 
_refine.overall_SU_ML                            ? 
_refine.overall_SU_R_Cruickshank_DPI             0.0690 
_refine.overall_SU_R_free                        ? 
_refine.overall_FOM_free_R_set                   ? 
_refine.overall_FOM_work_R_set                   ? 
_refine.pdbx_average_fsc_overall                 ? 
_refine.pdbx_average_fsc_work                    ? 
_refine.pdbx_average_fsc_free                    ? 
# 
_refine_analyze.entry_id                        6WB3 
_refine_analyze.pdbx_refine_id                  'X-RAY DIFFRACTION' 
_refine_analyze.Luzzati_coordinate_error_free   ? 
_refine_analyze.Luzzati_coordinate_error_obs    0.240 
_refine_analyze.Luzzati_d_res_low_free          ? 
_refine_analyze.Luzzati_d_res_low_obs           ? 
_refine_analyze.Luzzati_sigma_a_free            ? 
_refine_analyze.Luzzati_sigma_a_free_details    ? 
_refine_analyze.Luzzati_sigma_a_obs             ? 
_refine_analyze.Luzzati_sigma_a_obs_details     ? 
_refine_analyze.number_disordered_residues      ? 
_refine_analyze.occupancy_sum_hydrogen          ? 
_refine_analyze.occupancy_sum_non_hydrogen      ? 
_refine_analyze.RG_d_res_high                   ? 
_refine_analyze.RG_d_res_low                    ? 
_refine_analyze.RG_free                         ? 
_refine_analyze.RG_work                         ? 
_refine_analyze.RG_free_work_ratio              ? 
_refine_analyze.pdbx_Luzzati_d_res_high_obs     ? 
# 
_refine_hist.pdbx_refine_id                   'X-RAY DIFFRACTION' 
_refine_hist.cycle_id                         final 
_refine_hist.details                          ? 
_refine_hist.d_res_high                       1.3500 
_refine_hist.d_res_low                        33.0200 
_refine_hist.number_atoms_solvent             44 
_refine_hist.number_atoms_total               571 
_refine_hist.number_reflns_all                ? 
_refine_hist.number_reflns_obs                ? 
_refine_hist.number_reflns_R_free             ? 
_refine_hist.number_reflns_R_work             ? 
_refine_hist.R_factor_all                     ? 
_refine_hist.R_factor_obs                     ? 
_refine_hist.R_factor_R_free                  ? 
_refine_hist.R_factor_R_work                  ? 
_refine_hist.pdbx_number_residues_total       63 
_refine_hist.pdbx_B_iso_mean_ligand           56.45 
_refine_hist.pdbx_B_iso_mean_solvent          36.22 
_refine_hist.pdbx_number_atoms_protein        509 
_refine_hist.pdbx_number_atoms_nucleic_acid   0 
_refine_hist.pdbx_number_atoms_ligand         18 
_refine_hist.pdbx_number_atoms_lipid          ? 
_refine_hist.pdbx_number_atoms_carb           ? 
_refine_hist.pdbx_pseudo_atom_details         ? 
# 
loop_
_refine_ls_restr.pdbx_refine_id 
_refine_ls_restr.criterion 
_refine_ls_restr.dev_ideal 
_refine_ls_restr.dev_ideal_target 
_refine_ls_restr.number 
_refine_ls_restr.rejects 
_refine_ls_restr.type 
_refine_ls_restr.weight 
_refine_ls_restr.pdbx_restraint_function 
'X-RAY DIFFRACTION' ? ?      ? 231 ? t_dihedral_angle_d        2.000  SINUSOIDAL   
'X-RAY DIFFRACTION' ? ?      ? ?   ? t_trig_c_planes           ?      ?            
'X-RAY DIFFRACTION' ? ?      ? 97  ? t_gen_planes              5.000  HARMONIC     
'X-RAY DIFFRACTION' ? ?      ? 542 ? t_it                      10.000 HARMONIC     
'X-RAY DIFFRACTION' ? ?      ? ?   ? t_nbd                     ?      ?            
'X-RAY DIFFRACTION' ? ?      ? ?   ? t_improper_torsion        ?      ?            
'X-RAY DIFFRACTION' ? ?      ? ?   ? t_pseud_angle             ?      ?            
'X-RAY DIFFRACTION' ? ?      ? 69  ? t_chiral_improper_torsion 5.000  SEMIHARMONIC 
'X-RAY DIFFRACTION' ? ?      ? ?   ? t_sum_occupancies         ?      ?            
'X-RAY DIFFRACTION' ? ?      ? ?   ? t_utility_distance        ?      ?            
'X-RAY DIFFRACTION' ? ?      ? ?   ? t_utility_angle           ?      ?            
'X-RAY DIFFRACTION' ? ?      ? ?   ? t_utility_torsion         ?      ?            
'X-RAY DIFFRACTION' ? ?      ? 606 ? t_ideal_dist_contact      4.000  SEMIHARMONIC 
'X-RAY DIFFRACTION' ? 0.010  ? 542 ? t_bond_d                  2.000  HARMONIC     
'X-RAY DIFFRACTION' ? 0.870  ? 717 ? t_angle_deg               2.000  HARMONIC     
'X-RAY DIFFRACTION' ? 2.260  ? ?   ? t_omega_torsion           ?      ?            
'X-RAY DIFFRACTION' ? 14.580 ? ?   ? t_other_torsion           ?      ?            
# 
_refine_ls_shell.pdbx_refine_id                   'X-RAY DIFFRACTION' 
_refine_ls_shell.d_res_high                       1.3500 
_refine_ls_shell.d_res_low                        1.3600 
_refine_ls_shell.number_reflns_all                415 
_refine_ls_shell.number_reflns_obs                ? 
_refine_ls_shell.number_reflns_R_free             17 
_refine_ls_shell.number_reflns_R_work             398 
_refine_ls_shell.percent_reflns_obs               99.7700 
_refine_ls_shell.percent_reflns_R_free            4.1000 
_refine_ls_shell.R_factor_all                     0.2469 
_refine_ls_shell.R_factor_obs                     ? 
_refine_ls_shell.R_factor_R_free                  0.2707 
_refine_ls_shell.R_factor_R_free_error            0.0000 
_refine_ls_shell.R_factor_R_work                  0.2458 
_refine_ls_shell.redundancy_reflns_all            ? 
_refine_ls_shell.redundancy_reflns_obs            ? 
_refine_ls_shell.wR_factor_all                    ? 
_refine_ls_shell.wR_factor_obs                    ? 
_refine_ls_shell.wR_factor_R_free                 ? 
_refine_ls_shell.wR_factor_R_work                 ? 
_refine_ls_shell.pdbx_R_complete                  ? 
_refine_ls_shell.pdbx_total_number_of_bins_used   33 
_refine_ls_shell.pdbx_phase_error                 ? 
_refine_ls_shell.pdbx_fsc_work                    ? 
_refine_ls_shell.pdbx_fsc_free                    ? 
# 
_struct.entry_id                     6WB3 
_struct.title                        'Crystal structure of coiled coil region of human septin 4' 
_struct.pdbx_model_details           ? 
_struct.pdbx_formula_weight          ? 
_struct.pdbx_formula_weight_method   ? 
_struct.pdbx_model_type_details      ? 
_struct.pdbx_CASP_flag               N 
# 
_struct_keywords.entry_id        6WB3 
_struct_keywords.text            'Coiled coil, Septin, STRUCTURAL PROTEIN' 
_struct_keywords.pdbx_keywords   'STRUCTURAL PROTEIN' 
# 
loop_
_struct_asym.id 
_struct_asym.pdbx_blank_PDB_chainid_flag 
_struct_asym.pdbx_modified 
_struct_asym.entity_id 
_struct_asym.details 
A N N 1 ? 
B N N 1 ? 
C N N 2 ? 
D N N 3 ? 
E N N 2 ? 
F N N 3 ? 
G N N 4 ? 
H N N 4 ? 
# 
_struct_ref.id                         1 
_struct_ref.db_name                    UNP 
_struct_ref.db_code                    SEPT4_HUMAN 
_struct_ref.pdbx_db_accession          O43236 
_struct_ref.pdbx_db_isoform            ? 
_struct_ref.entity_id                  1 
_struct_ref.pdbx_seq_one_letter_code   ETEKLIREKDEELRRMQEMLHKIQKQMKEN 
_struct_ref.pdbx_align_begin           448 
# 
loop_
_struct_ref_seq.align_id 
_struct_ref_seq.ref_id 
_struct_ref_seq.pdbx_PDB_id_code 
_struct_ref_seq.pdbx_strand_id 
_struct_ref_seq.seq_align_beg 
_struct_ref_seq.pdbx_seq_align_beg_ins_code 
_struct_ref_seq.seq_align_end 
_struct_ref_seq.pdbx_seq_align_end_ins_code 
_struct_ref_seq.pdbx_db_accession 
_struct_ref_seq.db_align_beg 
_struct_ref_seq.pdbx_db_align_beg_ins_code 
_struct_ref_seq.db_align_end 
_struct_ref_seq.pdbx_db_align_end_ins_code 
_struct_ref_seq.pdbx_auth_seq_align_beg 
_struct_ref_seq.pdbx_auth_seq_align_end 
1 1 6WB3 A 2 ? 31 ? O43236 448 ? 477 ? 448 477 
2 1 6WB3 B 2 ? 31 ? O43236 448 ? 477 ? 448 477 
# 
loop_
_struct_ref_seq_dif.align_id 
_struct_ref_seq_dif.pdbx_pdb_id_code 
_struct_ref_seq_dif.mon_id 
_struct_ref_seq_dif.pdbx_pdb_strand_id 
_struct_ref_seq_dif.seq_num 
_struct_ref_seq_dif.pdbx_pdb_ins_code 
_struct_ref_seq_dif.pdbx_seq_db_name 
_struct_ref_seq_dif.pdbx_seq_db_accession_code 
_struct_ref_seq_dif.db_mon_id 
_struct_ref_seq_dif.pdbx_seq_db_seq_num 
_struct_ref_seq_dif.details 
_struct_ref_seq_dif.pdbx_auth_seq_num 
_struct_ref_seq_dif.pdbx_ordinal 
1 6WB3 ACE A 1  ? UNP O43236 ? ? acetylation 447 1 
1 6WB3 NH2 A 32 ? UNP O43236 ? ? amidation   478 2 
2 6WB3 ACE B 1  ? UNP O43236 ? ? acetylation 447 3 
2 6WB3 NH2 B 32 ? UNP O43236 ? ? amidation   478 4 
# 
_pdbx_struct_assembly.id                   1 
_pdbx_struct_assembly.details              author_and_software_defined_assembly 
_pdbx_struct_assembly.method_details       PISA 
_pdbx_struct_assembly.oligomeric_details   dimeric 
_pdbx_struct_assembly.oligomeric_count     2 
# 
loop_
_pdbx_struct_assembly_prop.biol_id 
_pdbx_struct_assembly_prop.type 
_pdbx_struct_assembly_prop.value 
_pdbx_struct_assembly_prop.details 
1 'ABSA (A^2)' 2340 ? 
1 MORE         -36  ? 
1 'SSA (A^2)'  5080 ? 
# 
_pdbx_struct_assembly_gen.assembly_id       1 
_pdbx_struct_assembly_gen.oper_expression   1 
_pdbx_struct_assembly_gen.asym_id_list      A,B,C,D,E,F,G,H 
# 
_pdbx_struct_assembly_auth_evidence.id                     1 
_pdbx_struct_assembly_auth_evidence.assembly_id            1 
_pdbx_struct_assembly_auth_evidence.experimental_support   'light scattering' 
_pdbx_struct_assembly_auth_evidence.details                SEC-MALS 
# 
_pdbx_struct_oper_list.id                   1 
_pdbx_struct_oper_list.type                 'identity operation' 
_pdbx_struct_oper_list.name                 1_555 
_pdbx_struct_oper_list.symmetry_operation   x,y,z 
_pdbx_struct_oper_list.matrix[1][1]         1.0000000000 
_pdbx_struct_oper_list.matrix[1][2]         0.0000000000 
_pdbx_struct_oper_list.matrix[1][3]         0.0000000000 
_pdbx_struct_oper_list.vector[1]            0.0000000000 
_pdbx_struct_oper_list.matrix[2][1]         0.0000000000 
_pdbx_struct_oper_list.matrix[2][2]         1.0000000000 
_pdbx_struct_oper_list.matrix[2][3]         0.0000000000 
_pdbx_struct_oper_list.vector[2]            0.0000000000 
_pdbx_struct_oper_list.matrix[3][1]         0.0000000000 
_pdbx_struct_oper_list.matrix[3][2]         0.0000000000 
_pdbx_struct_oper_list.matrix[3][3]         1.0000000000 
_pdbx_struct_oper_list.vector[3]            0.0000000000 
# 
loop_
_struct_conf.conf_type_id 
_struct_conf.id 
_struct_conf.pdbx_PDB_helix_id 
_struct_conf.beg_label_comp_id 
_struct_conf.beg_label_asym_id 
_struct_conf.beg_label_seq_id 
_struct_conf.pdbx_beg_PDB_ins_code 
_struct_conf.end_label_comp_id 
_struct_conf.end_label_asym_id 
_struct_conf.end_label_seq_id 
_struct_conf.pdbx_end_PDB_ins_code 
_struct_conf.beg_auth_comp_id 
_struct_conf.beg_auth_asym_id 
_struct_conf.beg_auth_seq_id 
_struct_conf.end_auth_comp_id 
_struct_conf.end_auth_asym_id 
_struct_conf.end_auth_seq_id 
_struct_conf.pdbx_PDB_helix_class 
_struct_conf.details 
_struct_conf.pdbx_PDB_helix_length 
HELX_P HELX_P1 AA1 GLU A 2 ? ASN A 31 ? GLU A 448 ASN A 477 1 ? 30 
HELX_P HELX_P2 AA2 GLU B 2 ? ASN B 31 ? GLU B 448 ASN B 477 1 ? 30 
# 
_struct_conf_type.id          HELX_P 
_struct_conf_type.criteria    ? 
_struct_conf_type.reference   ? 
# 
loop_
_struct_conn.id 
_struct_conn.conn_type_id 
_struct_conn.pdbx_leaving_atom_flag 
_struct_conn.pdbx_PDB_id 
_struct_conn.ptnr1_label_asym_id 
_struct_conn.ptnr1_label_comp_id 
_struct_conn.ptnr1_label_seq_id 
_struct_conn.ptnr1_label_atom_id 
_struct_conn.pdbx_ptnr1_label_alt_id 
_struct_conn.pdbx_ptnr1_PDB_ins_code 
_struct_conn.pdbx_ptnr1_standard_comp_id 
_struct_conn.ptnr1_symmetry 
_struct_conn.ptnr2_label_asym_id 
_struct_conn.ptnr2_label_comp_id 
_struct_conn.ptnr2_label_seq_id 
_struct_conn.ptnr2_label_atom_id 
_struct_conn.pdbx_ptnr2_label_alt_id 
_struct_conn.pdbx_ptnr2_PDB_ins_code 
_struct_conn.ptnr1_auth_asym_id 
_struct_conn.ptnr1_auth_comp_id 
_struct_conn.ptnr1_auth_seq_id 
_struct_conn.ptnr2_auth_asym_id 
_struct_conn.ptnr2_auth_comp_id 
_struct_conn.ptnr2_auth_seq_id 
_struct_conn.ptnr2_symmetry 
_struct_conn.pdbx_ptnr3_label_atom_id 
_struct_conn.pdbx_ptnr3_label_seq_id 
_struct_conn.pdbx_ptnr3_label_comp_id 
_struct_conn.pdbx_ptnr3_label_asym_id 
_struct_conn.pdbx_ptnr3_label_alt_id 
_struct_conn.pdbx_ptnr3_PDB_ins_code 
_struct_conn.details 
_struct_conn.pdbx_dist_value 
_struct_conn.pdbx_value_order 
_struct_conn.pdbx_role 
covale1 covale both ? A ACE 1  C ? ? ? 1_555 A GLU 2  N ? ? A ACE 447 A GLU 448 1_555 ? ? ? ? ? ? ? 1.331 ? ? 
covale2 covale both ? A ASN 31 C ? ? ? 1_555 A NH2 32 N ? ? A ASN 477 A NH2 478 1_555 ? ? ? ? ? ? ? 1.333 ? ? 
covale3 covale both ? B ACE 1  C ? ? ? 1_555 B GLU 2  N ? ? B ACE 447 B GLU 448 1_555 ? ? ? ? ? ? ? 1.330 ? ? 
# 
_struct_conn_type.id          covale 
_struct_conn_type.criteria    ? 
_struct_conn_type.reference   ? 
# 
loop_
_pdbx_modification_feature.ordinal 
_pdbx_modification_feature.label_comp_id 
_pdbx_modification_feature.label_asym_id 
_pdbx_modification_feature.label_seq_id 
_pdbx_modification_feature.label_alt_id 
_pdbx_modification_feature.modified_residue_label_comp_id 
_pdbx_modification_feature.modified_residue_label_asym_id 
_pdbx_modification_feature.modified_residue_label_seq_id 
_pdbx_modification_feature.modified_residue_label_alt_id 
_pdbx_modification_feature.auth_comp_id 
_pdbx_modification_feature.auth_asym_id 
_pdbx_modification_feature.auth_seq_id 
_pdbx_modification_feature.PDB_ins_code 
_pdbx_modification_feature.symmetry 
_pdbx_modification_feature.modified_residue_auth_comp_id 
_pdbx_modification_feature.modified_residue_auth_asym_id 
_pdbx_modification_feature.modified_residue_auth_seq_id 
_pdbx_modification_feature.modified_residue_PDB_ins_code 
_pdbx_modification_feature.modified_residue_symmetry 
_pdbx_modification_feature.comp_id_linking_atom 
_pdbx_modification_feature.modified_residue_id_linking_atom 
_pdbx_modification_feature.modified_residue_id 
_pdbx_modification_feature.ref_pcm_id 
_pdbx_modification_feature.ref_comp_id 
_pdbx_modification_feature.type 
_pdbx_modification_feature.category 
1 ACE A 1  ? GLU A 2  ? ACE A 447 ? 1_555 GLU A 448 ? 1_555 . . GLU 10 ACE None 'Terminal acetylation' 
2 ACE B 1  ? GLU B 2  ? ACE B 447 ? 1_555 GLU B 448 ? 1_555 . . GLU 10 ACE None 'Terminal acetylation' 
3 NH2 A 32 ? ASN A 31 ? NH2 A 478 ? 1_555 ASN A 477 ? 1_555 . . ASN 17 NH2 None 'Terminal amidation'   
# 
loop_
_struct_site.id 
_struct_site.pdbx_evidence_code 
_struct_site.pdbx_auth_asym_id 
_struct_site.pdbx_auth_comp_id 
_struct_site.pdbx_auth_seq_id 
_struct_site.pdbx_auth_ins_code 
_struct_site.pdbx_num_residues 
_struct_site.details 
AC1 Software A SO4 501 ? 6 'binding site for residue SO4 A 501'                   
AC2 Software A ACT 502 ? 4 'binding site for residue ACT A 502'                   
AC3 Software B SO4 501 ? 4 'binding site for residue SO4 B 501'                   
AC4 Software B ACT 502 ? 3 'binding site for residue ACT B 502'                   
AC5 Software A NH2 478 ? 1 'binding site for Ligand NH2 A 478 bound to ASN A 477' 
AC6 Software B ACE 447 ? 6 'binding site for Di-peptide ACE B 447 and GLU B 448'  
# 
loop_
_struct_site_gen.id 
_struct_site_gen.site_id 
_struct_site_gen.pdbx_num_res 
_struct_site_gen.label_comp_id 
_struct_site_gen.label_asym_id 
_struct_site_gen.label_seq_id 
_struct_site_gen.pdbx_auth_ins_code 
_struct_site_gen.auth_comp_id 
_struct_site_gen.auth_asym_id 
_struct_site_gen.auth_seq_id 
_struct_site_gen.label_atom_id 
_struct_site_gen.label_alt_id 
_struct_site_gen.symmetry 
_struct_site_gen.details 
1  AC1 6 GLU A 2  ? GLU A 448 . ? 1_555 ? 
2  AC1 6 THR A 3  ? THR A 449 . ? 1_555 ? 
3  AC1 6 GLU A 4  ? GLU A 450 . ? 1_555 ? 
4  AC1 6 HOH G .  ? HOH A 613 . ? 1_555 ? 
5  AC1 6 HIS B 22 ? HIS B 468 . ? 3_755 ? 
6  AC1 6 HOH H .  ? HOH B 609 . ? 3_755 ? 
7  AC2 4 ARG A 16 ? ARG A 462 . ? 1_555 ? 
8  AC2 4 GLU A 19 ? GLU A 465 . ? 1_555 ? 
9  AC2 4 MET B 17 ? MET B 463 . ? 4_465 ? 
10 AC2 4 HOH H .  ? HOH B 613 . ? 1_455 ? 
11 AC3 4 GLN A 27 ? GLN A 473 . ? 1_655 ? 
12 AC3 4 LYS A 29 ? LYS A 475 . ? 4_555 ? 
13 AC3 4 LYS B 5  ? LYS B 451 . ? 1_555 ? 
14 AC3 4 ARG B 8  ? ARG B 454 . ? 1_555 ? 
15 AC4 3 GLN A 25 ? GLN A 471 . ? 1_555 ? 
16 AC4 3 ASP B 11 ? ASP B 457 . ? 1_555 ? 
17 AC4 3 HOH H .  ? HOH B 601 . ? 1_555 ? 
18 AC5 1 ASN A 31 ? ASN A 477 . ? 1_555 ? 
19 AC6 6 THR B 3  ? THR B 449 . ? 1_555 ? 
20 AC6 6 GLU B 4  ? GLU B 450 . ? 1_555 ? 
21 AC6 6 LYS B 5  ? LYS B 451 . ? 1_555 ? 
22 AC6 6 LEU B 6  ? LEU B 452 . ? 1_555 ? 
23 AC6 6 HOH H .  ? HOH B 610 . ? 1_555 ? 
24 AC6 6 HOH H .  ? HOH B 612 . ? 1_555 ? 
# 
_pdbx_entry_details.entry_id                   6WB3 
_pdbx_entry_details.nonpolymer_details         ? 
_pdbx_entry_details.sequence_details           ? 
_pdbx_entry_details.compound_details           ? 
_pdbx_entry_details.source_details             ? 
_pdbx_entry_details.has_ligand_of_interest     Y 
_pdbx_entry_details.has_protein_modification   Y 
# 
loop_
_pdbx_refine_tls.id 
_pdbx_refine_tls.pdbx_refine_id 
_pdbx_refine_tls.details 
_pdbx_refine_tls.method 
_pdbx_refine_tls.origin_x 
_pdbx_refine_tls.origin_y 
_pdbx_refine_tls.origin_z 
_pdbx_refine_tls.T[1][1] 
_pdbx_refine_tls.T[1][1]_esd 
_pdbx_refine_tls.T[1][2] 
_pdbx_refine_tls.T[1][2]_esd 
_pdbx_refine_tls.T[1][3] 
_pdbx_refine_tls.T[1][3]_esd 
_pdbx_refine_tls.T[2][2] 
_pdbx_refine_tls.T[2][2]_esd 
_pdbx_refine_tls.T[2][3] 
_pdbx_refine_tls.T[2][3]_esd 
_pdbx_refine_tls.T[3][3] 
_pdbx_refine_tls.T[3][3]_esd 
_pdbx_refine_tls.L[1][1] 
_pdbx_refine_tls.L[1][1]_esd 
_pdbx_refine_tls.L[1][2] 
_pdbx_refine_tls.L[1][2]_esd 
_pdbx_refine_tls.L[1][3] 
_pdbx_refine_tls.L[1][3]_esd 
_pdbx_refine_tls.L[2][2] 
_pdbx_refine_tls.L[2][2]_esd 
_pdbx_refine_tls.L[2][3] 
_pdbx_refine_tls.L[2][3]_esd 
_pdbx_refine_tls.L[3][3] 
_pdbx_refine_tls.L[3][3]_esd 
_pdbx_refine_tls.S[1][1] 
_pdbx_refine_tls.S[1][1]_esd 
_pdbx_refine_tls.S[1][2] 
_pdbx_refine_tls.S[1][2]_esd 
_pdbx_refine_tls.S[1][3] 
_pdbx_refine_tls.S[1][3]_esd 
_pdbx_refine_tls.S[2][1] 
_pdbx_refine_tls.S[2][1]_esd 
_pdbx_refine_tls.S[2][2] 
_pdbx_refine_tls.S[2][2]_esd 
_pdbx_refine_tls.S[2][3] 
_pdbx_refine_tls.S[2][3]_esd 
_pdbx_refine_tls.S[3][1] 
_pdbx_refine_tls.S[3][1]_esd 
_pdbx_refine_tls.S[3][2] 
_pdbx_refine_tls.S[3][2]_esd 
_pdbx_refine_tls.S[3][3] 
_pdbx_refine_tls.S[3][3]_esd 
1 'X-RAY DIFFRACTION' ? refined -3.0639 -0.7505 4.6523  0.0040  ? -0.0072 ? -0.0730 ? -0.0896 ? 0.0045 ? -0.0172 ? 2.2540 ? 1.3772 ? -0.6409 ? 14.3190 ? -4.9019 ? 4.5722 ? 0.0791  ? -0.1643 ? -0.1257 ? 0.7286  ? -0.2139 ? -0.1583 ? -0.5292 ? 0.1163 ? 0.1349 ? 
2 'X-RAY DIFFRACTION' ? refined 3.1263  0.0247  -4.2238 -0.0183 ? -0.0077 ? -0.0517 ? -0.0289 ? 0.0063 ? 0.1147  ? 1.2113 ? 1.9289 ? -0.1756 ? 14.2203 ? -4.1377 ? 3.5127 ? -0.0468 ? -0.0173 ? -0.1938 ? -0.0640 ? -0.2861 ? -0.7493 ? -0.1058 ? 0.2682 ? 0.3329 ? 
# 
loop_
_pdbx_refine_tls_group.id 
_pdbx_refine_tls_group.pdbx_refine_id 
_pdbx_refine_tls_group.refine_tls_id 
_pdbx_refine_tls_group.beg_label_asym_id 
_pdbx_refine_tls_group.beg_label_seq_id 
_pdbx_refine_tls_group.beg_auth_asym_id 
_pdbx_refine_tls_group.beg_auth_seq_id 
_pdbx_refine_tls_group.end_label_asym_id 
_pdbx_refine_tls_group.end_label_seq_id 
_pdbx_refine_tls_group.end_auth_asym_id 
_pdbx_refine_tls_group.end_auth_seq_id 
_pdbx_refine_tls_group.selection 
_pdbx_refine_tls_group.selection_details 
1 'X-RAY DIFFRACTION' 1 ? ? A 447 ? ? A 478 ? '{ A|* }' 
2 'X-RAY DIFFRACTION' 2 ? ? B 447 ? ? B 477 ? '{ B|* }' 
# 
_pdbx_unobs_or_zero_occ_residues.id               1 
_pdbx_unobs_or_zero_occ_residues.PDB_model_num    1 
_pdbx_unobs_or_zero_occ_residues.polymer_flag     Y 
_pdbx_unobs_or_zero_occ_residues.occupancy_flag   1 
_pdbx_unobs_or_zero_occ_residues.auth_asym_id     B 
_pdbx_unobs_or_zero_occ_residues.auth_comp_id     NH2 
_pdbx_unobs_or_zero_occ_residues.auth_seq_id      478 
_pdbx_unobs_or_zero_occ_residues.PDB_ins_code     ? 
_pdbx_unobs_or_zero_occ_residues.label_asym_id    B 
_pdbx_unobs_or_zero_occ_residues.label_comp_id    NH2 
_pdbx_unobs_or_zero_occ_residues.label_seq_id     32 
# 
loop_
_chem_comp_atom.comp_id 
_chem_comp_atom.atom_id 
_chem_comp_atom.type_symbol 
_chem_comp_atom.pdbx_aromatic_flag 
_chem_comp_atom.pdbx_stereo_config 
_chem_comp_atom.pdbx_ordinal 
ACE C    C N N 1   
ACE O    O N N 2   
ACE CH3  C N N 3   
ACE H    H N N 4   
ACE H1   H N N 5   
ACE H2   H N N 6   
ACE H3   H N N 7   
ACT C    C N N 8   
ACT O    O N N 9   
ACT OXT  O N N 10  
ACT CH3  C N N 11  
ACT H1   H N N 12  
ACT H2   H N N 13  
ACT H3   H N N 14  
ARG N    N N N 15  
ARG CA   C N S 16  
ARG C    C N N 17  
ARG O    O N N 18  
ARG CB   C N N 19  
ARG CG   C N N 20  
ARG CD   C N N 21  
ARG NE   N N N 22  
ARG CZ   C N N 23  
ARG NH1  N N N 24  
ARG NH2  N N N 25  
ARG OXT  O N N 26  
ARG H    H N N 27  
ARG H2   H N N 28  
ARG HA   H N N 29  
ARG HB2  H N N 30  
ARG HB3  H N N 31  
ARG HG2  H N N 32  
ARG HG3  H N N 33  
ARG HD2  H N N 34  
ARG HD3  H N N 35  
ARG HE   H N N 36  
ARG HH11 H N N 37  
ARG HH12 H N N 38  
ARG HH21 H N N 39  
ARG HH22 H N N 40  
ARG HXT  H N N 41  
ASN N    N N N 42  
ASN CA   C N S 43  
ASN C    C N N 44  
ASN O    O N N 45  
ASN CB   C N N 46  
ASN CG   C N N 47  
ASN OD1  O N N 48  
ASN ND2  N N N 49  
ASN OXT  O N N 50  
ASN H    H N N 51  
ASN H2   H N N 52  
ASN HA   H N N 53  
ASN HB2  H N N 54  
ASN HB3  H N N 55  
ASN HD21 H N N 56  
ASN HD22 H N N 57  
ASN HXT  H N N 58  
ASP N    N N N 59  
ASP CA   C N S 60  
ASP C    C N N 61  
ASP O    O N N 62  
ASP CB   C N N 63  
ASP CG   C N N 64  
ASP OD1  O N N 65  
ASP OD2  O N N 66  
ASP OXT  O N N 67  
ASP H    H N N 68  
ASP H2   H N N 69  
ASP HA   H N N 70  
ASP HB2  H N N 71  
ASP HB3  H N N 72  
ASP HD2  H N N 73  
ASP HXT  H N N 74  
GLN N    N N N 75  
GLN CA   C N S 76  
GLN C    C N N 77  
GLN O    O N N 78  
GLN CB   C N N 79  
GLN CG   C N N 80  
GLN CD   C N N 81  
GLN OE1  O N N 82  
GLN NE2  N N N 83  
GLN OXT  O N N 84  
GLN H    H N N 85  
GLN H2   H N N 86  
GLN HA   H N N 87  
GLN HB2  H N N 88  
GLN HB3  H N N 89  
GLN HG2  H N N 90  
GLN HG3  H N N 91  
GLN HE21 H N N 92  
GLN HE22 H N N 93  
GLN HXT  H N N 94  
GLU N    N N N 95  
GLU CA   C N S 96  
GLU C    C N N 97  
GLU O    O N N 98  
GLU CB   C N N 99  
GLU CG   C N N 100 
GLU CD   C N N 101 
GLU OE1  O N N 102 
GLU OE2  O N N 103 
GLU OXT  O N N 104 
GLU H    H N N 105 
GLU H2   H N N 106 
GLU HA   H N N 107 
GLU HB2  H N N 108 
GLU HB3  H N N 109 
GLU HG2  H N N 110 
GLU HG3  H N N 111 
GLU HE2  H N N 112 
GLU HXT  H N N 113 
HIS N    N N N 114 
HIS CA   C N S 115 
HIS C    C N N 116 
HIS O    O N N 117 
HIS CB   C N N 118 
HIS CG   C Y N 119 
HIS ND1  N Y N 120 
HIS CD2  C Y N 121 
HIS CE1  C Y N 122 
HIS NE2  N Y N 123 
HIS OXT  O N N 124 
HIS H    H N N 125 
HIS H2   H N N 126 
HIS HA   H N N 127 
HIS HB2  H N N 128 
HIS HB3  H N N 129 
HIS HD1  H N N 130 
HIS HD2  H N N 131 
HIS HE1  H N N 132 
HIS HE2  H N N 133 
HIS HXT  H N N 134 
HOH O    O N N 135 
HOH H1   H N N 136 
HOH H2   H N N 137 
ILE N    N N N 138 
ILE CA   C N S 139 
ILE C    C N N 140 
ILE O    O N N 141 
ILE CB   C N S 142 
ILE CG1  C N N 143 
ILE CG2  C N N 144 
ILE CD1  C N N 145 
ILE OXT  O N N 146 
ILE H    H N N 147 
ILE H2   H N N 148 
ILE HA   H N N 149 
ILE HB   H N N 150 
ILE HG12 H N N 151 
ILE HG13 H N N 152 
ILE HG21 H N N 153 
ILE HG22 H N N 154 
ILE HG23 H N N 155 
ILE HD11 H N N 156 
ILE HD12 H N N 157 
ILE HD13 H N N 158 
ILE HXT  H N N 159 
LEU N    N N N 160 
LEU CA   C N S 161 
LEU C    C N N 162 
LEU O    O N N 163 
LEU CB   C N N 164 
LEU CG   C N N 165 
LEU CD1  C N N 166 
LEU CD2  C N N 167 
LEU OXT  O N N 168 
LEU H    H N N 169 
LEU H2   H N N 170 
LEU HA   H N N 171 
LEU HB2  H N N 172 
LEU HB3  H N N 173 
LEU HG   H N N 174 
LEU HD11 H N N 175 
LEU HD12 H N N 176 
LEU HD13 H N N 177 
LEU HD21 H N N 178 
LEU HD22 H N N 179 
LEU HD23 H N N 180 
LEU HXT  H N N 181 
LYS N    N N N 182 
LYS CA   C N S 183 
LYS C    C N N 184 
LYS O    O N N 185 
LYS CB   C N N 186 
LYS CG   C N N 187 
LYS CD   C N N 188 
LYS CE   C N N 189 
LYS NZ   N N N 190 
LYS OXT  O N N 191 
LYS H    H N N 192 
LYS H2   H N N 193 
LYS HA   H N N 194 
LYS HB2  H N N 195 
LYS HB3  H N N 196 
LYS HG2  H N N 197 
LYS HG3  H N N 198 
LYS HD2  H N N 199 
LYS HD3  H N N 200 
LYS HE2  H N N 201 
LYS HE3  H N N 202 
LYS HZ1  H N N 203 
LYS HZ2  H N N 204 
LYS HZ3  H N N 205 
LYS HXT  H N N 206 
MET N    N N N 207 
MET CA   C N S 208 
MET C    C N N 209 
MET O    O N N 210 
MET CB   C N N 211 
MET CG   C N N 212 
MET SD   S N N 213 
MET CE   C N N 214 
MET OXT  O N N 215 
MET H    H N N 216 
MET H2   H N N 217 
MET HA   H N N 218 
MET HB2  H N N 219 
MET HB3  H N N 220 
MET HG2  H N N 221 
MET HG3  H N N 222 
MET HE1  H N N 223 
MET HE2  H N N 224 
MET HE3  H N N 225 
MET HXT  H N N 226 
NH2 N    N N N 227 
NH2 HN1  H N N 228 
NH2 HN2  H N N 229 
SO4 S    S N N 230 
SO4 O1   O N N 231 
SO4 O2   O N N 232 
SO4 O3   O N N 233 
SO4 O4   O N N 234 
THR N    N N N 235 
THR CA   C N S 236 
THR C    C N N 237 
THR O    O N N 238 
THR CB   C N R 239 
THR OG1  O N N 240 
THR CG2  C N N 241 
THR OXT  O N N 242 
THR H    H N N 243 
THR H2   H N N 244 
THR HA   H N N 245 
THR HB   H N N 246 
THR HG1  H N N 247 
THR HG21 H N N 248 
THR HG22 H N N 249 
THR HG23 H N N 250 
THR HXT  H N N 251 
# 
loop_
_chem_comp_bond.comp_id 
_chem_comp_bond.atom_id_1 
_chem_comp_bond.atom_id_2 
_chem_comp_bond.value_order 
_chem_comp_bond.pdbx_aromatic_flag 
_chem_comp_bond.pdbx_stereo_config 
_chem_comp_bond.pdbx_ordinal 
ACE C   O    doub N N 1   
ACE C   CH3  sing N N 2   
ACE C   H    sing N N 3   
ACE CH3 H1   sing N N 4   
ACE CH3 H2   sing N N 5   
ACE CH3 H3   sing N N 6   
ACT C   O    doub N N 7   
ACT C   OXT  sing N N 8   
ACT C   CH3  sing N N 9   
ACT CH3 H1   sing N N 10  
ACT CH3 H2   sing N N 11  
ACT CH3 H3   sing N N 12  
ARG N   CA   sing N N 13  
ARG N   H    sing N N 14  
ARG N   H2   sing N N 15  
ARG CA  C    sing N N 16  
ARG CA  CB   sing N N 17  
ARG CA  HA   sing N N 18  
ARG C   O    doub N N 19  
ARG C   OXT  sing N N 20  
ARG CB  CG   sing N N 21  
ARG CB  HB2  sing N N 22  
ARG CB  HB3  sing N N 23  
ARG CG  CD   sing N N 24  
ARG CG  HG2  sing N N 25  
ARG CG  HG3  sing N N 26  
ARG CD  NE   sing N N 27  
ARG CD  HD2  sing N N 28  
ARG CD  HD3  sing N N 29  
ARG NE  CZ   sing N N 30  
ARG NE  HE   sing N N 31  
ARG CZ  NH1  sing N N 32  
ARG CZ  NH2  doub N N 33  
ARG NH1 HH11 sing N N 34  
ARG NH1 HH12 sing N N 35  
ARG NH2 HH21 sing N N 36  
ARG NH2 HH22 sing N N 37  
ARG OXT HXT  sing N N 38  
ASN N   CA   sing N N 39  
ASN N   H    sing N N 40  
ASN N   H2   sing N N 41  
ASN CA  C    sing N N 42  
ASN CA  CB   sing N N 43  
ASN CA  HA   sing N N 44  
ASN C   O    doub N N 45  
ASN C   OXT  sing N N 46  
ASN CB  CG   sing N N 47  
ASN CB  HB2  sing N N 48  
ASN CB  HB3  sing N N 49  
ASN CG  OD1  doub N N 50  
ASN CG  ND2  sing N N 51  
ASN ND2 HD21 sing N N 52  
ASN ND2 HD22 sing N N 53  
ASN OXT HXT  sing N N 54  
ASP N   CA   sing N N 55  
ASP N   H    sing N N 56  
ASP N   H2   sing N N 57  
ASP CA  C    sing N N 58  
ASP CA  CB   sing N N 59  
ASP CA  HA   sing N N 60  
ASP C   O    doub N N 61  
ASP C   OXT  sing N N 62  
ASP CB  CG   sing N N 63  
ASP CB  HB2  sing N N 64  
ASP CB  HB3  sing N N 65  
ASP CG  OD1  doub N N 66  
ASP CG  OD2  sing N N 67  
ASP OD2 HD2  sing N N 68  
ASP OXT HXT  sing N N 69  
GLN N   CA   sing N N 70  
GLN N   H    sing N N 71  
GLN N   H2   sing N N 72  
GLN CA  C    sing N N 73  
GLN CA  CB   sing N N 74  
GLN CA  HA   sing N N 75  
GLN C   O    doub N N 76  
GLN C   OXT  sing N N 77  
GLN CB  CG   sing N N 78  
GLN CB  HB2  sing N N 79  
GLN CB  HB3  sing N N 80  
GLN CG  CD   sing N N 81  
GLN CG  HG2  sing N N 82  
GLN CG  HG3  sing N N 83  
GLN CD  OE1  doub N N 84  
GLN CD  NE2  sing N N 85  
GLN NE2 HE21 sing N N 86  
GLN NE2 HE22 sing N N 87  
GLN OXT HXT  sing N N 88  
GLU N   CA   sing N N 89  
GLU N   H    sing N N 90  
GLU N   H2   sing N N 91  
GLU CA  C    sing N N 92  
GLU CA  CB   sing N N 93  
GLU CA  HA   sing N N 94  
GLU C   O    doub N N 95  
GLU C   OXT  sing N N 96  
GLU CB  CG   sing N N 97  
GLU CB  HB2  sing N N 98  
GLU CB  HB3  sing N N 99  
GLU CG  CD   sing N N 100 
GLU CG  HG2  sing N N 101 
GLU CG  HG3  sing N N 102 
GLU CD  OE1  doub N N 103 
GLU CD  OE2  sing N N 104 
GLU OE2 HE2  sing N N 105 
GLU OXT HXT  sing N N 106 
HIS N   CA   sing N N 107 
HIS N   H    sing N N 108 
HIS N   H2   sing N N 109 
HIS CA  C    sing N N 110 
HIS CA  CB   sing N N 111 
HIS CA  HA   sing N N 112 
HIS C   O    doub N N 113 
HIS C   OXT  sing N N 114 
HIS CB  CG   sing N N 115 
HIS CB  HB2  sing N N 116 
HIS CB  HB3  sing N N 117 
HIS CG  ND1  sing Y N 118 
HIS CG  CD2  doub Y N 119 
HIS ND1 CE1  doub Y N 120 
HIS ND1 HD1  sing N N 121 
HIS CD2 NE2  sing Y N 122 
HIS CD2 HD2  sing N N 123 
HIS CE1 NE2  sing Y N 124 
HIS CE1 HE1  sing N N 125 
HIS NE2 HE2  sing N N 126 
HIS OXT HXT  sing N N 127 
HOH O   H1   sing N N 128 
HOH O   H2   sing N N 129 
ILE N   CA   sing N N 130 
ILE N   H    sing N N 131 
ILE N   H2   sing N N 132 
ILE CA  C    sing N N 133 
ILE CA  CB   sing N N 134 
ILE CA  HA   sing N N 135 
ILE C   O    doub N N 136 
ILE C   OXT  sing N N 137 
ILE CB  CG1  sing N N 138 
ILE CB  CG2  sing N N 139 
ILE CB  HB   sing N N 140 
ILE CG1 CD1  sing N N 141 
ILE CG1 HG12 sing N N 142 
ILE CG1 HG13 sing N N 143 
ILE CG2 HG21 sing N N 144 
ILE CG2 HG22 sing N N 145 
ILE CG2 HG23 sing N N 146 
ILE CD1 HD11 sing N N 147 
ILE CD1 HD12 sing N N 148 
ILE CD1 HD13 sing N N 149 
ILE OXT HXT  sing N N 150 
LEU N   CA   sing N N 151 
LEU N   H    sing N N 152 
LEU N   H2   sing N N 153 
LEU CA  C    sing N N 154 
LEU CA  CB   sing N N 155 
LEU CA  HA   sing N N 156 
LEU C   O    doub N N 157 
LEU C   OXT  sing N N 158 
LEU CB  CG   sing N N 159 
LEU CB  HB2  sing N N 160 
LEU CB  HB3  sing N N 161 
LEU CG  CD1  sing N N 162 
LEU CG  CD2  sing N N 163 
LEU CG  HG   sing N N 164 
LEU CD1 HD11 sing N N 165 
LEU CD1 HD12 sing N N 166 
LEU CD1 HD13 sing N N 167 
LEU CD2 HD21 sing N N 168 
LEU CD2 HD22 sing N N 169 
LEU CD2 HD23 sing N N 170 
LEU OXT HXT  sing N N 171 
LYS N   CA   sing N N 172 
LYS N   H    sing N N 173 
LYS N   H2   sing N N 174 
LYS CA  C    sing N N 175 
LYS CA  CB   sing N N 176 
LYS CA  HA   sing N N 177 
LYS C   O    doub N N 178 
LYS C   OXT  sing N N 179 
LYS CB  CG   sing N N 180 
LYS CB  HB2  sing N N 181 
LYS CB  HB3  sing N N 182 
LYS CG  CD   sing N N 183 
LYS CG  HG2  sing N N 184 
LYS CG  HG3  sing N N 185 
LYS CD  CE   sing N N 186 
LYS CD  HD2  sing N N 187 
LYS CD  HD3  sing N N 188 
LYS CE  NZ   sing N N 189 
LYS CE  HE2  sing N N 190 
LYS CE  HE3  sing N N 191 
LYS NZ  HZ1  sing N N 192 
LYS NZ  HZ2  sing N N 193 
LYS NZ  HZ3  sing N N 194 
LYS OXT HXT  sing N N 195 
MET N   CA   sing N N 196 
MET N   H    sing N N 197 
MET N   H2   sing N N 198 
MET CA  C    sing N N 199 
MET CA  CB   sing N N 200 
MET CA  HA   sing N N 201 
MET C   O    doub N N 202 
MET C   OXT  sing N N 203 
MET CB  CG   sing N N 204 
MET CB  HB2  sing N N 205 
MET CB  HB3  sing N N 206 
MET CG  SD   sing N N 207 
MET CG  HG2  sing N N 208 
MET CG  HG3  sing N N 209 
MET SD  CE   sing N N 210 
MET CE  HE1  sing N N 211 
MET CE  HE2  sing N N 212 
MET CE  HE3  sing N N 213 
MET OXT HXT  sing N N 214 
NH2 N   HN1  sing N N 215 
NH2 N   HN2  sing N N 216 
SO4 S   O1   doub N N 217 
SO4 S   O2   doub N N 218 
SO4 S   O3   sing N N 219 
SO4 S   O4   sing N N 220 
THR N   CA   sing N N 221 
THR N   H    sing N N 222 
THR N   H2   sing N N 223 
THR CA  C    sing N N 224 
THR CA  CB   sing N N 225 
THR CA  HA   sing N N 226 
THR C   O    doub N N 227 
THR C   OXT  sing N N 228 
THR CB  OG1  sing N N 229 
THR CB  CG2  sing N N 230 
THR CB  HB   sing N N 231 
THR OG1 HG1  sing N N 232 
THR CG2 HG21 sing N N 233 
THR CG2 HG22 sing N N 234 
THR CG2 HG23 sing N N 235 
THR OXT HXT  sing N N 236 
# 
loop_
_pdbx_audit_support.funding_organization 
_pdbx_audit_support.country 
_pdbx_audit_support.grant_number 
_pdbx_audit_support.ordinal 
'Sao Paulo Research Foundation (FAPESP)' Brazil 2016/04658-9 1 
'Sao Paulo Research Foundation (FAPESP)' Brazil 2018/19992-7 2 
'Sao Paulo Research Foundation (FAPESP)' Brazil 2015/00062-1 3 
'Sao Paulo Research Foundation (FAPESP)' Brazil 2014/15546-1 4 
# 
_atom_sites.entry_id                    6WB3 
_atom_sites.Cartn_transf_matrix[1][1]   ? 
_atom_sites.Cartn_transf_matrix[1][2]   ? 
_atom_sites.Cartn_transf_matrix[1][3]   ? 
_atom_sites.Cartn_transf_matrix[2][1]   ? 
_atom_sites.Cartn_transf_matrix[2][2]   ? 
_atom_sites.Cartn_transf_matrix[2][3]   ? 
_atom_sites.Cartn_transf_matrix[3][1]   ? 
_atom_sites.Cartn_transf_matrix[3][2]   ? 
_atom_sites.Cartn_transf_matrix[3][3]   ? 
_atom_sites.Cartn_transf_vector[1]      ? 
_atom_sites.Cartn_transf_vector[2]      ? 
_atom_sites.Cartn_transf_vector[3]      ? 
_atom_sites.fract_transf_matrix[1][1]   0.02202820 
_atom_sites.fract_transf_matrix[1][2]   0.00259502 
_atom_sites.fract_transf_matrix[1][3]   -0.03185323 
_atom_sites.fract_transf_matrix[2][1]   -0.01086341 
_atom_sites.fract_transf_matrix[2][2]   0.02073036 
_atom_sites.fract_transf_matrix[2][3]   -0.00582377 
_atom_sites.fract_transf_matrix[3][1]   0.01262601 
_atom_sites.fract_transf_matrix[3][2]   0.00928184 
_atom_sites.fract_transf_matrix[3][3]   0.00948773 
_atom_sites.fract_transf_vector[1]      0.785001 
_atom_sites.fract_transf_vector[2]      0.682562 
_atom_sites.fract_transf_vector[3]      0.077705 
_atom_sites.solution_primary            ? 
_atom_sites.solution_secondary          ? 
_atom_sites.solution_hydrogens          ? 
_atom_sites.special_details             ? 
# 
loop_
_atom_type.symbol 
C 
N 
O 
S 
# 
loop_
_atom_site.group_PDB 
_atom_site.id 
_atom_site.type_symbol 
_atom_site.label_atom_id 
_atom_site.label_alt_id 
_atom_site.label_comp_id 
_atom_site.label_asym_id 
_atom_site.label_entity_id 
_atom_site.label_seq_id 
_atom_site.pdbx_PDB_ins_code 
_atom_site.Cartn_x 
_atom_site.Cartn_y 
_atom_site.Cartn_z 
_atom_site.occupancy 
_atom_site.B_iso_or_equiv 
_atom_site.pdbx_formal_charge 
_atom_site.auth_seq_id 
_atom_site.auth_comp_id 
_atom_site.auth_asym_id 
_atom_site.auth_atom_id 
_atom_site.pdbx_PDB_model_num 
HETATM 1   C C   . ACE A 1 1  ? -1.436 21.107  0.899   1.00 45.67  ?  447 ACE A C   1 
HETATM 2   O O   . ACE A 1 1  ? -1.304 19.965  1.338   1.00 45.11  ?  447 ACE A O   1 
HETATM 3   C CH3 . ACE A 1 1  ? -0.327 22.164  1.094   1.00 46.94  ?  447 ACE A CH3 1 
ATOM   4   N N   . GLU A 1 2  ? -2.507 21.505  0.217   1.00 44.67  ?  448 GLU A N   1 
ATOM   5   C CA  . GLU A 1 2  ? -3.666 20.642  -0.015  1.00 42.72  ?  448 GLU A CA  1 
ATOM   6   C C   . GLU A 1 2  ? -3.368 19.355  -0.778  1.00 40.08  ?  448 GLU A C   1 
ATOM   7   O O   . GLU A 1 2  ? -3.780 18.287  -0.328  1.00 38.84  ?  448 GLU A O   1 
ATOM   8   C CB  . GLU A 1 2  ? -4.782 21.420  -0.723  1.00 46.38  ?  448 GLU A CB  1 
ATOM   9   N N   . THR A 1 3  ? -2.674 19.444  -1.920  1.00 38.97  ?  449 THR A N   1 
ATOM   10  C CA  . THR A 1 3  ? -2.364 18.262  -2.735  1.00 37.48  ?  449 THR A CA  1 
ATOM   11  C C   . THR A 1 3  ? -1.376 17.338  -2.042  1.00 35.71  ?  449 THR A C   1 
ATOM   12  O O   . THR A 1 3  ? -1.533 16.124  -2.072  1.00 33.29  ?  449 THR A O   1 
ATOM   13  C CB  . THR A 1 3  ? -1.862 18.672  -4.119  1.00 39.06  ?  449 THR A CB  1 
ATOM   14  O OG1 . THR A 1 3  ? -2.872 19.452  -4.748  1.00 41.34  ?  449 THR A OG1 1 
ATOM   15  C CG2 . THR A 1 3  ? -1.535 17.463  -5.003  1.00 39.37  ?  449 THR A CG2 1 
ATOM   16  N N   . GLU A 1 4  ? -0.394 17.922  -1.349  1.00 36.39  ?  450 GLU A N   1 
ATOM   17  C CA  . GLU A 1 4  ? 0.596  17.177  -0.589  1.00 36.08  ?  450 GLU A CA  1 
ATOM   18  C C   . GLU A 1 4  ? -0.104 16.360  0.505   1.00 35.41  ?  450 GLU A C   1 
ATOM   19  O O   . GLU A 1 4  ? 0.220  15.190  0.709   1.00 34.92  ?  450 GLU A O   1 
ATOM   20  C CB  . GLU A 1 4  ? 1.629  18.143  0.028   1.00 38.23  ?  450 GLU A CB  1 
ATOM   21  C CG  . GLU A 1 4  ? 2.603  18.738  -0.979  1.00 43.87  ?  450 GLU A CG  1 
ATOM   22  C CD  . GLU A 1 4  ? 2.148  19.980  -1.724  1.00 49.12  ?  450 GLU A CD  1 
ATOM   23  O OE1 . GLU A 1 4  ? 0.961  20.360  -1.594  1.00 47.75  ?  450 GLU A OE1 1 
ATOM   24  O OE2 . GLU A 1 4  ? 2.979  20.571  -2.454  1.00 53.62  ?  450 GLU A OE2 1 
ATOM   25  N N   . LYS A 1 5  ? -1.076 16.971  1.197   1.00 35.57  ?  451 LYS A N   1 
ATOM   26  C CA  . LYS A 1 5  ? -1.840 16.271  2.234   1.00 35.30  ?  451 LYS A CA  1 
ATOM   27  C C   . LYS A 1 5  ? -2.688 15.162  1.632   1.00 33.79  ?  451 LYS A C   1 
ATOM   28  O O   . LYS A 1 5  ? -2.824 14.099  2.221   1.00 33.29  ?  451 LYS A O   1 
ATOM   29  C CB  . LYS A 1 5  ? -2.735 17.246  3.010   1.00 39.46  ?  451 LYS A CB  1 
ATOM   30  N N   . LEU A 1 6  ? -3.269 15.414  0.465   1.00 32.20  ?  452 LEU A N   1 
ATOM   31  C CA  . LEU A 1 6  ? -4.088 14.421  -0.222  1.00 30.55  ?  452 LEU A CA  1 
ATOM   32  C C   . LEU A 1 6  ? -3.248 13.185  -0.591  1.00 28.96  ?  452 LEU A C   1 
ATOM   33  O O   . LEU A 1 6  ? -3.687 12.049  -0.358  1.00 28.87  ?  452 LEU A O   1 
ATOM   34  C CB  . LEU A 1 6  ? -4.720 15.062  -1.464  1.00 31.42  ?  452 LEU A CB  1 
ATOM   35  C CG  . LEU A 1 6  ? -5.400 14.126  -2.469  1.00 34.44  ?  452 LEU A CG  1 
ATOM   36  C CD1 . LEU A 1 6  ? -6.545 13.333  -1.825  1.00 36.39  ?  452 LEU A CD1 1 
ATOM   37  C CD2 . LEU A 1 6  ? -5.873 14.894  -3.677  1.00 35.48  ?  452 LEU A CD2 1 
ATOM   38  N N   . ILE A 1 7  ? -2.025 13.398  -1.074  1.00 27.31  ?  453 ILE A N   1 
ATOM   39  C CA  . ILE A 1 7  ? -1.147 12.295  -1.448  1.00 26.50  ?  453 ILE A CA  1 
ATOM   40  C C   . ILE A 1 7  ? -0.708 11.509  -0.213  1.00 26.24  ?  453 ILE A C   1 
ATOM   41  O O   . ILE A 1 7  ? -0.717 10.279  -0.248  1.00 25.09  ?  453 ILE A O   1 
ATOM   42  C CB  . ILE A 1 7  ? 0.013  12.749  -2.341  1.00 27.76  ?  453 ILE A CB  1 
ATOM   43  C CG1 . ILE A 1 7  ? -0.560 13.301  -3.665  1.00 30.18  ?  453 ILE A CG1 1 
ATOM   44  C CG2 . ILE A 1 7  ? 0.995  11.590  -2.595  1.00 27.72  ?  453 ILE A CG2 1 
ATOM   45  C CD1 . ILE A 1 7  ? 0.389  13.978  -4.459  1.00 33.51  ?  453 ILE A CD1 1 
ATOM   46  N N   . ARG A 1 8  ? -0.455 12.197  0.904   1.00 27.30  ?  454 ARG A N   1 
ATOM   47  C CA  . ARG A 1 8  ? -0.134 11.536  2.164   1.00 28.34  ?  454 ARG A CA  1 
ATOM   48  C C   . ARG A 1 8  ? -1.318 10.709  2.627   1.00 27.70  ?  454 ARG A C   1 
ATOM   49  O O   . ARG A 1 8  ? -1.111 9.593   3.092   1.00 27.53  ?  454 ARG A O   1 
ATOM   50  C CB  . ARG A 1 8  ? 0.228  12.569  3.237   1.00 32.04  ?  454 ARG A CB  1 
ATOM   51  C CG  . ARG A 1 8  ? 1.611  13.160  3.042   1.00 36.60  ?  454 ARG A CG  1 
ATOM   52  C CD  . ARG A 1 8  ? 2.112  13.871  4.285   1.00 43.04  ?  454 ARG A CD  1 
ATOM   53  N NE  . ARG A 1 8  ? 1.238  14.976  4.690   1.00 48.77  ?  454 ARG A NE  1 
ATOM   54  C CZ  . ARG A 1 8  ? 1.407  16.245  4.329   1.00 53.08  ?  454 ARG A CZ  1 
ATOM   55  N NH1 . ARG A 1 8  ? 0.559  17.176  4.744   1.00 53.27  ?  454 ARG A NH1 1 
ATOM   56  N NH2 . ARG A 1 8  ? 2.428  16.593  3.557   1.00 54.56  ?  454 ARG A NH2 1 
ATOM   57  N N   . GLU A 1 9  ? -2.559 11.201  2.441   1.00 26.62  ?  455 GLU A N   1 
ATOM   58  C CA  . GLU A 1 9  ? -3.755 10.455  2.820   1.00 26.05  ?  455 GLU A CA  1 
ATOM   59  C C   . GLU A 1 9  ? -3.848 9.172   1.991   1.00 24.33  ?  455 GLU A C   1 
ATOM   60  O O   . GLU A 1 9  ? -4.205 8.111   2.520   1.00 24.29  ?  455 GLU A O   1 
ATOM   61  C CB  . GLU A 1 9  ? -5.021 11.305  2.616   1.00 29.22  ?  455 GLU A CB  1 
ATOM   62  N N   . LYS A 1 10 ? -3.554 9.246   0.689   1.00 24.25  ?  456 LYS A N   1 
ATOM   63  C CA  . LYS A 1 10 ? -3.563 8.055   -0.176  1.00 23.50  ?  456 LYS A CA  1 
ATOM   64  C C   . LYS A 1 10 ? -2.516 7.027   0.262   1.00 22.69  ?  456 LYS A C   1 
ATOM   65  O O   . LYS A 1 10 ? -2.801 5.819   0.333   1.00 21.30  ?  456 LYS A O   1 
ATOM   66  C CB  . LYS A 1 10 ? -3.377 8.430   -1.640  1.00 24.52  ?  456 LYS A CB  1 
ATOM   67  C CG  . LYS A 1 10 ? -4.501 9.300   -2.183  1.00 28.58  ?  456 LYS A CG  1 
ATOM   68  C CD  . LYS A 1 10 ? -5.859 8.607   -2.152  1.00 33.65  ?  456 LYS A CD  1 
ATOM   69  C CE  . LYS A 1 10 ? -6.927 9.556   -2.676  1.00 38.45  ?  456 LYS A CE  1 
ATOM   70  N NZ  . LYS A 1 10 ? -8.298 9.023   -2.458  1.00 42.88  ?  456 LYS A NZ  1 
ATOM   71  N N   . ASP A 1 11 ? -1.343 7.495   0.673   1.00 22.80  ?  457 ASP A N   1 
ATOM   72  C CA  . ASP A 1 11 ? -0.292 6.607   1.171   1.00 23.76  ?  457 ASP A CA  1 
ATOM   73  C C   . ASP A 1 11 ? -0.769 5.912   2.455   1.00 23.81  ?  457 ASP A C   1 
ATOM   74  O O   . ASP A 1 11 ? -0.560 4.703   2.609   1.00 23.53  ?  457 ASP A O   1 
ATOM   75  C CB  . ASP A 1 11 ? 0.988  7.413   1.437   1.00 26.34  ?  457 ASP A CB  1 
ATOM   76  C CG  . ASP A 1 11 ? 2.278  6.630   1.349   1.00 33.55  ?  457 ASP A CG  1 
ATOM   77  O OD1 . ASP A 1 11 ? 2.230  5.441   0.978   1.00 34.36  ?  457 ASP A OD1 1 
ATOM   78  O OD2 . ASP A 1 11 ? 3.345  7.208   1.655   1.00 36.10  ?  457 ASP A OD2 1 
ATOM   79  N N   . GLU A 1 12 ? -1.458 6.666   3.360   1.00 24.57  ?  458 GLU A N   1 
ATOM   80  C CA  . GLU A 1 12 ? -2.019 6.123   4.598   1.00 25.26  ?  458 GLU A CA  1 
ATOM   81  C C   . GLU A 1 12 ? -3.044 5.056   4.273   1.00 23.38  ?  458 GLU A C   1 
ATOM   82  O O   . GLU A 1 12 ? -3.035 3.978   4.889   1.00 22.89  ?  458 GLU A O   1 
ATOM   83  C CB  . GLU A 1 12 ? -2.664 7.237   5.430   1.00 29.78  ?  458 GLU A CB  1 
ATOM   84  C CG  . GLU A 1 12 ? -2.909 6.845   6.874   1.00 37.03  ?  458 GLU A CG  1 
ATOM   85  C CD  . GLU A 1 12 ? -4.237 6.186   7.179   1.00 45.26  ?  458 GLU A CD  1 
ATOM   86  O OE1 . GLU A 1 12 ? -5.181 6.320   6.365   1.00 46.87  ?  458 GLU A OE1 1 
ATOM   87  O OE2 . GLU A 1 12 ? -4.331 5.538   8.244   1.00 46.87  ?  458 GLU A OE2 1 
ATOM   88  N N   . GLU A 1 13 ? -3.907 5.316   3.285   1.00 21.73  ?  459 GLU A N   1 
ATOM   89  C CA  A GLU A 1 13 ? -4.923 4.360   2.862   0.50 21.05  ?  459 GLU A CA  1 
ATOM   90  C CA  B GLU A 1 13 ? -4.921 4.345   2.857   0.50 20.90  ?  459 GLU A CA  1 
ATOM   91  C C   . GLU A 1 13 ? -4.259 3.048   2.401   1.00 20.01  ?  459 GLU A C   1 
ATOM   92  O O   . GLU A 1 13 ? -4.691 1.948   2.796   1.00 19.24  ?  459 GLU A O   1 
ATOM   93  C CB  A GLU A 1 13 ? -5.732 4.988   1.722   0.50 22.99  ?  459 GLU A CB  1 
ATOM   94  C CB  B GLU A 1 13 ? -5.742 4.896   1.685   0.50 22.32  ?  459 GLU A CB  1 
ATOM   95  C CG  A GLU A 1 13 ? -6.781 4.088   1.111   0.50 26.75  ?  459 GLU A CG  1 
ATOM   96  C CG  B GLU A 1 13 ? -6.729 5.977   2.064   0.50 25.22  ?  459 GLU A CG  1 
ATOM   97  C CD  A GLU A 1 13 ? -7.541 4.811   0.015   0.50 32.02  ?  459 GLU A CD  1 
ATOM   98  C CD  B GLU A 1 13 ? -7.632 6.433   0.933   0.50 32.23  ?  459 GLU A CD  1 
ATOM   99  O OE1 A GLU A 1 13 ? -8.603 5.401   0.312   0.50 33.44  ?  459 GLU A OE1 1 
ATOM   100 O OE1 B GLU A 1 13 ? -8.525 7.271   1.194   0.50 36.04  ?  459 GLU A OE1 1 
ATOM   101 O OE2 A GLU A 1 13 ? -7.047 4.826   -1.135  0.50 36.04  ?  459 GLU A OE2 1 
ATOM   102 O OE2 B GLU A 1 13 ? -7.470 5.939   -0.207  0.50 34.45  ?  459 GLU A OE2 1 
ATOM   103 N N   . LEU A 1 14 ? -3.197 3.151   1.620   1.00 18.72  ?  460 LEU A N   1 
ATOM   104 C CA  . LEU A 1 14 ? -2.493 1.964   1.117   1.00 18.50  ?  460 LEU A CA  1 
ATOM   105 C C   . LEU A 1 14 ? -1.853 1.194   2.267   1.00 18.91  ?  460 LEU A C   1 
ATOM   106 O O   . LEU A 1 14 ? -1.897 -0.043  2.258   1.00 18.20  ?  460 LEU A O   1 
ATOM   107 C CB  . LEU A 1 14 ? -1.454 2.381   0.100   1.00 18.97  ?  460 LEU A CB  1 
ATOM   108 C CG  . LEU A 1 14 ? -2.033 2.975   -1.168  1.00 19.23  ?  460 LEU A CG  1 
ATOM   109 C CD1 . LEU A 1 14 ? -0.963 3.595   -1.994  1.00 20.91  ?  460 LEU A CD1 1 
ATOM   110 C CD2 . LEU A 1 14 ? -2.816 1.912   -1.968  1.00 21.29  ?  460 LEU A CD2 1 
ATOM   111 N N   . ARG A 1 15 ? -1.317 1.885   3.285   1.00 19.80  ?  461 ARG A N   1 
ATOM   112 C CA  . ARG A 1 15 ? -0.766 1.216   4.456   1.00 20.61  ?  461 ARG A CA  1 
ATOM   113 C C   . ARG A 1 15 ? -1.871 0.497   5.205   1.00 19.90  ?  461 ARG A C   1 
ATOM   114 O O   . ARG A 1 15 ? -1.658 -0.630  5.631   1.00 20.27  ?  461 ARG A O   1 
ATOM   115 C CB  . ARG A 1 15 ? -0.124 2.265   5.369   1.00 23.15  ?  461 ARG A CB  1 
ATOM   116 C CG  . ARG A 1 15 ? 1.113  2.853   4.780   1.00 29.72  ?  461 ARG A CG  1 
ATOM   117 C CD  . ARG A 1 15 ? 1.985  3.487   5.837   1.00 35.30  ?  461 ARG A CD  1 
ATOM   118 N NE  . ARG A 1 15 ? 1.345  4.672   6.412   1.00 39.54  ?  461 ARG A NE  1 
ATOM   119 C CZ  . ARG A 1 15 ? 1.434  5.896   5.905   1.00 42.35  ?  461 ARG A CZ  1 
ATOM   120 N NH1 . ARG A 1 15 ? 2.114  6.110   4.786   1.00 43.61  ?  461 ARG A NH1 1 
ATOM   121 N NH2 . ARG A 1 15 ? 0.826  6.910   6.501   1.00 42.87  ?  461 ARG A NH2 1 
ATOM   122 N N   . ARG A 1 16 ? -3.051 1.106   5.377   1.00 20.27  ?  462 ARG A N   1 
ATOM   123 C CA  . ARG A 1 16 ? -4.162 0.459   6.072   1.00 19.86  ?  462 ARG A CA  1 
ATOM   124 C C   . ARG A 1 16 ? -4.653 -0.750  5.314   1.00 18.07  ?  462 ARG A C   1 
ATOM   125 O O   . ARG A 1 16 ? -5.059 -1.732  5.946   1.00 18.04  ?  462 ARG A O   1 
ATOM   126 C CB  . ARG A 1 16 ? -5.329 1.420   6.311   1.00 22.97  ?  462 ARG A CB  1 
ATOM   127 C CG  . ARG A 1 16 ? -4.988 2.644   7.125   1.00 31.26  ?  462 ARG A CG  1 
ATOM   128 C CD  . ARG A 1 16 ? -4.882 2.395   8.610   1.00 37.69  ?  462 ARG A CD  1 
ATOM   129 N NE  . ARG A 1 16 ? -3.648 1.696   8.969   1.00 44.17  ?  462 ARG A NE  1 
ATOM   130 C CZ  . ARG A 1 16 ? -2.479 2.289   9.187   1.00 47.70  ?  462 ARG A CZ  1 
ATOM   131 N NH1 . ARG A 1 16 ? -1.410 1.567   9.491   1.00 47.97  ?  462 ARG A NH1 1 
ATOM   132 N NH2 . ARG A 1 16 ? -2.369 3.607   9.091   1.00 48.71  ?  462 ARG A NH2 1 
ATOM   133 N N   . MET A 1 17 ? -4.632 -0.704  3.986   1.00 17.69  ?  463 MET A N   1 
ATOM   134 C CA  . MET A 1 17 ? -5.027 -1.842  3.172   1.00 17.05  ?  463 MET A CA  1 
ATOM   135 C C   . MET A 1 17 ? -4.019 -2.980  3.367   1.00 16.88  ?  463 MET A C   1 
ATOM   136 O O   . MET A 1 17 ? -4.452 -4.137  3.529   1.00 17.62  ?  463 MET A O   1 
ATOM   137 C CB  . MET A 1 17 ? -5.123 -1.430  1.696   1.00 17.40  ?  463 MET A CB  1 
ATOM   138 C CG  . MET A 1 17 ? -6.285 -0.502  1.443   1.00 19.06  ?  463 MET A CG  1 
ATOM   139 S SD  . MET A 1 17 ? -6.183 0.368   -0.145  1.00 23.49  ?  463 MET A SD  1 
ATOM   140 C CE  . MET A 1 17 ? -6.754 -0.888  -1.107  1.00 24.08  ?  463 MET A CE  1 
ATOM   141 N N   . GLN A 1 18 ? -2.718 -2.668  3.447   1.00 17.53  ?  464 GLN A N   1 
ATOM   142 C CA  . GLN A 1 18 ? -1.731 -3.717  3.684   1.00 17.96  ?  464 GLN A CA  1 
ATOM   143 C C   . GLN A 1 18 ? -1.885 -4.316  5.071   1.00 18.52  ?  464 GLN A C   1 
ATOM   144 O O   . GLN A 1 18 ? -1.738 -5.530  5.235   1.00 19.22  ?  464 GLN A O   1 
ATOM   145 C CB  . GLN A 1 18 ? -0.331 -3.159  3.511   1.00 19.56  ?  464 GLN A CB  1 
ATOM   146 C CG  . GLN A 1 18 ? -0.094 -2.834  2.062   1.00 23.79  ?  464 GLN A CG  1 
ATOM   147 C CD  . GLN A 1 18 ? 1.210  -2.192  1.785   1.00 28.42  ?  464 GLN A CD  1 
ATOM   148 O OE1 . GLN A 1 18 ? 2.273  -2.800  1.871   1.00 30.70  ?  464 GLN A OE1 1 
ATOM   149 N NE2 . GLN A 1 18 ? 1.127  -0.958  1.359   1.00 29.08  ?  464 GLN A NE2 1 
ATOM   150 N N   . GLU A 1 19 ? -2.232 -3.460  6.087   1.00 17.69  ?  465 GLU A N   1 
ATOM   151 C CA  . GLU A 1 19 ? -2.440 -3.924  7.460   1.00 19.14  ?  465 GLU A CA  1 
ATOM   152 C C   . GLU A 1 19 ? -3.578 -4.947  7.490   1.00 19.34  ?  465 GLU A C   1 
ATOM   153 O O   . GLU A 1 19 ? -3.468 -5.982  8.143   1.00 20.59  ?  465 GLU A O   1 
ATOM   154 C CB  . GLU A 1 19 ? -2.757 -2.708  8.370   1.00 22.49  ?  465 GLU A CB  1 
ATOM   155 C CG  . GLU A 1 19 ? -3.240 -3.063  9.771   1.00 27.17  ?  465 GLU A CG  1 
ATOM   156 C CD  . GLU A 1 19 ? -3.674 -1.877  10.620  1.00 33.59  ?  465 GLU A CD  1 
ATOM   157 O OE1 . GLU A 1 19 ? -3.305 -0.735  10.271  1.00 33.79  ?  465 GLU A OE1 1 
ATOM   158 O OE2 . GLU A 1 19 ? -4.364 -2.091  11.646  1.00 37.62  ?  465 GLU A OE2 1 
ATOM   159 N N   . MET A 1 20 ? -4.633 -4.698  6.741   1.00 18.47  ?  466 MET A N   1 
ATOM   160 C CA  . MET A 1 20 ? -5.746 -5.613  6.666   1.00 17.61  ?  466 MET A CA  1 
ATOM   161 C C   . MET A 1 20 ? -5.327 -6.929  6.017   1.00 17.65  ?  466 MET A C   1 
ATOM   162 O O   . MET A 1 20 ? -5.678 -7.973  6.513   1.00 18.42  ?  466 MET A O   1 
ATOM   163 C CB  . MET A 1 20 ? -6.887 -5.019  5.853   1.00 19.38  ?  466 MET A CB  1 
ATOM   164 C CG  . MET A 1 20 ? -8.045 -5.994  5.738   1.00 21.38  ?  466 MET A CG  1 
ATOM   165 S SD  . MET A 1 20 ? -9.557 -5.267  5.097   1.00 28.84  ?  466 MET A SD  1 
ATOM   166 C CE  . MET A 1 20 ? -8.934 -4.759  3.585   1.00 16.87  ?  466 MET A CE  1 
ATOM   167 N N   . LEU A 1 21 ? -4.607 -6.861  4.925   1.00 17.14  ?  467 LEU A N   1 
ATOM   168 C CA  . LEU A 1 21 ? -4.138 -8.092  4.268   1.00 17.55  ?  467 LEU A CA  1 
ATOM   169 C C   . LEU A 1 21 ? -3.230 -8.884  5.182   1.00 18.05  ?  467 LEU A C   1 
ATOM   170 O O   . LEU A 1 21 ? -3.349 -10.109 5.236   1.00 18.24  ?  467 LEU A O   1 
ATOM   171 C CB  . LEU A 1 21 ? -3.437 -7.833  2.961   1.00 18.77  ?  467 LEU A CB  1 
ATOM   172 C CG  . LEU A 1 21 ? -4.322 -7.249  1.863   1.00 21.11  ?  467 LEU A CG  1 
ATOM   173 C CD1 . LEU A 1 21 ? -3.565 -7.106  0.590   1.00 23.26  ?  467 LEU A CD1 1 
ATOM   174 C CD2 . LEU A 1 21 ? -5.644 -8.047  1.677   1.00 21.36  ?  467 LEU A CD2 1 
ATOM   175 N N   . HIS A 1 22 ? -2.362 -8.200  5.947   1.00 18.63  ?  468 HIS A N   1 
ATOM   176 C CA  . HIS A 1 22 ? -1.489 -8.916  6.884   1.00 20.31  ?  468 HIS A CA  1 
ATOM   177 C C   . HIS A 1 22 ? -2.268 -9.614  7.973   1.00 21.39  ?  468 HIS A C   1 
ATOM   178 O O   . HIS A 1 22 ? -1.906 -10.723 8.386   1.00 22.73  ?  468 HIS A O   1 
ATOM   179 C CB  . HIS A 1 22 ? -0.400 -8.020  7.486   1.00 22.42  ?  468 HIS A CB  1 
ATOM   180 C CG  . HIS A 1 22 ? 0.446  -7.349  6.471   1.00 24.78  ?  468 HIS A CG  1 
ATOM   181 N ND1 . HIS A 1 22 ? 0.708  -7.919  5.236   1.00 27.01  ?  468 HIS A ND1 1 
ATOM   182 C CD2 . HIS A 1 22 ? 1.098  -6.173  6.555   1.00 26.20  ?  468 HIS A CD2 1 
ATOM   183 C CE1 . HIS A 1 22 ? 1.442  -7.016  4.589   1.00 27.22  ?  468 HIS A CE1 1 
ATOM   184 N NE2 . HIS A 1 22 ? 1.713  -5.975  5.346   1.00 28.76  ?  468 HIS A NE2 1 
ATOM   185 N N   . LYS A 1 23 ? -3.348 -8.980  8.448   1.00 20.29  ?  469 LYS A N   1 
ATOM   186 C CA  . LYS A 1 23 ? -4.191 -9.588  9.468   1.00 21.66  ?  469 LYS A CA  1 
ATOM   187 C C   . LYS A 1 23 ? -4.887 -10.840 8.911   1.00 21.76  ?  469 LYS A C   1 
ATOM   188 O O   . LYS A 1 23 ? -5.021 -11.852 9.609   1.00 22.25  ?  469 LYS A O   1 
ATOM   189 C CB  . LYS A 1 23 ? -5.210 -8.552  9.980   1.00 24.59  ?  469 LYS A CB  1 
ATOM   190 C CG  . LYS A 1 23 ? -6.183 -9.097  10.998  1.00 30.05  ?  469 LYS A CG  1 
ATOM   191 C CD  . LYS A 1 23 ? -5.527 -9.436  12.336  1.00 36.49  ?  469 LYS A CD  1 
ATOM   192 C CE  . LYS A 1 23 ? -6.101 -10.705 12.911  1.00 42.14  ?  469 LYS A CE  1 
ATOM   193 N NZ  . LYS A 1 23 ? -5.430 -11.901 12.347  1.00 43.93  ?  469 LYS A NZ  1 
ATOM   194 N N   . ILE A 1 24 ? -5.295 -10.804 7.628   1.00 20.71  ?  470 ILE A N   1 
ATOM   195 C CA  . ILE A 1 24 ? -5.904 -11.978 6.985   1.00 20.84  ?  470 ILE A CA  1 
ATOM   196 C C   . ILE A 1 24 ? -4.866 -13.077 6.857   1.00 21.66  ?  470 ILE A C   1 
ATOM   197 O O   . ILE A 1 24 ? -5.160 -14.222 7.185   1.00 22.24  ?  470 ILE A O   1 
ATOM   198 C CB  . ILE A 1 24 ? -6.475 -11.555 5.614   1.00 21.53  ?  470 ILE A CB  1 
ATOM   199 C CG1 . ILE A 1 24 ? -7.725 -10.703 5.828   1.00 21.49  ?  470 ILE A CG1 1 
ATOM   200 C CG2 . ILE A 1 24 ? -6.809 -12.796 4.749   1.00 23.12  ?  470 ILE A CG2 1 
ATOM   201 C CD1 . ILE A 1 24 ? -8.182 -10.035 4.578   1.00 21.79  ?  470 ILE A CD1 1 
ATOM   202 N N   . GLN A 1 25 ? -3.635 -12.735 6.472   1.00 21.66  ?  471 GLN A N   1 
ATOM   203 C CA  . GLN A 1 25 ? -2.563 -13.723 6.352   1.00 22.27  ?  471 GLN A CA  1 
ATOM   204 C C   . GLN A 1 25 ? -2.302 -14.404 7.708   1.00 23.69  ?  471 GLN A C   1 
ATOM   205 O O   . GLN A 1 25 ? -2.112 -15.619 7.754   1.00 25.10  ?  471 GLN A O   1 
ATOM   206 C CB  . GLN A 1 25 ? -1.272 -13.083 5.848   1.00 23.32  ?  471 GLN A CB  1 
ATOM   207 C CG  . GLN A 1 25 ? -1.360 -12.620 4.408   1.00 23.58  ?  471 GLN A CG  1 
ATOM   208 C CD  . GLN A 1 25 ? -0.146 -11.820 3.969   1.00 28.13  ?  471 GLN A CD  1 
ATOM   209 O OE1 . GLN A 1 25 ? 0.376  -10.974 4.705   1.00 29.37  ?  471 GLN A OE1 1 
ATOM   210 N NE2 . GLN A 1 25 ? 0.305  -12.033 2.751   1.00 24.73  ?  471 GLN A NE2 1 
ATOM   211 N N   . LYS A 1 26 ? -2.287 -13.615 8.797   1.00 23.92  ?  472 LYS A N   1 
ATOM   212 C CA  . LYS A 1 26 ? -2.044 -14.154 10.140  1.00 25.11  ?  472 LYS A CA  1 
ATOM   213 C C   . LYS A 1 26 ? -3.166 -15.085 10.566  1.00 26.05  ?  472 LYS A C   1 
ATOM   214 O O   . LYS A 1 26 ? -2.907 -16.172 11.088  1.00 27.32  ?  472 LYS A O   1 
ATOM   215 C CB  . LYS A 1 26 ? -1.882 -13.003 11.147  1.00 27.98  ?  472 LYS A CB  1 
ATOM   216 C CG  . LYS A 1 26 ? -1.618 -13.455 12.580  1.00 34.57  ?  472 LYS A CG  1 
ATOM   217 C CD  . LYS A 1 26 ? -1.608 -12.265 13.529  1.00 41.94  ?  472 LYS A CD  1 
ATOM   218 C CE  . LYS A 1 26 ? -1.525 -12.700 14.972  1.00 47.92  ?  472 LYS A CE  1 
ATOM   219 N NZ  . LYS A 1 26 ? -1.678 -11.546 15.898  1.00 51.57  ?  472 LYS A NZ  1 
ATOM   220 N N   . GLN A 1 27 ? -4.410 -14.717 10.281  1.00 25.84  ?  473 GLN A N   1 
ATOM   221 C CA  . GLN A 1 27 ? -5.558 -15.548 10.623  1.00 25.41  ?  473 GLN A CA  1 
ATOM   222 C C   . GLN A 1 27 ? -5.574 -16.834 9.783   1.00 26.12  ?  473 GLN A C   1 
ATOM   223 O O   . GLN A 1 27 ? -5.876 -17.896 10.319  1.00 27.28  ?  473 GLN A O   1 
ATOM   224 C CB  . GLN A 1 27 ? -6.868 -14.745 10.460  1.00 27.59  ?  473 GLN A CB  1 
ATOM   225 C CG  . GLN A 1 27 ? -8.103 -15.517 10.940  1.00 34.81  ?  473 GLN A CG  1 
ATOM   226 C CD  . GLN A 1 27 ? -8.082 -15.821 12.421  1.00 42.62  ?  473 GLN A CD  1 
ATOM   227 O OE1 . GLN A 1 27 ? -7.985 -14.919 13.261  1.00 46.15  ?  473 GLN A OE1 1 
ATOM   228 N NE2 . GLN A 1 27 ? -8.201 -17.097 12.773  1.00 43.46  ?  473 GLN A NE2 1 
ATOM   229 N N   . MET A 1 28 ? -5.179 -16.766 8.510   1.00 26.34  ?  474 MET A N   1 
ATOM   230 C CA  . MET A 1 28 ? -5.091 -17.949 7.650   1.00 28.54  ?  474 MET A CA  1 
ATOM   231 C C   . MET A 1 28 ? -4.027 -18.927 8.165   1.00 30.27  ?  474 MET A C   1 
ATOM   232 O O   . MET A 1 28 ? -4.243 -20.138 8.153   1.00 30.96  ?  474 MET A O   1 
ATOM   233 C CB  . MET A 1 28 ? -4.803 -17.543 6.204   1.00 28.85  ?  474 MET A CB  1 
ATOM   234 C CG  . MET A 1 28 ? -6.006 -17.001 5.498   1.00 29.49  ?  474 MET A CG  1 
ATOM   235 S SD  . MET A 1 28 ? -5.629 -16.433 3.834   1.00 31.02  ?  474 MET A SD  1 
ATOM   236 C CE  . MET A 1 28 ? -5.360 -17.993 3.026   1.00 33.86  ?  474 MET A CE  1 
ATOM   237 N N   . LYS A 1 29 ? -2.925 -18.405 8.702   1.00 31.40  ?  475 LYS A N   1 
ATOM   238 C CA  . LYS A 1 29 ? -1.873 -19.242 9.284   1.00 33.82  ?  475 LYS A CA  1 
ATOM   239 C C   . LYS A 1 29 ? -2.363 -19.880 10.566  1.00 35.00  ?  475 LYS A C   1 
ATOM   240 O O   . LYS A 1 29 ? -2.015 -21.026 10.831  1.00 36.28  ?  475 LYS A O   1 
ATOM   241 C CB  . LYS A 1 29 ? -0.626 -18.391 9.566   1.00 37.91  ?  475 LYS A CB  1 
ATOM   242 C CG  . LYS A 1 29 ? 0.370  -18.394 8.428   1.00 44.77  ?  475 LYS A CG  1 
ATOM   243 C CD  . LYS A 1 29 ? 1.033  -19.749 8.297   1.00 51.54  ?  475 LYS A CD  1 
ATOM   244 C CE  . LYS A 1 29 ? 1.975  -19.770 7.127   1.00 56.72  ?  475 LYS A CE  1 
ATOM   245 N NZ  . LYS A 1 29 ? 2.561  -21.120 6.916   1.00 59.49  ?  475 LYS A NZ  1 
ATOM   246 N N   . GLU A 1 30 ? -3.151 -19.169 11.381  1.00 34.98  ?  476 GLU A N   1 
ATOM   247 C CA  . GLU A 1 30 ? -3.712 -19.749 12.602  1.00 36.44  ?  476 GLU A CA  1 
ATOM   248 C C   . GLU A 1 30 ? -4.778 -20.807 12.262  1.00 37.13  ?  476 GLU A C   1 
ATOM   249 O O   . GLU A 1 30 ? -4.900 -21.799 12.973  1.00 37.34  ?  476 GLU A O   1 
ATOM   250 C CB  . GLU A 1 30 ? -4.286 -18.675 13.531  1.00 38.78  ?  476 GLU A CB  1 
ATOM   251 C CG  . GLU A 1 30 ? -3.234 -17.726 14.074  1.00 44.31  ?  476 GLU A CG  1 
ATOM   252 C CD  . GLU A 1 30 ? -3.782 -16.474 14.730  1.00 54.59  ?  476 GLU A CD  1 
ATOM   253 O OE1 . GLU A 1 30 ? -4.979 -16.168 14.527  1.00 56.99  ?  476 GLU A OE1 1 
ATOM   254 O OE2 . GLU A 1 30 ? -3.007 -15.791 15.438  1.00 58.05  ?  476 GLU A OE2 1 
ATOM   255 N N   . ASN A 1 31 ? -5.522 -20.618 11.166  1.00 37.20  ?  477 ASN A N   1 
ATOM   256 C CA  . ASN A 1 31 ? -6.536 -21.568 10.708  1.00 38.86  ?  477 ASN A CA  1 
ATOM   257 C C   . ASN A 1 31 ? -5.912 -22.848 10.157  1.00 41.10  ?  477 ASN A C   1 
ATOM   258 O O   . ASN A 1 31 ? -4.824 -22.798 9.578   1.00 42.45  ?  477 ASN A O   1 
ATOM   259 C CB  . ASN A 1 31 ? -7.421 -20.932 9.642   1.00 38.67  ?  477 ASN A CB  1 
ATOM   260 C CG  . ASN A 1 31 ? -8.297 -19.820 10.166  1.00 41.06  ?  477 ASN A CG  1 
ATOM   261 O OD1 . ASN A 1 31 ? -8.435 -19.624 11.379  1.00 42.84  ?  477 ASN A OD1 1 
ATOM   262 N ND2 . ASN A 1 31 ? -8.899 -19.051 9.260   1.00 39.44  ?  477 ASN A ND2 1 
HETATM 263 N N   . NH2 A 1 32 ? -6.728 -23.896 10.042  1.00 41.32  ?  478 NH2 A N   1 
HETATM 264 C C   . ACE B 1 1  ? -1.944 -21.049 -2.940  1.00 34.62  ?  447 ACE B C   1 
HETATM 265 O O   . ACE B 1 1  ? -1.305 -19.999 -2.880  1.00 35.27  ?  447 ACE B O   1 
HETATM 266 C CH3 . ACE B 1 1  ? -1.600 -22.247 -2.031  1.00 35.12  ?  447 ACE B CH3 1 
ATOM   267 N N   . GLU B 1 2  ? -2.952 -21.241 -3.786  1.00 34.45  ?  448 GLU B N   1 
ATOM   268 C CA  . GLU B 1 2  ? -3.413 -20.214 -4.708  1.00 33.76  ?  448 GLU B CA  1 
ATOM   269 C C   . GLU B 1 2  ? -3.884 -18.936 -4.009  1.00 31.82  ?  448 GLU B C   1 
ATOM   270 O O   . GLU B 1 2  ? -3.478 -17.853 -4.418  1.00 31.06  ?  448 GLU B O   1 
ATOM   271 C CB  . GLU B 1 2  ? -4.521 -20.767 -5.612  1.00 37.19  ?  448 GLU B CB  1 
ATOM   272 N N   . THR B 1 3  ? -4.682 -19.056 -2.935  1.00 30.92  ?  449 THR B N   1 
ATOM   273 C CA  . THR B 1 3  ? -5.160 -17.857 -2.219  1.00 30.20  ?  449 THR B CA  1 
ATOM   274 C C   . THR B 1 3  ? -4.036 -17.132 -1.485  1.00 27.56  ?  449 THR B C   1 
ATOM   275 O O   . THR B 1 3  ? -3.974 -15.906 -1.499  1.00 25.79  ?  449 THR B O   1 
ATOM   276 C CB  . THR B 1 3  ? -6.310 -18.173 -1.278  1.00 33.28  ?  449 THR B CB  1 
ATOM   277 O OG1 . THR B 1 3  ? -7.348 -18.813 -2.024  1.00 35.96  ?  449 THR B OG1 1 
ATOM   278 C CG2 . THR B 1 3  ? -6.851 -16.930 -0.579  1.00 34.08  ?  449 THR B CG2 1 
ATOM   279 N N   . GLU B 1 4  ? -3.100 -17.880 -0.903  1.00 26.85  ?  450 GLU B N   1 
ATOM   280 C CA  . GLU B 1 4  ? -1.938 -17.274 -0.233  1.00 26.57  ?  450 GLU B CA  1 
ATOM   281 C C   . GLU B 1 4  ? -1.118 -16.456 -1.244  1.00 25.27  ?  450 GLU B C   1 
ATOM   282 O O   . GLU B 1 4  ? -0.704 -15.330 -0.962  1.00 24.53  ?  450 GLU B O   1 
ATOM   283 C CB  . GLU B 1 4  ? -1.058 -18.373 0.376   1.00 29.06  ?  450 GLU B CB  1 
ATOM   284 C CG  . GLU B 1 4  ? -1.589 -18.948 1.672   1.00 32.14  ?  450 GLU B CG  1 
ATOM   285 C CD  . GLU B 1 4  ? -2.610 -20.063 1.565   1.00 39.15  ?  450 GLU B CD  1 
ATOM   286 O OE1 . GLU B 1 4  ? -3.101 -20.352 0.447   1.00 38.62  ?  450 GLU B OE1 1 
ATOM   287 O OE2 . GLU B 1 4  ? -2.921 -20.654 2.624   1.00 42.08  ?  450 GLU B OE2 1 
ATOM   288 N N   . LYS B 1 5  ? -0.916 -17.020 -2.440  1.00 25.40  ?  451 LYS B N   1 
ATOM   289 C CA  . LYS B 1 5  ? -0.185 -16.320 -3.499  1.00 25.94  ?  451 LYS B CA  1 
ATOM   290 C C   . LYS B 1 5  ? -0.946 -15.080 -3.946  1.00 25.84  ?  451 LYS B C   1 
ATOM   291 O O   . LYS B 1 5  ? -0.350 -14.019 -4.110  1.00 25.61  ?  451 LYS B O   1 
ATOM   292 C CB  . LYS B 1 5  ? 0.054  -17.269 -4.679  1.00 29.25  ?  451 LYS B CB  1 
ATOM   293 C CG  . LYS B 1 5  ? 0.795  -16.616 -5.836  1.00 35.03  ?  451 LYS B CG  1 
ATOM   294 C CD  . LYS B 1 5  ? 1.429  -17.660 -6.740  1.00 40.37  ?  451 LYS B CD  1 
ATOM   295 C CE  . LYS B 1 5  ? 2.314  -17.058 -7.806  1.00 46.13  ?  451 LYS B CE  1 
ATOM   296 N NZ  . LYS B 1 5  ? 2.826  -18.098 -8.734  1.00 50.32  ?  451 LYS B NZ  1 
ATOM   297 N N   . LEU B 1 6  ? -2.268 -15.196 -4.086  1.00 25.09  ?  452 LEU B N   1 
ATOM   298 C CA  . LEU B 1 6  ? -3.127 -14.072 -4.463  1.00 24.76  ?  452 LEU B CA  1 
ATOM   299 C C   . LEU B 1 6  ? -3.017 -12.890 -3.464  1.00 22.05  ?  452 LEU B C   1 
ATOM   300 O O   . LEU B 1 6  ? -2.889 -11.730 -3.876  1.00 21.96  ?  452 LEU B O   1 
ATOM   301 C CB  . LEU B 1 6  ? -4.584 -14.575 -4.569  1.00 27.58  ?  452 LEU B CB  1 
ATOM   302 C CG  . LEU B 1 6  ? -5.675 -13.510 -4.740  1.00 31.38  ?  452 LEU B CG  1 
ATOM   303 C CD1 . LEU B 1 6  ? -5.472 -12.721 -6.027  1.00 33.34  ?  452 LEU B CD1 1 
ATOM   304 C CD2 . LEU B 1 6  ? -7.059 -14.161 -4.698  1.00 33.01  ?  452 LEU B CD2 1 
ATOM   305 N N   . ILE B 1 7  ? -3.008 -13.189 -2.169  1.00 21.49  ?  453 ILE B N   1 
ATOM   306 C CA  . ILE B 1 7  ? -2.932 -12.138 -1.150  1.00 21.36  ?  453 ILE B CA  1 
ATOM   307 C C   . ILE B 1 7  ? -1.555 -11.473 -1.173  1.00 20.46  ?  453 ILE B C   1 
ATOM   308 O O   . ILE B 1 7  ? -1.444 -10.235 -1.098  1.00 19.89  ?  453 ILE B O   1 
ATOM   309 C CB  . ILE B 1 7  ? -3.354 -12.676 0.234   1.00 22.45  ?  453 ILE B CB  1 
ATOM   310 C CG1 . ILE B 1 7  ? -4.835 -13.039 0.216   1.00 24.40  ?  453 ILE B CG1 1 
ATOM   311 C CG2 . ILE B 1 7  ? -3.102 -11.626 1.318   1.00 22.22  ?  453 ILE B CG2 1 
ATOM   312 C CD1 . ILE B 1 7  ? -5.287 -13.803 1.418   1.00 27.55  ?  453 ILE B CD1 1 
ATOM   313 N N   . ARG B 1 8  ? -0.490 -12.272 -1.369  1.00 21.34  ?  454 ARG B N   1 
ATOM   314 C CA  . ARG B 1 8  ? 0.860  -11.709 -1.514  1.00 21.04  ?  454 ARG B CA  1 
ATOM   315 C C   . ARG B 1 8  ? 0.926  -10.803 -2.739  1.00 21.47  ?  454 ARG B C   1 
ATOM   316 O O   . ARG B 1 8  ? 1.560  -9.738  -2.691  1.00 22.10  ?  454 ARG B O   1 
ATOM   317 C CB  . ARG B 1 8  ? 1.923  -12.820 -1.648  1.00 22.07  ?  454 ARG B CB  1 
ATOM   318 C CG  . ARG B 1 8  ? 2.198  -13.527 -0.332  1.00 24.62  ?  454 ARG B CG  1 
ATOM   319 C CD  . ARG B 1 8  ? 3.525  -14.283 -0.370  1.00 26.43  ?  454 ARG B CD  1 
ATOM   320 N NE  . ARG B 1 8  ? 3.480  -15.369 -1.346  1.00 29.73  ?  454 ARG B NE  1 
ATOM   321 C CZ  . ARG B 1 8  ? 3.025  -16.591 -1.088  1.00 30.76  ?  454 ARG B CZ  1 
ATOM   322 N NH1 . ARG B 1 8  ? 2.633  -16.914 0.138   1.00 31.58  ?  454 ARG B NH1 1 
ATOM   323 N NH2 . ARG B 1 8  ? 3.001  -17.512 -2.043  1.00 32.23  ?  454 ARG B NH2 1 
ATOM   324 N N   . GLU B 1 9  ? 0.269  -11.193 -3.836  1.00 21.11  ?  455 GLU B N   1 
ATOM   325 C CA  . GLU B 1 9  ? 0.236  -10.403 -5.060  1.00 21.75  ?  455 GLU B CA  1 
ATOM   326 C C   . GLU B 1 9  ? -0.453 -9.062  -4.780  1.00 20.59  ?  455 GLU B C   1 
ATOM   327 O O   . GLU B 1 9  ? 0.002  -8.041  -5.285  1.00 20.29  ?  455 GLU B O   1 
ATOM   328 C CB  . GLU B 1 9  ? -0.522 -11.155 -6.162  1.00 25.40  ?  455 GLU B CB  1 
ATOM   329 N N   . LYS B 1 10 ? -1.565 -9.051  -4.030  1.00 19.96  ?  456 LYS B N   1 
ATOM   330 C CA  . LYS B 1 10 ? -2.252 -7.799  -3.701  1.00 19.63  ?  456 LYS B CA  1 
ATOM   331 C C   . LYS B 1 10 ? -1.355 -6.904  -2.858  1.00 19.11  ?  456 LYS B C   1 
ATOM   332 O O   . LYS B 1 10 ? -1.308 -5.686  -3.080  1.00 18.54  ?  456 LYS B O   1 
ATOM   333 C CB  . LYS B 1 10 ? -3.614 -8.054  -3.044  1.00 21.83  ?  456 LYS B CB  1 
ATOM   334 C CG  . LYS B 1 10 ? -4.590 -8.790  -3.954  1.00 27.14  ?  456 LYS B CG  1 
ATOM   335 C CD  . LYS B 1 10 ? -4.942 -7.977  -5.204  1.00 33.09  ?  456 LYS B CD  1 
ATOM   336 C CE  . LYS B 1 10 ? -5.842 -8.743  -6.150  1.00 39.44  ?  456 LYS B CE  1 
ATOM   337 N NZ  . LYS B 1 10 ? -5.949 -8.064  -7.472  1.00 43.70  ?  456 LYS B NZ  1 
ATOM   338 N N   . ASP B 1 11 ? -0.607 -7.482  -1.920  1.00 18.88  ?  457 ASP B N   1 
ATOM   339 C CA  A ASP B 1 11 ? 0.317  -6.683  -1.103  0.50 19.78  ?  457 ASP B CA  1 
ATOM   340 C CA  B ASP B 1 11 ? 0.296  -6.700  -1.096  0.50 20.05  ?  457 ASP B CA  1 
ATOM   341 C C   . ASP B 1 11 ? 1.399  -6.064  -1.966  1.00 20.43  ?  457 ASP B C   1 
ATOM   342 O O   . ASP B 1 11 ? 1.743  -4.893  -1.771  1.00 20.45  ?  457 ASP B O   1 
ATOM   343 C CB  A ASP B 1 11 ? 0.957  -7.509  0.010   0.50 20.39  ?  457 ASP B CB  1 
ATOM   344 C CB  B ASP B 1 11 ? 0.864  -7.599  -0.003  0.50 21.51  ?  457 ASP B CB  1 
ATOM   345 C CG  A ASP B 1 11 ? 0.161  -7.539  1.279   0.50 23.10  ?  457 ASP B CG  1 
ATOM   346 C CG  B ASP B 1 11 ? 1.281  -6.894  1.254   0.50 25.85  ?  457 ASP B CG  1 
ATOM   347 O OD1 A ASP B 1 11 ? -0.563 -6.560  1.543   0.50 24.21  ?  457 ASP B OD1 1 
ATOM   348 O OD1 B ASP B 1 11 ? 0.935  -5.711  1.414   0.50 26.68  ?  457 ASP B OD1 1 
ATOM   349 O OD2 A ASP B 1 11 ? 0.263  -8.549  2.023   0.50 23.53  -1 457 ASP B OD2 1 
ATOM   350 O OD2 B ASP B 1 11 ? 1.972  -7.519  2.079   0.50 27.19  -1 457 ASP B OD2 1 
ATOM   351 N N   . GLU B 1 12 ? 1.942  -6.822  -2.954  1.00 20.83  ?  458 GLU B N   1 
ATOM   352 C CA  . GLU B 1 12 ? 2.946  -6.303  -3.875  1.00 22.11  ?  458 GLU B CA  1 
ATOM   353 C C   . GLU B 1 12 ? 2.365  -5.143  -4.674  1.00 21.70  ?  458 GLU B C   1 
ATOM   354 O O   . GLU B 1 12 ? 3.033  -4.126  -4.861  1.00 21.83  ?  458 GLU B O   1 
ATOM   355 C CB  . GLU B 1 12 ? 3.407  -7.398  -4.852  1.00 24.93  ?  458 GLU B CB  1 
ATOM   356 C CG  . GLU B 1 12 ? 4.720  -7.037  -5.525  1.00 33.66  ?  458 GLU B CG  1 
ATOM   357 C CD  . GLU B 1 12 ? 4.612  -6.380  -6.885  1.00 40.99  ?  458 GLU B CD  1 
ATOM   358 O OE1 . GLU B 1 12 ? 3.515  -6.429  -7.489  1.00 42.61  ?  458 GLU B OE1 1 
ATOM   359 O OE2 . GLU B 1 12 ? 5.631  -5.819  -7.348  1.00 41.00  ?  458 GLU B OE2 1 
ATOM   360 N N   . GLU B 1 13 ? 1.101  -5.252  -5.096  1.00 20.38  ?  459 GLU B N   1 
ATOM   361 C CA  . GLU B 1 13 ? 0.441  -4.182  -5.849  1.00 19.85  ?  459 GLU B CA  1 
ATOM   362 C C   . GLU B 1 13 ? 0.351  -2.914  -4.998  1.00 19.55  ?  459 GLU B C   1 
ATOM   363 O O   . GLU B 1 13 ? 0.661  -1.809  -5.478  1.00 19.36  ?  459 GLU B O   1 
ATOM   364 C CB  . GLU B 1 13 ? -0.970 -4.650  -6.194  1.00 22.13  ?  459 GLU B CB  1 
ATOM   365 C CG  . GLU B 1 13 ? -1.845 -3.654  -6.919  1.00 28.50  ?  459 GLU B CG  1 
ATOM   366 C CD  . GLU B 1 13 ? -3.189 -4.292  -7.188  1.00 39.40  ?  459 GLU B CD  1 
ATOM   367 O OE1 . GLU B 1 13 ? -3.204 -5.451  -7.657  1.00 41.22  ?  459 GLU B OE1 1 
ATOM   368 O OE2 . GLU B 1 13 ? -4.222 -3.662  -6.876  1.00 46.24  ?  459 GLU B OE2 1 
ATOM   369 N N   . LEU B 1 14 ? 0.019  -3.069  -3.722  1.00 18.13  ?  460 LEU B N   1 
ATOM   370 C CA  . LEU B 1 14 ? -0.119 -1.931  -2.820  1.00 18.27  ?  460 LEU B CA  1 
ATOM   371 C C   . LEU B 1 14 ? 1.245  -1.279  -2.614  1.00 18.32  ?  460 LEU B C   1 
ATOM   372 O O   . LEU B 1 14 ? 1.349  -0.042  -2.615  1.00 17.85  ?  460 LEU B O   1 
ATOM   373 C CB  . LEU B 1 14 ? -0.740 -2.377  -1.503  1.00 18.58  ?  460 LEU B CB  1 
ATOM   374 C CG  . LEU B 1 14 ? -2.196 -2.857  -1.619  1.00 19.37  ?  460 LEU B CG  1 
ATOM   375 C CD1 . LEU B 1 14 ? -2.640 -3.519  -0.336  1.00 21.21  ?  460 LEU B CD1 1 
ATOM   376 C CD2 . LEU B 1 14 ? -3.140 -1.711  -2.019  1.00 20.91  ?  460 LEU B CD2 1 
ATOM   377 N N   . ARG B 1 15 ? 2.317  -2.079  -2.491  1.00 18.80  ?  461 ARG B N   1 
ATOM   378 C CA  . ARG B 1 15 ? 3.656  -1.501  -2.393  1.00 19.68  ?  461 ARG B CA  1 
ATOM   379 C C   . ARG B 1 15 ? 4.031  -0.762  -3.674  1.00 19.58  ?  461 ARG B C   1 
ATOM   380 O O   . ARG B 1 15 ? 4.695  0.280   -3.571  1.00 20.62  ?  461 ARG B O   1 
ATOM   381 C CB  . ARG B 1 15 ? 4.693  -2.589  -2.075  1.00 21.15  ?  461 ARG B CB  1 
ATOM   382 C CG  . ARG B 1 15 ? 4.520  -3.192  -0.693  1.00 23.76  ?  461 ARG B CG  1 
ATOM   383 C CD  . ARG B 1 15 ? 5.696  -4.043  -0.267  1.00 27.45  ?  461 ARG B CD  1 
ATOM   384 N NE  . ARG B 1 15 ? 5.891  -5.211  -1.129  1.00 28.31  ?  461 ARG B NE  1 
ATOM   385 C CZ  . ARG B 1 15 ? 5.327  -6.394  -0.920  1.00 29.54  ?  461 ARG B CZ  1 
ATOM   386 N NH1 . ARG B 1 15 ? 4.506  -6.573  0.104   1.00 27.75  ?  461 ARG B NH1 1 
ATOM   387 N NH2 . ARG B 1 15 ? 5.581  -7.406  -1.735  1.00 32.33  ?  461 ARG B NH2 1 
ATOM   388 N N   . ARG B 1 16 ? 3.676  -1.264  -4.873  1.00 19.63  ?  462 ARG B N   1 
ATOM   389 C CA  . ARG B 1 16 ? 4.006  -0.549  -6.110  1.00 19.83  ?  462 ARG B CA  1 
ATOM   390 C C   . ARG B 1 16 ? 3.214  0.759   -6.182  1.00 18.92  ?  462 ARG B C   1 
ATOM   391 O O   . ARG B 1 16 ? 3.733  1.738   -6.706  1.00 18.91  ?  462 ARG B O   1 
ATOM   392 C CB  . ARG B 1 16 ? 3.731  -1.389  -7.367  1.00 23.35  ?  462 ARG B CB  1 
ATOM   393 C CG  . ARG B 1 16 ? 4.517  -2.687  -7.482  1.00 27.84  ?  462 ARG B CG  1 
ATOM   394 C CD  . ARG B 1 16 ? 5.987  -2.534  -7.853  1.00 31.19  ?  462 ARG B CD  1 
ATOM   395 N NE  . ARG B 1 16 ? 6.761  -1.910  -6.788  1.00 33.36  ?  462 ARG B NE  1 
ATOM   396 C CZ  . ARG B 1 16 ? 7.188  -2.530  -5.692  1.00 37.74  ?  462 ARG B CZ  1 
ATOM   397 N NH1 . ARG B 1 16 ? 6.940  -3.822  -5.512  1.00 36.92  ?  462 ARG B NH1 1 
ATOM   398 N NH2 . ARG B 1 16 ? 7.877  -1.865  -4.775  1.00 39.88  ?  462 ARG B NH2 1 
ATOM   399 N N   . MET B 1 17 ? 1.974  0.782   -5.675  1.00 17.68  ?  463 MET B N   1 
ATOM   400 C CA  . MET B 1 17 ? 1.193  2.005   -5.645  1.00 17.92  ?  463 MET B CA  1 
ATOM   401 C C   . MET B 1 17 ? 1.845  3.026   -4.699  1.00 18.44  ?  463 MET B C   1 
ATOM   402 O O   . MET B 1 17 ? 1.963  4.217   -5.055  1.00 18.62  ?  463 MET B O   1 
ATOM   403 C CB  . MET B 1 17 ? -0.227 1.664   -5.211  1.00 18.83  ?  463 MET B CB  1 
ATOM   404 C CG  . MET B 1 17 ? -0.991 0.934   -6.300  1.00 19.23  ?  463 MET B CG  1 
ATOM   405 S SD  . MET B 1 17 ? -2.488 0.134   -5.690  1.00 21.68  ?  463 MET B SD  1 
ATOM   406 C CE  . MET B 1 17 ? -3.512 1.492   -5.685  1.00 25.71  ?  463 MET B CE  1 
ATOM   407 N N   . GLN B 1 18 ? 2.380  2.570   -3.567  1.00 18.70  ?  464 GLN B N   1 
ATOM   408 C CA  . GLN B 1 18 ? 3.074  3.469   -2.655  1.00 19.22  ?  464 GLN B CA  1 
ATOM   409 C C   . GLN B 1 18 ? 4.342  4.023   -3.280  1.00 19.81  ?  464 GLN B C   1 
ATOM   410 O O   . GLN B 1 18 ? 4.629  5.211   -3.125  1.00 20.26  ?  464 GLN B O   1 
ATOM   411 C CB  . GLN B 1 18 ? 3.415  2.747   -1.371  1.00 21.39  ?  464 GLN B CB  1 
ATOM   412 C CG  . GLN B 1 18 ? 2.202  2.456   -0.551  1.00 23.84  ?  464 GLN B CG  1 
ATOM   413 C CD  . GLN B 1 18 ? 2.666  1.752   0.676   1.00 29.67  ?  464 GLN B CD  1 
ATOM   414 O OE1 . GLN B 1 18 ? 3.332  0.707   0.615   1.00 33.66  ?  464 GLN B OE1 1 
ATOM   415 N NE2 . GLN B 1 18 ? 2.362  2.330   1.807   1.00 28.79  ?  464 GLN B NE2 1 
ATOM   416 N N   . GLU B 1 19 ? 5.087  3.163   -4.035  1.00 19.91  ?  465 GLU B N   1 
ATOM   417 C CA  . GLU B 1 19 ? 6.316  3.586   -4.703  1.00 20.58  ?  465 GLU B CA  1 
ATOM   418 C C   . GLU B 1 19 ? 5.997  4.719   -5.686  1.00 20.62  ?  465 GLU B C   1 
ATOM   419 O O   . GLU B 1 19 ? 6.698  5.723   -5.740  1.00 21.64  ?  465 GLU B O   1 
ATOM   420 C CB  . GLU B 1 19 ? 6.934  2.358   -5.421  1.00 23.03  ?  465 GLU B CB  1 
ATOM   421 C CG  . GLU B 1 19 ? 8.125  2.689   -6.309  1.00 27.83  ?  465 GLU B CG  1 
ATOM   422 C CD  . GLU B 1 19 ? 8.647  1.507   -7.109  1.00 34.00  ?  465 GLU B CD  1 
ATOM   423 O OE1 . GLU B 1 19 ? 8.350  0.352   -6.732  1.00 36.47  ?  465 GLU B OE1 1 
ATOM   424 O OE2 . GLU B 1 19 ? 9.366  1.734   -8.107  1.00 39.30  ?  465 GLU B OE2 1 
ATOM   425 N N   . MET B 1 20 ? 4.889  4.580   -6.410  1.00 19.58  ?  466 MET B N   1 
ATOM   426 C CA  A MET B 1 20 ? 4.467  5.610   -7.346  0.67 18.78  ?  466 MET B CA  1 
ATOM   427 C CA  B MET B 1 20 ? 4.452  5.604   -7.354  0.33 19.19  ?  466 MET B CA  1 
ATOM   428 C C   . MET B 1 20 ? 4.130  6.910   -6.618  1.00 19.25  ?  466 MET B C   1 
ATOM   429 O O   . MET B 1 20 ? 4.561  7.979   -7.064  1.00 19.35  ?  466 MET B O   1 
ATOM   430 C CB  A MET B 1 20 ? 3.244  5.104   -8.103  0.67 18.14  ?  466 MET B CB  1 
ATOM   431 C CB  B MET B 1 20 ? 3.234  5.086   -8.139  0.33 19.19  ?  466 MET B CB  1 
ATOM   432 C CG  A MET B 1 20 ? 2.679  6.128   -9.046  0.67 19.92  ?  466 MET B CG  1 
ATOM   433 C CG  B MET B 1 20 ? 2.545  6.135   -9.000  0.33 20.84  ?  466 MET B CG  1 
ATOM   434 S SD  A MET B 1 20 ? 1.259  5.541   -9.967  0.67 24.58  ?  466 MET B SD  1 
ATOM   435 S SD  B MET B 1 20 ? 3.586  6.887   -10.276 0.33 23.67  ?  466 MET B SD  1 
ATOM   436 C CE  A MET B 1 20 ? 0.171  5.380   -8.815  0.67 20.15  ?  466 MET B CE  1 
ATOM   437 C CE  B MET B 1 20 ? 3.504  5.626   -11.556 0.33 22.40  ?  466 MET B CE  1 
ATOM   438 N N   . LEU B 1 21 ? 3.391  6.841   -5.507  1.00 19.13  ?  467 LEU B N   1 
ATOM   439 C CA  . LEU B 1 21 ? 3.071  8.066   -4.760  1.00 20.01  ?  467 LEU B CA  1 
ATOM   440 C C   . LEU B 1 21 ? 4.332  8.731   -4.231  1.00 21.24  ?  467 LEU B C   1 
ATOM   441 O O   . LEU B 1 21 ? 4.443  9.964   -4.263  1.00 21.42  ?  467 LEU B O   1 
ATOM   442 C CB  . LEU B 1 21 ? 2.149  7.786   -3.594  1.00 20.80  ?  467 LEU B CB  1 
ATOM   443 C CG  . LEU B 1 21 ? 0.761  7.301   -3.936  1.00 22.34  ?  467 LEU B CG  1 
ATOM   444 C CD1 . LEU B 1 21 ? -0.038 7.129   -2.659  1.00 25.08  ?  467 LEU B CD1 1 
ATOM   445 C CD2 . LEU B 1 21 ? 0.062  8.194   -5.011  1.00 21.96  ?  467 LEU B CD2 1 
ATOM   446 N N   . HIS B 1 22 ? 5.301  7.913   -3.783  1.00 22.30  ?  468 HIS B N   1 
ATOM   447 C CA  . HIS B 1 22 ? 6.555  8.497   -3.265  1.00 24.26  ?  468 HIS B CA  1 
ATOM   448 C C   . HIS B 1 22 ? 7.343  9.212   -4.366  1.00 24.78  ?  468 HIS B C   1 
ATOM   449 O O   . HIS B 1 22 ? 7.923  10.278  -4.132  1.00 26.24  ?  468 HIS B O   1 
ATOM   450 C CB  . HIS B 1 22 ? 7.389  7.456   -2.513  1.00 26.81  ?  468 HIS B CB  1 
ATOM   451 C CG  . HIS B 1 22 ? 6.674  6.868   -1.337  1.00 31.18  ?  468 HIS B CG  1 
ATOM   452 N ND1 . HIS B 1 22 ? 6.984  5.603   -0.867  1.00 35.00  ?  468 HIS B ND1 1 
ATOM   453 C CD2 . HIS B 1 22 ? 5.707  7.398   -0.550  1.00 32.62  ?  468 HIS B CD2 1 
ATOM   454 C CE1 . HIS B 1 22 ? 6.165  5.385   0.150   1.00 36.09  ?  468 HIS B CE1 1 
ATOM   455 N NE2 . HIS B 1 22 ? 5.387  6.439   0.386   1.00 34.81  ?  468 HIS B NE2 1 
ATOM   456 N N   . LYS B 1 23 ? 7.301  8.655   -5.583  1.00 24.19  ?  469 LYS B N   1 
ATOM   457 C CA  . LYS B 1 23 ? 7.963  9.283   -6.722  1.00 24.70  ?  469 LYS B CA  1 
ATOM   458 C C   . LYS B 1 23 ? 7.300  10.619  -7.056  1.00 24.38  ?  469 LYS B C   1 
ATOM   459 O O   . LYS B 1 23 ? 7.982  11.604  -7.350  1.00 25.54  ?  469 LYS B O   1 
ATOM   460 C CB  . LYS B 1 23 ? 7.926  8.334   -7.930  1.00 27.18  ?  469 LYS B CB  1 
ATOM   461 C CG  . LYS B 1 23 ? 8.483  8.933   -9.210  1.00 34.07  ?  469 LYS B CG  1 
ATOM   462 C CD  . LYS B 1 23 ? 9.995  9.098   -9.145  1.00 39.91  ?  469 LYS B CD  1 
ATOM   463 C CE  . LYS B 1 23 ? 10.546 9.611   -10.451 1.00 43.75  ?  469 LYS B CE  1 
ATOM   464 N NZ  . LYS B 1 23 ? 9.647  10.620  -11.068 1.00 46.86  ?  469 LYS B NZ  1 
ATOM   465 N N   . ILE B 1 24 ? 5.956  10.668  -6.967  1.00 23.25  ?  470 ILE B N   1 
ATOM   466 C CA  . ILE B 1 24 ? 5.239  11.926  -7.218  1.00 23.39  ?  470 ILE B CA  1 
ATOM   467 C C   . ILE B 1 24 ? 5.590  12.946  -6.139  1.00 24.80  ?  470 ILE B C   1 
ATOM   468 O O   . ILE B 1 24 ? 5.842  14.108  -6.460  1.00 25.63  ?  470 ILE B O   1 
ATOM   469 C CB  . ILE B 1 24 ? 3.724  11.659  -7.286  1.00 23.06  ?  470 ILE B CB  1 
ATOM   470 C CG1 . ILE B 1 24 ? 3.412  10.935  -8.596  1.00 22.50  ?  470 ILE B CG1 1 
ATOM   471 C CG2 . ILE B 1 24 ? 2.931  12.984  -7.188  1.00 23.90  ?  470 ILE B CG2 1 
ATOM   472 C CD1 . ILE B 1 24 ? 2.032  10.286  -8.589  1.00 22.98  ?  470 ILE B CD1 1 
ATOM   473 N N   . GLN B 1 25 ? 5.643  12.519  -4.871  1.00 25.80  ?  471 GLN B N   1 
ATOM   474 C CA  . GLN B 1 25 ? 5.989  13.389  -3.750  1.00 28.22  ?  471 GLN B CA  1 
ATOM   475 C C   . GLN B 1 25 ? 7.374  13.975  -3.953  1.00 31.00  ?  471 GLN B C   1 
ATOM   476 O O   . GLN B 1 25 ? 7.582  15.175  -3.723  1.00 31.82  ?  471 GLN B O   1 
ATOM   477 C CB  . GLN B 1 25 ? 5.933  12.603  -2.432  1.00 30.01  ?  471 GLN B CB  1 
ATOM   478 C CG  . GLN B 1 25 ? 4.516  12.296  -2.005  1.00 32.25  ?  471 GLN B CG  1 
ATOM   479 C CD  . GLN B 1 25 ? 4.510  11.418  -0.789  1.00 36.47  ?  471 GLN B CD  1 
ATOM   480 O OE1 . GLN B 1 25 ? 5.307  10.485  -0.672  1.00 38.74  ?  471 GLN B OE1 1 
ATOM   481 N NE2 . GLN B 1 25 ? 3.603  11.687  0.125   1.00 36.46  ?  471 GLN B NE2 1 
ATOM   482 N N   . LYS B 1 26 ? 8.324  13.145  -4.399  1.00 31.98  ?  472 LYS B N   1 
ATOM   483 C CA  . LYS B 1 26 ? 9.706  13.599  -4.620  1.00 33.79  ?  472 LYS B CA  1 
ATOM   484 C C   . LYS B 1 26 ? 9.757  14.625  -5.749  1.00 33.79  ?  472 LYS B C   1 
ATOM   485 O O   . LYS B 1 26 ? 10.415 15.662  -5.637  1.00 34.87  ?  472 LYS B O   1 
ATOM   486 C CB  . LYS B 1 26 ? 10.588 12.388  -4.958  1.00 37.02  ?  472 LYS B CB  1 
ATOM   487 C CG  . LYS B 1 26 ? 12.039 12.749  -5.241  1.00 43.22  ?  472 LYS B CG  1 
ATOM   488 C CD  . LYS B 1 26 ? 12.792 11.572  -5.838  1.00 49.20  ?  472 LYS B CD  1 
ATOM   489 C CE  . LYS B 1 26 ? 12.364 11.324  -7.263  1.00 54.56  ?  472 LYS B CE  1 
ATOM   490 N NZ  . LYS B 1 26 ? 12.734 12.466  -8.151  1.00 57.87  ?  472 LYS B NZ  1 
ATOM   491 N N   . GLN B 1 27 ? 9.037  14.356  -6.838  1.00 32.84  ?  473 GLN B N   1 
ATOM   492 C CA  . GLN B 1 27 ? 8.996  15.265  -7.981  1.00 32.59  ?  473 GLN B CA  1 
ATOM   493 C C   . GLN B 1 27 ? 8.286  16.582  -7.657  1.00 32.19  ?  473 GLN B C   1 
ATOM   494 O O   . GLN B 1 27 ? 8.708  17.619  -8.159  1.00 33.13  ?  473 GLN B O   1 
ATOM   495 C CB  . GLN B 1 27 ? 8.364  14.550  -9.188  1.00 33.84  ?  473 GLN B CB  1 
ATOM   496 N N   . MET B 1 28 ? 7.274  16.577  -6.774  1.00 32.11  ?  474 MET B N   1 
ATOM   497 C CA  . MET B 1 28 ? 6.593  17.809  -6.343  1.00 32.73  ?  474 MET B CA  1 
ATOM   498 C C   . MET B 1 28 ? 7.538  18.655  -5.486  1.00 35.37  ?  474 MET B C   1 
ATOM   499 O O   . MET B 1 28 ? 7.583  19.874  -5.627  1.00 35.59  ?  474 MET B O   1 
ATOM   500 C CB  . MET B 1 28 ? 5.328  17.522  -5.528  1.00 32.38  ?  474 MET B CB  1 
ATOM   501 C CG  . MET B 1 28 ? 4.220  16.903  -6.345  1.00 31.90  ?  474 MET B CG  1 
ATOM   502 S SD  . MET B 1 28 ? 2.749  16.447  -5.389  1.00 33.60  ?  474 MET B SD  1 
ATOM   503 C CE  . MET B 1 28 ? 2.224  18.065  -4.839  1.00 36.81  ?  474 MET B CE  1 
ATOM   504 N N   . LYS B 1 29 ? 8.293  18.006  -4.608  1.00 37.74  ?  475 LYS B N   1 
ATOM   505 C CA  . LYS B 1 29 ? 9.258  18.700  -3.754  1.00 41.03  ?  475 LYS B CA  1 
ATOM   506 C C   . LYS B 1 29 ? 10.347 19.328  -4.628  1.00 43.49  ?  475 LYS B C   1 
ATOM   507 O O   . LYS B 1 29 ? 10.675 20.502  -4.448  1.00 44.07  ?  475 LYS B O   1 
ATOM   508 C CB  . LYS B 1 29 ? 9.862  17.722  -2.758  1.00 42.32  ?  475 LYS B CB  1 
ATOM   509 N N   . GLU B 1 30 ? 10.817 18.599  -5.651  1.00 44.48  ?  476 GLU B N   1 
ATOM   510 C CA  . GLU B 1 30 ? 11.831 19.095  -6.594  1.00 46.96  ?  476 GLU B CA  1 
ATOM   511 C C   . GLU B 1 30 ? 11.295 20.280  -7.418  1.00 48.33  ?  476 GLU B C   1 
ATOM   512 O O   . GLU B 1 30 ? 12.013 21.263  -7.650  1.00 47.83  ?  476 GLU B O   1 
ATOM   513 C CB  . GLU B 1 30 ? 12.246 17.937  -7.519  1.00 50.10  ?  476 GLU B CB  1 
ATOM   514 C CG  . GLU B 1 30 ? 13.171 18.310  -8.659  1.00 56.30  ?  476 GLU B CG  1 
ATOM   515 C CD  . GLU B 1 30 ? 13.349 17.236  -9.715  1.00 63.84  ?  476 GLU B CD  1 
ATOM   516 O OE1 . GLU B 1 30 ? 12.545 16.276  -9.737  1.00 65.33  ?  476 GLU B OE1 1 
ATOM   517 O OE2 . GLU B 1 30 ? 14.293 17.362  -10.529 1.00 67.20  ?  476 GLU B OE2 1 
ATOM   518 N N   . ASN B 1 31 ? 10.016 20.185  -7.817  1.00 49.42  ?  477 ASN B N   1 
ATOM   519 C CA  . ASN B 1 31 ? 9.244  21.149  -8.608  1.00 50.95  ?  477 ASN B CA  1 
ATOM   520 C C   . ASN B 1 31 ? 9.283  20.836  -10.108 1.00 51.09  ?  477 ASN B C   1 
ATOM   521 O O   . ASN B 1 31 ? 9.125  19.676  -10.501 1.00 51.07  ?  477 ASN B O   1 
ATOM   522 C CB  . ASN B 1 31 ? 9.623  22.594  -8.318  1.00 53.14  ?  477 ASN B CB  1 
ATOM   523 C CG  . ASN B 1 31 ? 8.864  23.202  -7.170  1.00 56.85  ?  477 ASN B CG  1 
ATOM   524 O OD1 . ASN B 1 31 ? 8.055  24.110  -7.362  1.00 58.60  ?  477 ASN B OD1 1 
ATOM   525 N ND2 . ASN B 1 31 ? 9.103  22.722  -5.956  1.00 56.26  ?  477 ASN B ND2 1 
HETATM 526 S S   . SO4 C 2 .  ? -0.781 23.177  -3.012  1.00 53.36  ?  501 SO4 A S   1 
HETATM 527 O O1  . SO4 C 2 .  ? -1.124 23.611  -4.364  1.00 53.29  ?  501 SO4 A O1  1 
HETATM 528 O O2  . SO4 C 2 .  ? 0.464  23.831  -2.549  1.00 53.40  ?  501 SO4 A O2  1 
HETATM 529 O O3  . SO4 C 2 .  ? -0.589 21.725  -3.012  1.00 53.24  ?  501 SO4 A O3  1 
HETATM 530 O O4  . SO4 C 2 .  ? -1.858 23.547  -2.090  1.00 53.42  ?  501 SO4 A O4  1 
HETATM 531 C C   . ACT D 3 .  ? -7.209 -1.406  9.383   1.00 31.08  ?  502 ACT A C   1 
HETATM 532 O O   . ACT D 3 .  ? -6.453 -1.995  8.555   1.00 28.66  ?  502 ACT A O   1 
HETATM 533 O OXT . ACT D 3 .  ? -8.069 -1.924  10.167  1.00 32.55  ?  502 ACT A OXT 1 
HETATM 534 C CH3 . ACT D 3 .  ? -7.071 0.099   9.456   1.00 30.70  ?  502 ACT A CH3 1 
HETATM 535 S S   . SO4 E 2 .  ? 4.888  -15.695 -5.045  1.00 100.29 ?  501 SO4 B S   1 
HETATM 536 O O1  . SO4 E 2 .  ? 4.035  -16.833 -4.710  1.00 100.28 ?  501 SO4 B O1  1 
HETATM 537 O O2  . SO4 E 2 .  ? 5.061  -14.847 -3.866  1.00 100.34 ?  501 SO4 B O2  1 
HETATM 538 O O3  . SO4 E 2 .  ? 6.192  -16.187 -5.491  1.00 100.28 ?  501 SO4 B O3  1 
HETATM 539 O O4  . SO4 E 2 .  ? 4.261  -14.915 -6.111  1.00 100.32 ?  501 SO4 B O4  1 
HETATM 540 C C   . ACT F 3 .  ? 3.441  -10.306 1.803   1.00 30.65  ?  502 ACT B C   1 
HETATM 541 O O   . ACT F 3 .  ? 2.220  -10.183 1.664   1.00 29.26  ?  502 ACT B O   1 
HETATM 542 O OXT . ACT F 3 .  ? 4.191  -10.421 0.848   1.00 33.08  ?  502 ACT B OXT 1 
HETATM 543 C CH3 . ACT F 3 .  ? 4.057  -10.459 3.217   1.00 31.86  ?  502 ACT B CH3 1 
HETATM 544 O O   . HOH G 4 .  ? 2.483  14.346  -0.139  1.00 29.19  ?  601 HOH A O   1 
HETATM 545 O O   . HOH G 4 .  ? 3.369  9.744   2.343   1.00 37.31  ?  602 HOH A O   1 
HETATM 546 O O   . HOH G 4 .  ? 0.938  9.207   4.778   1.00 39.15  ?  603 HOH A O   1 
HETATM 547 O O   . HOH G 4 .  ? 0.527  -1.516  6.942   1.00 37.35  ?  604 HOH A O   1 
HETATM 548 O O   . HOH G 4 .  ? -5.928 -21.202 6.313   1.00 39.52  ?  605 HOH A O   1 
HETATM 549 O O   . HOH G 4 .  ? 0.750  -11.453 8.771   1.00 30.31  ?  606 HOH A O   1 
HETATM 550 O O   . HOH G 4 .  ? -0.292 -16.408 15.208  1.00 34.04  ?  607 HOH A O   1 
HETATM 551 O O   . HOH G 4 .  ? -1.873 -6.148  10.444  1.00 30.80  ?  608 HOH A O   1 
HETATM 552 O O   . HOH G 4 .  ? -1.255 -16.996 5.455   1.00 25.91  ?  609 HOH A O   1 
HETATM 553 O O   . HOH G 4 .  ? -5.670 19.542  -4.235  1.00 32.91  ?  610 HOH A O   1 
HETATM 554 O O   . HOH G 4 .  ? -2.530 -22.687 14.290  1.00 31.65  ?  611 HOH A O   1 
HETATM 555 O O   . HOH G 4 .  ? -1.675 21.249  -6.619  1.00 47.65  ?  612 HOH A O   1 
HETATM 556 O O   . HOH G 4 .  ? -4.389 24.460  -3.098  1.00 42.97  ?  613 HOH A O   1 
HETATM 557 O O   . HOH G 4 .  ? 0.734  -0.331  9.248   1.00 55.85  ?  614 HOH A O   1 
HETATM 558 O O   . HOH G 4 .  ? 0.861  19.639  3.273   1.00 40.29  ?  615 HOH A O   1 
HETATM 559 O O   . HOH G 4 .  ? -6.138 17.491  1.254   1.00 39.27  ?  616 HOH A O   1 
HETATM 560 O O   . HOH G 4 .  ? -5.346 -5.114  11.891  1.00 39.75  ?  617 HOH A O   1 
HETATM 561 O O   . HOH G 4 .  ? -1.466 -8.803  11.536  1.00 32.45  ?  618 HOH A O   1 
HETATM 562 O O   . HOH G 4 .  ? 1.304  -14.135 8.797   1.00 38.47  ?  619 HOH A O   1 
HETATM 563 O O   . HOH G 4 .  ? -9.501 10.722  0.647   1.00 58.61  ?  620 HOH A O   1 
HETATM 564 O O   . HOH G 4 .  ? 1.170  -9.613  10.661  1.00 42.70  ?  621 HOH A O   1 
HETATM 565 O O   . HOH G 4 .  ? -3.236 -19.703 17.133  1.00 34.94  ?  622 HOH A O   1 
HETATM 566 O O   . HOH G 4 .  ? -2.483 -15.805 3.274   1.00 24.45  ?  623 HOH A O   1 
HETATM 567 O O   . HOH H 4 .  ? 3.960  -9.754  -1.421  1.00 30.50  ?  601 HOH B O   1 
HETATM 568 O O   . HOH H 4 .  ? 12.606 22.048  -3.861  1.00 31.73  ?  602 HOH B O   1 
HETATM 569 O O   . HOH H 4 .  ? 6.842  0.549   -1.994  1.00 34.92  ?  603 HOH B O   1 
HETATM 570 O O   . HOH H 4 .  ? -0.576 -14.587 1.656   1.00 20.97  ?  604 HOH B O   1 
HETATM 571 O O   . HOH H 4 .  ? -2.137 -19.750 5.076   1.00 32.83  ?  605 HOH B O   1 
HETATM 572 O O   . HOH H 4 .  ? 7.728  10.088  0.560   1.00 47.86  ?  606 HOH B O   1 
HETATM 573 O O   . HOH H 4 .  ? 5.993  16.587  -1.977  1.00 34.57  ?  607 HOH B O   1 
HETATM 574 O O   . HOH H 4 .  ? -8.658 -20.770 -0.600  1.00 47.63  ?  608 HOH B O   1 
HETATM 575 O O   . HOH H 4 .  ? 9.382  5.678   -5.120  1.00 27.06  ?  609 HOH B O   1 
HETATM 576 O O   . HOH H 4 .  ? 1.383  -20.068 -2.174  1.00 37.75  ?  610 HOH B O   1 
HETATM 577 O O   . HOH H 4 .  ? 9.339  10.640  -1.758  1.00 33.01  ?  611 HOH B O   1 
HETATM 578 O O   . HOH H 4 .  ? -2.877 -17.054 -7.024  1.00 35.43  ?  612 HOH B O   1 
HETATM 579 O O   . HOH H 4 .  ? 5.644  1.817   -8.812  1.00 25.50  ?  613 HOH B O   1 
HETATM 580 O O   . HOH H 4 .  ? -7.793 -18.858 -4.872  1.00 34.10  ?  614 HOH B O   1 
HETATM 581 O O   . HOH H 4 .  ? 1.915  -15.398 2.609   1.00 24.91  ?  615 HOH B O   1 
HETATM 582 O O   . HOH H 4 .  ? -5.839 -21.713 -1.876  1.00 46.63  ?  616 HOH B O   1 
HETATM 583 O O   . HOH H 4 .  ? 9.800  13.246  -1.112  1.00 34.55  ?  617 HOH B O   1 
HETATM 584 O O   . HOH H 4 .  ? 3.596  -11.409 -5.429  1.00 40.74  ?  618 HOH B O   1 
HETATM 585 O O   . HOH H 4 .  ? 5.930  -11.523 -2.322  1.00 40.63  ?  619 HOH B O   1 
HETATM 586 O O   . HOH H 4 .  ? 15.555 21.073  -10.303 1.00 32.87  ?  620 HOH B O   1 
HETATM 587 O O   . HOH H 4 .  ? 3.462  15.643  -2.307  1.00 34.11  ?  621 HOH B O   1 
# 
loop_
_atom_site_anisotrop.id 
_atom_site_anisotrop.type_symbol 
_atom_site_anisotrop.pdbx_label_atom_id 
_atom_site_anisotrop.pdbx_label_alt_id 
_atom_site_anisotrop.pdbx_label_comp_id 
_atom_site_anisotrop.pdbx_label_asym_id 
_atom_site_anisotrop.pdbx_label_seq_id 
_atom_site_anisotrop.pdbx_PDB_ins_code 
_atom_site_anisotrop.U[1][1] 
_atom_site_anisotrop.U[2][2] 
_atom_site_anisotrop.U[3][3] 
_atom_site_anisotrop.U[1][2] 
_atom_site_anisotrop.U[1][3] 
_atom_site_anisotrop.U[2][3] 
_atom_site_anisotrop.pdbx_auth_seq_id 
_atom_site_anisotrop.pdbx_auth_comp_id 
_atom_site_anisotrop.pdbx_auth_asym_id 
_atom_site_anisotrop.pdbx_auth_atom_id 
1   C C   . ACE A 1  ? 1.0705 0.1828 0.4821 -0.0778 -0.0723 -0.0057 447 ACE A C   
2   O O   . ACE A 1  ? 1.0375 0.2026 0.4738 -0.0818 -0.0805 -0.0092 447 ACE A O   
3   C CH3 . ACE A 1  ? 1.1295 0.1661 0.4878 -0.1230 -0.1032 -0.0014 447 ACE A CH3 
4   N N   . GLU A 2  ? 1.0480 0.1651 0.4842 -0.0374 -0.0421 -0.0008 448 GLU A N   
5   C CA  . GLU A 2  ? 0.9809 0.1639 0.4784 0.0028  -0.0189 0.0021  448 GLU A CA  
6   C C   . GLU A 2  ? 0.8845 0.1807 0.4576 -0.0024 -0.0388 0.0100  448 GLU A C   
7   O O   . GLU A 2  ? 0.8459 0.1851 0.4449 0.0080  -0.0330 0.0047  448 GLU A O   
8   C CB  . GLU A 2  ? 1.0223 0.1907 0.5490 0.0416  0.0046  0.0163  448 GLU A CB  
9   N N   . THR A 3  ? 0.8490 0.1821 0.4495 -0.0175 -0.0561 0.0233  449 THR A N   
10  C CA  . THR A 3  ? 0.7846 0.2021 0.4375 -0.0207 -0.0658 0.0305  449 THR A CA  
11  C C   . THR A 3  ? 0.7461 0.1978 0.4128 -0.0461 -0.0769 0.0249  449 THR A C   
12  O O   . THR A 3  ? 0.6849 0.1935 0.3865 -0.0386 -0.0761 0.0227  449 THR A O   
13  C CB  . THR A 3  ? 0.8008 0.2245 0.4588 -0.0286 -0.0697 0.0470  449 THR A CB  
14  O OG1 . THR A 3  ? 0.8437 0.2360 0.4912 -0.0045 -0.0671 0.0560  449 THR A OG1 
15  C CG2 . THR A 3  ? 0.7747 0.2590 0.4623 -0.0304 -0.0697 0.0530  449 THR A CG2 
16  N N   . GLU A 4  ? 0.7772 0.1881 0.4173 -0.0778 -0.0921 0.0252  450 GLU A N   
17  C CA  . GLU A 4  ? 0.7583 0.1947 0.4179 -0.1065 -0.1135 0.0275  450 GLU A CA  
18  C C   . GLU A 4  ? 0.7593 0.1916 0.3947 -0.0936 -0.1106 0.0112  450 GLU A C   
19  O O   . GLU A 4  ? 0.7203 0.2099 0.3967 -0.0975 -0.1179 0.0137  450 GLU A O   
20  C CB  . GLU A 4  ? 0.8165 0.1915 0.4443 -0.1482 -0.1430 0.0352  450 GLU A CB  
21  C CG  . GLU A 4  ? 0.8652 0.2600 0.5417 -0.1683 -0.1462 0.0592  450 GLU A CG  
22  C CD  . GLU A 4  ? 0.9623 0.3041 0.6000 -0.1569 -0.1298 0.0591  450 GLU A CD  
23  O OE1 . GLU A 4  ? 0.9767 0.2750 0.5624 -0.1268 -0.1131 0.0424  450 GLU A OE1 
24  O OE2 . GLU A 4  ? 1.0081 0.3531 0.6760 -0.1769 -0.1309 0.0800  450 GLU A OE2 
25  N N   . LYS A 5  ? 0.8077 0.1672 0.3769 -0.0757 -0.0931 -0.0036 451 LYS A N   
26  C CA  . LYS A 5  ? 0.8194 0.1628 0.3593 -0.0597 -0.0774 -0.0170 451 LYS A CA  
27  C C   . LYS A 5  ? 0.7462 0.1768 0.3607 -0.0286 -0.0597 -0.0138 451 LYS A C   
28  O O   . LYS A 5  ? 0.7263 0.1860 0.3525 -0.0266 -0.0587 -0.0180 451 LYS A O   
29  C CB  . LYS A 5  ? 0.9366 0.1715 0.3910 -0.0411 -0.0458 -0.0296 451 LYS A CB  
30  N N   . LEU A 6  ? 0.7004 0.1640 0.3592 -0.0075 -0.0507 -0.0047 452 LEU A N   
31  C CA  . LEU A 6  ? 0.6346 0.1690 0.3571 0.0150  -0.0460 0.0016  452 LEU A CA  
32  C C   . LEU A 6  ? 0.5818 0.1805 0.3379 -0.0021 -0.0629 0.0031  452 LEU A C   
33  O O   . LEU A 6  ? 0.5576 0.1967 0.3426 0.0067  -0.0604 0.0005  452 LEU A O   
34  C CB  . LEU A 6  ? 0.6360 0.1749 0.3828 0.0319  -0.0473 0.0155  452 LEU A CB  
35  C CG  . LEU A 6  ? 0.6372 0.2355 0.4361 0.0436  -0.0601 0.0267  452 LEU A CG  
36  C CD1 . LEU A 6  ? 0.6365 0.2639 0.4823 0.0643  -0.0492 0.0285  452 LEU A CD1 
37  C CD2 . LEU A 6  ? 0.6540 0.2375 0.4566 0.0522  -0.0729 0.0439  452 LEU A CD2 
38  N N   . ILE A 7  ? 0.5591 0.1629 0.3157 -0.0257 -0.0751 0.0095  453 ILE A N   
39  C CA  . ILE A 7  ? 0.5175 0.1753 0.3141 -0.0376 -0.0798 0.0157  453 ILE A CA  
40  C C   . ILE A 7  ? 0.5076 0.1779 0.3116 -0.0504 -0.0903 0.0119  453 ILE A C   
41  O O   . ILE A 7  ? 0.4668 0.1825 0.3041 -0.0446 -0.0875 0.0119  453 ILE A O   
42  C CB  . ILE A 7  ? 0.5277 0.1881 0.3391 -0.0550 -0.0781 0.0310  453 ILE A CB  
43  C CG1 . ILE A 7  ? 0.5723 0.2135 0.3609 -0.0404 -0.0677 0.0352  453 ILE A CG1 
44  C CG2 . ILE A 7  ? 0.4928 0.2038 0.3565 -0.0631 -0.0709 0.0419  453 ILE A CG2 
45  C CD1 . ILE A 7  ? 0.6199 0.2455 0.4077 -0.0548 -0.0588 0.0501  453 ILE A CD1 
46  N N   . ARG A 8  ? 0.5537 0.1707 0.3128 -0.0672 -0.1039 0.0078  454 ARG A N   
47  C CA  . ARG A 8  ? 0.5755 0.1833 0.3179 -0.0823 -0.1207 0.0054  454 ARG A CA  
48  C C   . ARG A 8  ? 0.5678 0.1836 0.3010 -0.0560 -0.0994 -0.0071 454 ARG A C   
49  O O   . ARG A 8  ? 0.5476 0.1960 0.3022 -0.0597 -0.1064 -0.0051 454 ARG A O   
50  C CB  . ARG A 8  ? 0.6798 0.1965 0.3412 -0.1087 -0.1424 0.0019  454 ARG A CB  
51  C CG  . ARG A 8  ? 0.7291 0.2447 0.4166 -0.1464 -0.1774 0.0217  454 ARG A CG  
52  C CD  . ARG A 8  ? 0.8721 0.2909 0.4724 -0.1844 -0.2173 0.0214  454 ARG A CD  
53  N NE  . ARG A 8  ? 1.0170 0.3293 0.5067 -0.1735 -0.1963 -0.0002 454 ARG A NE  
54  C CZ  . ARG A 8  ? 1.1002 0.3580 0.5587 -0.1839 -0.1985 0.0004  454 ARG A CZ  
55  N NH1 . ARG A 8  ? 1.1708 0.3247 0.5283 -0.1687 -0.1717 -0.0187 454 ARG A NH1 
56  N NH2 . ARG A 8  ? 1.0798 0.3824 0.6108 -0.2079 -0.2219 0.0227  454 ARG A NH2 
57  N N   . GLU A 9  ? 0.5670 0.1601 0.2843 -0.0285 -0.0724 -0.0146 455 GLU A N   
58  C CA  . GLU A 9  ? 0.5499 0.1578 0.2821 -0.0026 -0.0481 -0.0190 455 GLU A CA  
59  C C   . GLU A 9  ? 0.4773 0.1670 0.2803 0.0034  -0.0547 -0.0131 455 GLU A C   
60  O O   . GLU A 9  ? 0.4634 0.1767 0.2830 0.0085  -0.0494 -0.0146 455 GLU A O   
61  C CB  . GLU A 9  ? 0.5996 0.1778 0.3329 0.0268  -0.0183 -0.0176 455 GLU A CB  
62  N N   . LYS A 10 ? 0.4561 0.1764 0.2889 0.0024  -0.0639 -0.0065 456 LYS A N   
63  C CA  . LYS A 10 ? 0.4162 0.1875 0.2890 0.0053  -0.0685 -0.0030 456 LYS A CA  
64  C C   . LYS A 10 ? 0.3919 0.1896 0.2805 -0.0094 -0.0738 -0.0020 456 LYS A C   
65  O O   . LYS A 10 ? 0.3570 0.1839 0.2687 -0.0039 -0.0719 -0.0034 456 LYS A O   
66  C CB  . LYS A 10 ? 0.4305 0.2005 0.3009 0.0050  -0.0727 0.0037  456 LYS A CB  
67  C CG  . LYS A 10 ? 0.4903 0.2392 0.3564 0.0199  -0.0761 0.0092  456 LYS A CG  
68  C CD  . LYS A 10 ? 0.5338 0.3062 0.4385 0.0354  -0.0813 0.0142  456 LYS A CD  
69  C CE  . LYS A 10 ? 0.5939 0.3505 0.5167 0.0504  -0.0888 0.0291  456 LYS A CE  
70  N NZ  . LYS A 10 ? 0.6180 0.4039 0.6073 0.0657  -0.0928 0.0432  456 LYS A NZ  
71  N N   . ASP A 11 ? 0.3992 0.1851 0.2822 -0.0292 -0.0838 0.0039  457 ASP A N   
72  C CA  . ASP A 11 ? 0.3909 0.2046 0.3071 -0.0440 -0.0944 0.0137  457 ASP A CA  
73  C C   . ASP A 11 ? 0.4009 0.2062 0.2973 -0.0436 -0.1009 0.0074  457 ASP A C   
74  O O   . ASP A 11 ? 0.3749 0.2143 0.3049 -0.0419 -0.1015 0.0118  457 ASP A O   
75  C CB  . ASP A 11 ? 0.4246 0.2253 0.3511 -0.0706 -0.1142 0.0294  457 ASP A CB  
76  C CG  . ASP A 11 ? 0.4756 0.3220 0.4772 -0.0830 -0.1205 0.0529  457 ASP A CG  
77  O OD1 . ASP A 11 ? 0.4621 0.3444 0.4989 -0.0677 -0.1024 0.0538  457 ASP A OD1 
78  O OD2 . ASP A 11 ? 0.4985 0.3426 0.5307 -0.1087 -0.1441 0.0738  457 ASP A OD2 
79  N N   . GLU A 12 ? 0.4496 0.1996 0.2844 -0.0428 -0.0991 -0.0026 458 GLU A N   
80  C CA  . GLU A 12 ? 0.4809 0.2025 0.2764 -0.0404 -0.0943 -0.0085 458 GLU A CA  
81  C C   . GLU A 12 ? 0.4282 0.1939 0.2661 -0.0170 -0.0724 -0.0114 458 GLU A C   
82  O O   . GLU A 12 ? 0.4148 0.1947 0.2602 -0.0187 -0.0741 -0.0091 458 GLU A O   
83  C CB  . GLU A 12 ? 0.5951 0.2309 0.3055 -0.0375 -0.0791 -0.0188 458 GLU A CB  
84  C CG  . GLU A 12 ? 0.7322 0.3065 0.3683 -0.0429 -0.0734 -0.0231 458 GLU A CG  
85  C CD  . GLU A 12 ? 0.8300 0.4116 0.4781 -0.0137 -0.0300 -0.0266 458 GLU A CD  
86  O OE1 . GLU A 12 ? 0.8166 0.4381 0.5262 0.0119  -0.0047 -0.0251 458 GLU A OE1 
87  O OE2 . GLU A 12 ? 0.8790 0.4240 0.4779 -0.0186 -0.0240 -0.0268 458 GLU A OE2 
88  N N   . GLU A 13 ? 0.3905 0.1765 0.2588 0.0015  -0.0581 -0.0128 459 GLU A N   
89  C CA  A GLU A 13 ? 0.3532 0.1782 0.2684 0.0175  -0.0485 -0.0107 459 GLU A CA  
90  C CA  B GLU A 13 ? 0.3510 0.1765 0.2667 0.0174  -0.0486 -0.0106 459 GLU A CA  
91  C C   . GLU A 13 ? 0.3163 0.1818 0.2621 0.0095  -0.0610 -0.0086 459 GLU A C   
92  O O   . GLU A 13 ? 0.2941 0.1775 0.2593 0.0130  -0.0571 -0.0076 459 GLU A O   
93  C CB  A GLU A 13 ? 0.3666 0.1995 0.3074 0.0301  -0.0485 -0.0062 459 GLU A CB  
94  C CB  B GLU A 13 ? 0.3562 0.1922 0.2998 0.0300  -0.0492 -0.0060 459 GLU A CB  
95  C CG  A GLU A 13 ? 0.3851 0.2535 0.3781 0.0389  -0.0539 0.0017  459 GLU A CG  
96  C CG  B GLU A 13 ? 0.4042 0.2091 0.3448 0.0471  -0.0289 -0.0020 459 GLU A CG  
97  C CD  A GLU A 13 ? 0.4448 0.3125 0.4594 0.0463  -0.0668 0.0124  459 GLU A CD  
98  C CD  B GLU A 13 ? 0.4727 0.2937 0.4583 0.0592  -0.0378 0.0110  459 GLU A CD  
99  O OE1 A GLU A 13 ? 0.4511 0.3169 0.5025 0.0626  -0.0544 0.0246  459 GLU A OE1 
100 O OE1 B GLU A 13 ? 0.5205 0.3229 0.5260 0.0779  -0.0177 0.0207  459 GLU A OE1 
101 O OE2 A GLU A 13 ? 0.5049 0.3670 0.4974 0.0366  -0.0865 0.0114  459 GLU A OE2 
102 O OE2 B GLU A 13 ? 0.4894 0.3333 0.4864 0.0503  -0.0643 0.0138  459 GLU A OE2 
103 N N   . LEU A 14 ? 0.2955 0.1695 0.2464 0.0002  -0.0698 -0.0057 460 LEU A N   
104 C CA  . LEU A 14 ? 0.2746 0.1749 0.2534 -0.0025 -0.0693 -0.0016 460 LEU A CA  
105 C C   . LEU A 14 ? 0.2716 0.1826 0.2642 -0.0106 -0.0759 0.0048  460 LEU A C   
106 O O   . LEU A 14 ? 0.2491 0.1783 0.2639 -0.0062 -0.0716 0.0062  460 LEU A O   
107 C CB  . LEU A 14 ? 0.2794 0.1776 0.2636 -0.0071 -0.0636 0.0049  460 LEU A CB  
108 C CG  . LEU A 14 ? 0.2995 0.1759 0.2555 -0.0009 -0.0596 0.0006  460 LEU A CG  
109 C CD1 . LEU A 14 ? 0.3262 0.1901 0.2782 -0.0062 -0.0468 0.0091  460 LEU A CD1 
110 C CD2 . LEU A 14 ? 0.3317 0.2014 0.2756 0.0056  -0.0604 -0.0047 460 LEU A CD2 
111 N N   . ARG A 15 ? 0.2976 0.1868 0.2678 -0.0246 -0.0906 0.0098  461 ARG A N   
112 C CA  . ARG A 15 ? 0.3093 0.1954 0.2785 -0.0369 -0.1078 0.0195  461 ARG A CA  
113 C C   . ARG A 15 ? 0.3130 0.1871 0.2562 -0.0269 -0.0954 0.0111  461 ARG A C   
114 O O   . ARG A 15 ? 0.3058 0.1957 0.2687 -0.0282 -0.0999 0.0183  461 ARG A O   
115 C CB  . ARG A 15 ? 0.3721 0.2124 0.2952 -0.0603 -0.1351 0.0259  461 ARG A CB  
116 C CG  . ARG A 15 ? 0.4335 0.2928 0.4027 -0.0756 -0.1521 0.0429  461 ARG A CG  
117 C CD  . ARG A 15 ? 0.5280 0.3461 0.4673 -0.1088 -0.1971 0.0587  461 ARG A CD  
118 N NE  . ARG A 15 ? 0.6424 0.3811 0.4787 -0.1160 -0.1992 0.0408  461 ARG A NE  
119 C CZ  . ARG A 15 ? 0.6918 0.4065 0.5109 -0.1209 -0.1973 0.0365  461 ARG A CZ  
120 N NH1 . ARG A 15 ? 0.6647 0.4309 0.5614 -0.1204 -0.1926 0.0492  461 ARG A NH1 
121 N NH2 . ARG A 15 ? 0.7598 0.3902 0.4787 -0.1245 -0.1935 0.0202  461 ARG A NH2 
122 N N   . ARG A 16 ? 0.3380 0.1851 0.2472 -0.0153 -0.0759 0.0000  462 ARG A N   
123 C CA  . ARG A 16 ? 0.3386 0.1768 0.2391 -0.0038 -0.0544 -0.0023 462 ARG A CA  
124 C C   . ARG A 16 ? 0.2786 0.1670 0.2410 0.0055  -0.0501 -0.0004 462 ARG A C   
125 O O   . ARG A 16 ? 0.2750 0.1668 0.2439 0.0073  -0.0423 0.0033  462 ARG A O   
126 C CB  . ARG A 16 ? 0.3984 0.2010 0.2733 0.0114  -0.0248 -0.0073 462 ARG A CB  
127 C CG  . ARG A 16 ? 0.5571 0.2839 0.3466 0.0031  -0.0223 -0.0125 462 ARG A CG  
128 C CD  . ARG A 16 ? 0.6908 0.3473 0.3941 -0.0073 -0.0168 -0.0123 462 ARG A CD  
129 N NE  . ARG A 16 ? 0.7724 0.4377 0.4683 -0.0330 -0.0613 -0.0041 462 ARG A NE  
130 C CZ  . ARG A 16 ? 0.8391 0.4742 0.4989 -0.0596 -0.1025 0.0011  462 ARG A CZ  
131 N NH1 . ARG A 16 ? 0.8288 0.4836 0.5101 -0.0813 -0.1447 0.0175  462 ARG A NH1 
132 N NH2 . ARG A 16 ? 0.8845 0.4702 0.4962 -0.0658 -0.1040 -0.0060 462 ARG A NH2 
133 N N   . MET A 17 ? 0.2542 0.1688 0.2492 0.0089  -0.0558 -0.0025 463 MET A N   
134 C CA  . MET A 17 ? 0.2259 0.1656 0.2564 0.0122  -0.0579 -0.0021 463 MET A CA  
135 C C   . MET A 17 ? 0.2173 0.1666 0.2575 0.0067  -0.0616 0.0018  463 MET A C   
136 O O   . MET A 17 ? 0.2186 0.1754 0.2753 0.0081  -0.0590 0.0034  463 MET A O   
137 C CB  . MET A 17 ? 0.2306 0.1689 0.2617 0.0132  -0.0657 -0.0053 463 MET A CB  
138 C CG  . MET A 17 ? 0.2496 0.1845 0.2899 0.0200  -0.0677 -0.0023 463 MET A CG  
139 S SD  . MET A 17 ? 0.3193 0.2359 0.3375 0.0178  -0.0833 -0.0030 463 MET A SD  
140 C CE  . MET A 17 ? 0.3282 0.2386 0.3482 0.0101  -0.1032 -0.0016 463 MET A CE  
141 N N   . GLN A 18 ? 0.2253 0.1748 0.2657 0.0001  -0.0678 0.0080  464 GLN A N   
142 C CA  . GLN A 18 ? 0.2162 0.1795 0.2869 -0.0021 -0.0700 0.0199  464 GLN A CA  
143 C C   . GLN A 18 ? 0.2287 0.1857 0.2892 -0.0076 -0.0798 0.0270  464 GLN A C   
144 O O   . GLN A 18 ? 0.2266 0.1931 0.3109 -0.0047 -0.0775 0.0337  464 GLN A O   
145 C CB  . GLN A 18 ? 0.2242 0.1967 0.3223 -0.0090 -0.0766 0.0348  464 GLN A CB  
146 C CG  . GLN A 18 ? 0.2766 0.2469 0.3805 -0.0009 -0.0557 0.0303  464 GLN A CG  
147 C CD  . GLN A 18 ? 0.3181 0.3001 0.4616 -0.0065 -0.0532 0.0489  464 GLN A CD  
148 O OE1 . GLN A 18 ? 0.3193 0.3225 0.5248 -0.0050 -0.0469 0.0712  464 GLN A OE1 
149 N NE2 . GLN A 18 ? 0.3391 0.3082 0.4574 -0.0116 -0.0553 0.0436  464 GLN A NE2 
150 N N   . GLU A 19 ? 0.2446 0.1715 0.2559 -0.0155 -0.0870 0.0251  465 GLU A N   
151 C CA  . GLU A 19 ? 0.2861 0.1831 0.2579 -0.0223 -0.0921 0.0314  465 GLU A CA  
152 C C   . GLU A 19 ? 0.2803 0.1874 0.2673 -0.0103 -0.0686 0.0272  465 GLU A C   
153 O O   . GLU A 19 ? 0.2966 0.2005 0.2850 -0.0131 -0.0718 0.0365  465 GLU A O   
154 C CB  . GLU A 19 ? 0.3758 0.2125 0.2661 -0.0303 -0.0917 0.0259  465 GLU A CB  
155 C CG  . GLU A 19 ? 0.4786 0.2574 0.2962 -0.0350 -0.0832 0.0291  465 GLU A CG  
156 C CD  . GLU A 19 ? 0.6228 0.3165 0.3371 -0.0390 -0.0684 0.0206  465 GLU A CD  
157 O OE1 . GLU A 19 ? 0.6366 0.3143 0.3332 -0.0450 -0.0796 0.0148  465 GLU A OE1 
158 O OE2 . GLU A 19 ? 0.7176 0.3503 0.3614 -0.0358 -0.0410 0.0206  465 GLU A OE2 
159 N N   . MET A 20 ? 0.2581 0.1786 0.2651 0.0008  -0.0500 0.0175  466 MET A N   
160 C CA  . MET A 20 ? 0.2317 0.1665 0.2709 0.0074  -0.0348 0.0193  466 MET A CA  
161 C C   . MET A 20 ? 0.2139 0.1693 0.2874 0.0053  -0.0453 0.0209  466 MET A C   
162 O O   . MET A 20 ? 0.2204 0.1749 0.3045 0.0041  -0.0400 0.0274  466 MET A O   
163 C CB  . MET A 20 ? 0.2390 0.1877 0.3098 0.0154  -0.0255 0.0167  466 MET A CB  
164 C CG  . MET A 20 ? 0.2411 0.2083 0.3630 0.0168  -0.0172 0.0262  466 MET A CG  
165 S SD  . MET A 20 ? 0.3067 0.2955 0.4934 0.0240  -0.0118 0.0377  466 MET A SD  
166 C CE  . MET A 20 ? 0.1589 0.1495 0.3329 0.0186  -0.0417 0.0277  466 MET A CE  
167 N N   . LEU A 21 ? 0.2014 0.1648 0.2851 0.0059  -0.0539 0.0159  467 LEU A N   
168 C CA  . LEU A 21 ? 0.2007 0.1637 0.3025 0.0074  -0.0530 0.0166  467 LEU A CA  
169 C C   . LEU A 21 ? 0.2021 0.1672 0.3164 0.0071  -0.0550 0.0306  467 LEU A C   
170 O O   . LEU A 21 ? 0.2020 0.1617 0.3294 0.0089  -0.0503 0.0342  467 LEU A O   
171 C CB  . LEU A 21 ? 0.2211 0.1744 0.3176 0.0111  -0.0486 0.0106  467 LEU A CB  
172 C CG  . LEU A 21 ? 0.2634 0.2017 0.3369 0.0085  -0.0547 -0.0009 467 LEU A CG  
173 C CD1 . LEU A 21 ? 0.3098 0.2187 0.3552 0.0117  -0.0442 -0.0063 467 LEU A CD1 
174 C CD2 . LEU A 21 ? 0.2675 0.1976 0.3467 0.0011  -0.0670 -0.0023 467 LEU A CD2 
175 N N   . HIS A 22 ? 0.2104 0.1781 0.3194 0.0019  -0.0676 0.0417  468 HIS A N   
176 C CA  . HIS A 22 ? 0.2264 0.1942 0.3511 -0.0024 -0.0820 0.0626  468 HIS A CA  
177 C C   . HIS A 22 ? 0.2569 0.2046 0.3513 -0.0065 -0.0817 0.0657  468 HIS A C   
178 O O   . HIS A 22 ? 0.2675 0.2144 0.3815 -0.0057 -0.0862 0.0799  468 HIS A O   
179 C CB  . HIS A 22 ? 0.2536 0.2205 0.3776 -0.0151 -0.1100 0.0795  468 HIS A CB  
180 C CG  . HIS A 22 ? 0.2618 0.2512 0.4284 -0.0118 -0.1060 0.0826  468 HIS A CG  
181 N ND1 . HIS A 22 ? 0.2717 0.2746 0.4798 0.0045  -0.0766 0.0796  468 HIS A ND1 
182 C CD2 . HIS A 22 ? 0.2798 0.2696 0.4459 -0.0243 -0.1254 0.0903  468 HIS A CD2 
183 C CE1 . HIS A 22 ? 0.2628 0.2767 0.4947 0.0039  -0.0728 0.0852  468 HIS A CE1 
184 N NE2 . HIS A 22 ? 0.2877 0.3005 0.5047 -0.0139 -0.1040 0.0929  468 HIS A NE2 
185 N N   . LYS A 23 ? 0.2643 0.1924 0.3141 -0.0089 -0.0706 0.0554  469 LYS A N   
186 C CA  . LYS A 23 ? 0.3000 0.2029 0.3201 -0.0106 -0.0572 0.0605  469 LYS A CA  
187 C C   . LYS A 23 ? 0.2788 0.2018 0.3463 -0.0049 -0.0436 0.0593  469 LYS A C   
188 O O   . LYS A 23 ? 0.2904 0.2001 0.3548 -0.0073 -0.0402 0.0705  469 LYS A O   
189 C CB  . LYS A 23 ? 0.3624 0.2362 0.3356 -0.0089 -0.0336 0.0529  469 LYS A CB  
190 C CG  . LYS A 23 ? 0.4517 0.2936 0.3967 -0.0071 -0.0040 0.0609  469 LYS A CG  
191 C CD  . LYS A 23 ? 0.5790 0.3629 0.4445 -0.0194 -0.0172 0.0741  469 LYS A CD  
192 C CE  . LYS A 23 ? 0.6510 0.4264 0.5237 -0.0184 0.0015  0.0865  469 LYS A CE  
193 N NZ  . LYS A 23 ? 0.6382 0.4555 0.5756 -0.0198 -0.0251 0.0935  469 LYS A NZ  
194 N N   . ILE A 24 ? 0.2464 0.1911 0.3493 -0.0007 -0.0405 0.0471  470 ILE A N   
195 C CA  . ILE A 24 ? 0.2367 0.1842 0.3710 -0.0018 -0.0375 0.0455  470 ILE A CA  
196 C C   . ILE A 24 ? 0.2474 0.1854 0.3902 0.0014  -0.0418 0.0512  470 ILE A C   
197 O O   . ILE A 24 ? 0.2554 0.1819 0.4074 -0.0009 -0.0382 0.0582  470 ILE A O   
198 C CB  . ILE A 24 ? 0.2393 0.1925 0.3862 -0.0035 -0.0441 0.0328  470 ILE A CB  
199 C CG1 . ILE A 24 ? 0.2276 0.1959 0.3932 -0.0047 -0.0382 0.0364  470 ILE A CG1 
200 C CG2 . ILE A 24 ? 0.2636 0.1961 0.4189 -0.0107 -0.0519 0.0293  470 ILE A CG2 
201 C CD1 . ILE A 24 ? 0.2262 0.1993 0.4024 -0.0076 -0.0542 0.0293  470 ILE A CD1 
202 N N   . GLN A 25 ? 0.2440 0.1865 0.3924 0.0080  -0.0459 0.0531  471 GLN A N   
203 C CA  . GLN A 25 ? 0.2446 0.1807 0.4205 0.0167  -0.0419 0.0657  471 GLN A CA  
204 C C   . GLN A 25 ? 0.2618 0.1956 0.4427 0.0131  -0.0536 0.0875  471 GLN A C   
205 O O   . GLN A 25 ? 0.2775 0.1981 0.4780 0.0186  -0.0472 0.0968  471 GLN A O   
206 C CB  . GLN A 25 ? 0.2442 0.1944 0.4475 0.0250  -0.0399 0.0735  471 GLN A CB  
207 C CG  . GLN A 25 ? 0.2576 0.1937 0.4446 0.0306  -0.0217 0.0545  471 GLN A CG  
208 C CD  . GLN A 25 ? 0.2993 0.2516 0.5178 0.0381  -0.0134 0.0655  471 GLN A CD  
209 O OE1 . GLN A 25 ? 0.2987 0.2795 0.5379 0.0303  -0.0351 0.0799  471 GLN A OE1 
210 N NE2 . GLN A 25 ? 0.2665 0.1911 0.4819 0.0511  0.0189  0.0602  471 GLN A NE2 
211 N N   . LYS A 26 ? 0.2751 0.2084 0.4254 0.0029  -0.0711 0.0961  472 LYS A N   
212 C CA  . LYS A 26 ? 0.3044 0.2168 0.4332 -0.0051 -0.0879 0.1183  472 LYS A CA  
213 C C   . LYS A 26 ? 0.3291 0.2216 0.4390 -0.0067 -0.0691 0.1157  472 LYS A C   
214 O O   . LYS A 26 ? 0.3471 0.2255 0.4655 -0.0064 -0.0738 0.1329  472 LYS A O   
215 C CB  . LYS A 26 ? 0.3695 0.2576 0.4357 -0.0199 -0.1100 0.1239  472 LYS A CB  
216 C CG  . LYS A 26 ? 0.4857 0.3290 0.4987 -0.0336 -0.1343 0.1478  472 LYS A CG  
217 C CD  . LYS A 26 ? 0.6296 0.4188 0.5452 -0.0517 -0.1532 0.1479  472 LYS A CD  
218 C CE  . LYS A 26 ? 0.7587 0.4764 0.5856 -0.0686 -0.1752 0.1693  472 LYS A CE  
219 N NZ  . LYS A 26 ? 0.8761 0.5103 0.5731 -0.0874 -0.1851 0.1643  472 LYS A NZ  
220 N N   . GLN A 27 ? 0.3298 0.2240 0.4282 -0.0081 -0.0478 0.0986  473 GLN A N   
221 C CA  . GLN A 27 ? 0.3271 0.2099 0.4286 -0.0115 -0.0279 0.1013  473 GLN A CA  
222 C C   . GLN A 27 ? 0.3208 0.2061 0.4655 -0.0096 -0.0278 0.0994  473 GLN A C   
223 O O   . GLN A 27 ? 0.3406 0.2080 0.4881 -0.0133 -0.0221 0.1114  473 GLN A O   
224 C CB  . GLN A 27 ? 0.3501 0.2425 0.4556 -0.0128 -0.0061 0.0920  473 GLN A CB  
225 C CG  . GLN A 27 ? 0.4363 0.3224 0.5641 -0.0176 0.0188  0.1038  473 GLN A CG  
226 C CD  . GLN A 27 ? 0.5688 0.4115 0.6392 -0.0196 0.0363  0.1211  473 GLN A CD  
227 O OE1 . GLN A 27 ? 0.6475 0.4555 0.6503 -0.0182 0.0482  0.1226  473 GLN A OE1 
228 N NE2 . GLN A 27 ? 0.5797 0.4096 0.6620 -0.0246 0.0388  0.1346  473 GLN A NE2 
229 N N   . MET A 28 ? 0.3142 0.2074 0.4789 -0.0041 -0.0320 0.0851  474 MET A N   
230 C CA  . MET A 28 ? 0.3454 0.2145 0.5245 -0.0021 -0.0282 0.0803  474 MET A CA  
231 C C   . MET A 28 ? 0.3678 0.2219 0.5604 0.0086  -0.0265 0.0989  474 MET A C   
232 O O   . MET A 28 ? 0.3847 0.2099 0.5817 0.0076  -0.0201 0.1031  474 MET A O   
233 C CB  . MET A 28 ? 0.3558 0.2141 0.5263 0.0024  -0.0266 0.0611  474 MET A CB  
234 C CG  . MET A 28 ? 0.3664 0.2261 0.5280 -0.0119 -0.0369 0.0470  474 MET A CG  
235 S SD  . MET A 28 ? 0.4087 0.2371 0.5327 -0.0095 -0.0387 0.0261  474 MET A SD  
236 C CE  . MET A 28 ? 0.4838 0.2327 0.5700 -0.0100 -0.0282 0.0189  474 MET A CE  
237 N N   . LYS A 29 ? 0.3721 0.2448 0.5763 0.0163  -0.0368 0.1147  475 LYS A N   
238 C CA  . LYS A 29 ? 0.3943 0.2606 0.6299 0.0258  -0.0434 0.1425  475 LYS A CA  
239 C C   . LYS A 29 ? 0.4239 0.2720 0.6338 0.0148  -0.0538 0.1594  475 LYS A C   
240 O O   . LYS A 29 ? 0.4395 0.2683 0.6705 0.0211  -0.0525 0.1772  475 LYS A O   
241 C CB  . LYS A 29 ? 0.4264 0.3214 0.6927 0.0297  -0.0641 0.1626  475 LYS A CB  
242 C CG  . LYS A 29 ? 0.4901 0.3965 0.8144 0.0496  -0.0432 0.1650  475 LYS A CG  
243 C CD  . LYS A 29 ? 0.5655 0.4520 0.9408 0.0689  -0.0242 0.1860  475 LYS A CD  
244 C CE  . LYS A 29 ? 0.6143 0.4982 1.0426 0.0937  0.0140  0.1895  475 LYS A CE  
245 N NZ  . LYS A 29 ? 0.6449 0.4960 1.1195 0.1180  0.0460  0.2089  475 LYS A NZ  
246 N N   . GLU A 30 ? 0.4414 0.2861 0.6014 0.0004  -0.0582 0.1561  476 GLU A N   
247 C CA  . GLU A 30 ? 0.4841 0.2969 0.6035 -0.0098 -0.0571 0.1722  476 GLU A CA  
248 C C   . GLU A 30 ? 0.4905 0.2922 0.6279 -0.0126 -0.0327 0.1653  476 GLU A C   
249 O O   . GLU A 30 ? 0.5053 0.2794 0.6340 -0.0160 -0.0303 0.1833  476 GLU A O   
250 C CB  . GLU A 30 ? 0.5438 0.3373 0.5924 -0.0212 -0.0540 0.1706  476 GLU A CB  
251 C CG  . GLU A 30 ? 0.6299 0.4130 0.6408 -0.0270 -0.0886 0.1815  476 GLU A CG  
252 C CD  . GLU A 30 ? 0.7998 0.5484 0.7260 -0.0369 -0.0801 0.1718  476 GLU A CD  
253 O OE1 . GLU A 30 ? 0.8306 0.5821 0.7525 -0.0328 -0.0401 0.1551  476 GLU A OE1 
254 O OE2 . GLU A 30 ? 0.8752 0.5890 0.7416 -0.0493 -0.1144 0.1837  476 GLU A OE2 
255 N N   . ASN A 31 ? 0.4779 0.2960 0.6397 -0.0141 -0.0208 0.1425  477 ASN A N   
256 C CA  . ASN A 31 ? 0.4961 0.3003 0.6800 -0.0239 -0.0098 0.1380  477 ASN A CA  
257 C C   . ASN A 31 ? 0.5311 0.3025 0.7281 -0.0174 -0.0118 0.1394  477 ASN A C   
258 O O   . ASN A 31 ? 0.5468 0.3153 0.7508 -0.0015 -0.0136 0.1358  477 ASN A O   
259 C CB  . ASN A 31 ? 0.4813 0.3042 0.6839 -0.0323 -0.0110 0.1180  477 ASN A CB  
260 C CG  . ASN A 31 ? 0.5009 0.3524 0.7069 -0.0365 0.0005  0.1210  477 ASN A CG  
261 O OD1 . ASN A 31 ? 0.5345 0.3780 0.7151 -0.0352 0.0176  0.1360  477 ASN A OD1 
262 N ND2 . ASN A 31 ? 0.4649 0.3392 0.6943 -0.0408 -0.0059 0.1082  477 ASN A ND2 
263 N N   . NH2 A 32 ? 0.5404 0.2840 0.7459 -0.0304 -0.0071 0.1413  478 NH2 A N   
264 C C   . ACE B 1  ? 0.5731 0.2097 0.5324 -0.0107 -0.0331 -0.0049 447 ACE B C   
265 O O   . ACE B 1  ? 0.5577 0.2354 0.5470 0.0016  -0.0218 -0.0046 447 ACE B O   
266 C CH3 . ACE B 1  ? 0.5766 0.2062 0.5514 -0.0036 -0.0279 0.0038  447 ACE B CH3 
267 N N   . GLU B 2  ? 0.6024 0.1928 0.5137 -0.0333 -0.0559 -0.0099 448 GLU B N   
268 C CA  . GLU B 2  ? 0.6033 0.1869 0.4927 -0.0451 -0.0714 -0.0148 448 GLU B CA  
269 C C   . GLU B 2  ? 0.5246 0.1967 0.4877 -0.0471 -0.0808 -0.0075 448 GLU B C   
270 O O   . GLU B 2  ? 0.5091 0.1980 0.4732 -0.0392 -0.0732 -0.0121 448 GLU B O   
271 C CB  . GLU B 2  ? 0.6906 0.2019 0.5203 -0.0767 -0.1105 -0.0139 448 GLU B CB  
272 N N   . THR B 3  ? 0.4783 0.1986 0.4981 -0.0557 -0.0900 0.0041  449 THR B N   
273 C CA  . THR B 3  ? 0.4267 0.2142 0.5065 -0.0551 -0.0874 0.0111  449 THR B CA  
274 C C   . THR B 3  ? 0.3795 0.1995 0.4681 -0.0343 -0.0636 0.0073  449 THR B C   
275 O O   . THR B 3  ? 0.3418 0.1916 0.4466 -0.0301 -0.0603 0.0058  449 THR B O   
276 C CB  . THR B 3  ? 0.4389 0.2542 0.5713 -0.0683 -0.0899 0.0262  449 THR B CB  
277 O OG1 . THR B 3  ? 0.4797 0.2674 0.6190 -0.0921 -0.1215 0.0358  449 THR B OG1 
278 C CG2 . THR B 3  ? 0.4137 0.2808 0.6004 -0.0649 -0.0747 0.0338  449 THR B CG2 
279 N N   . GLU B 4  ? 0.3774 0.1864 0.4565 -0.0227 -0.0521 0.0084  450 GLU B N   
280 C CA  . GLU B 4  ? 0.3609 0.1940 0.4547 -0.0080 -0.0423 0.0115  450 GLU B CA  
281 C C   . GLU B 4  ? 0.3445 0.1794 0.4364 0.0033  -0.0339 0.0052  450 GLU B C   
282 O O   . GLU B 4  ? 0.3187 0.1844 0.4287 0.0069  -0.0337 0.0071  450 GLU B O   
283 C CB  . GLU B 4  ? 0.3977 0.2128 0.4937 0.0009  -0.0398 0.0200  450 GLU B CB  
284 C CG  . GLU B 4  ? 0.4392 0.2512 0.5308 -0.0099 -0.0471 0.0292  450 GLU B CG  
285 C CD  . GLU B 4  ? 0.5409 0.3273 0.6191 -0.0221 -0.0488 0.0286  450 GLU B CD  
286 O OE1 . GLU B 4  ? 0.5445 0.3116 0.6114 -0.0271 -0.0523 0.0211  450 GLU B OE1 
287 O OE2 . GLU B 4  ? 0.5834 0.3602 0.6552 -0.0299 -0.0495 0.0377  450 GLU B OE2 
288 N N   . LYS B 5  ? 0.3724 0.1617 0.4310 0.0072  -0.0245 -0.0023 451 LYS B N   
289 C CA  . LYS B 5  ? 0.3895 0.1636 0.4327 0.0173  -0.0070 -0.0082 451 LYS B CA  
290 C C   . LYS B 5  ? 0.3851 0.1766 0.4199 0.0051  -0.0226 -0.0137 451 LYS B C   
291 O O   . LYS B 5  ? 0.3695 0.1843 0.4194 0.0124  -0.0142 -0.0137 451 LYS B O   
292 C CB  . LYS B 5  ? 0.4794 0.1720 0.4600 0.0217  0.0131  -0.0163 451 LYS B CB  
293 C CG  . LYS B 5  ? 0.5758 0.2321 0.5232 0.0320  0.0425  -0.0222 451 LYS B CG  
294 C CD  . LYS B 5  ? 0.6948 0.2581 0.5812 0.0452  0.0831  -0.0271 451 LYS B CD  
295 C CE  . LYS B 5  ? 0.7931 0.3116 0.6481 0.0595  0.1290  -0.0302 451 LYS B CE  
296 N NZ  . LYS B 5  ? 0.9114 0.3146 0.6861 0.0728  0.1801  -0.0362 451 LYS B NZ  
297 N N   . LEU B 6  ? 0.3818 0.1657 0.4057 -0.0139 -0.0477 -0.0142 452 LEU B N   
298 C CA  . LEU B 6  ? 0.3680 0.1709 0.4021 -0.0256 -0.0671 -0.0136 452 LEU B CA  
299 C C   . LEU B 6  ? 0.2958 0.1614 0.3806 -0.0179 -0.0595 -0.0094 452 LEU B C   
300 O O   . LEU B 6  ? 0.2902 0.1681 0.3761 -0.0159 -0.0601 -0.0119 452 LEU B O   
301 C CB  . LEU B 6  ? 0.4031 0.1958 0.4490 -0.0478 -0.0981 -0.0051 452 LEU B CB  
302 C CG  . LEU B 6  ? 0.4254 0.2496 0.5171 -0.0596 -0.1210 0.0049  452 LEU B CG  
303 C CD1 . LEU B 6  ? 0.4789 0.2658 0.5219 -0.0646 -0.1363 -0.0009 452 LEU B CD1 
304 C CD2 . LEU B 6  ? 0.4321 0.2555 0.5667 -0.0817 -0.1512 0.0224  452 LEU B CD2 
305 N N   . ILE B 7  ? 0.2718 0.1620 0.3825 -0.0150 -0.0520 -0.0033 453 ILE B N   
306 C CA  . ILE B 7  ? 0.2529 0.1750 0.3837 -0.0113 -0.0443 0.0001  453 ILE B CA  
307 C C   . ILE B 7  ? 0.2414 0.1700 0.3662 -0.0012 -0.0401 -0.0012 453 ILE B C   
308 O O   . ILE B 7  ? 0.2281 0.1717 0.3560 -0.0005 -0.0401 -0.0022 453 ILE B O   
309 C CB  . ILE B 7  ? 0.2655 0.1869 0.4005 -0.0152 -0.0363 0.0077  453 ILE B CB  
310 C CG1 . ILE B 7  ? 0.2790 0.2042 0.4440 -0.0256 -0.0349 0.0142  453 ILE B CG1 
311 C CG2 . ILE B 7  ? 0.2663 0.1898 0.3880 -0.0135 -0.0265 0.0098  453 ILE B CG2 
312 C CD1 . ILE B 7  ? 0.3226 0.2368 0.4874 -0.0302 -0.0197 0.0226  453 ILE B CD1 
313 N N   . ARG B 8  ? 0.2565 0.1728 0.3815 0.0071  -0.0354 0.0016  454 ARG B N   
314 C CA  . ARG B 8  ? 0.2421 0.1699 0.3875 0.0168  -0.0301 0.0077  454 ARG B CA  
315 C C   . ARG B 8  ? 0.2526 0.1768 0.3865 0.0190  -0.0208 -0.0004 454 ARG B C   
316 O O   . ARG B 8  ? 0.2483 0.1921 0.3992 0.0205  -0.0213 0.0039  454 ARG B O   
317 C CB  . ARG B 8  ? 0.2518 0.1665 0.4206 0.0291  -0.0183 0.0172  454 ARG B CB  
318 C CG  . ARG B 8  ? 0.2767 0.1953 0.4633 0.0262  -0.0351 0.0313  454 ARG B CG  
319 C CD  . ARG B 8  ? 0.2819 0.2002 0.5222 0.0408  -0.0277 0.0497  454 ARG B CD  
320 N NE  . ARG B 8  ? 0.3400 0.2232 0.5663 0.0537  0.0022  0.0419  454 ARG B NE  
321 C CZ  . ARG B 8  ? 0.3696 0.2252 0.5739 0.0528  0.0008  0.0398  454 ARG B CZ  
322 N NH1 . ARG B 8  ? 0.3784 0.2421 0.5795 0.0408  -0.0263 0.0467  454 ARG B NH1 
323 N NH2 . ARG B 8  ? 0.4138 0.2214 0.5896 0.0627  0.0284  0.0315  454 ARG B NH2 
324 N N   . GLU B 9  ? 0.2721 0.1616 0.3684 0.0157  -0.0170 -0.0103 455 GLU B N   
325 C CA  . GLU B 9  ? 0.2986 0.1650 0.3628 0.0137  -0.0124 -0.0175 455 GLU B CA  
326 C C   . GLU B 9  ? 0.2681 0.1676 0.3466 0.0060  -0.0304 -0.0178 455 GLU B C   
327 O O   . GLU B 9  ? 0.2650 0.1671 0.3389 0.0080  -0.0254 -0.0189 455 GLU B O   
328 C CB  . GLU B 9  ? 0.3870 0.1897 0.3884 0.0035  -0.0189 -0.0256 455 GLU B CB  
329 N N   . LYS B 10 ? 0.2473 0.1664 0.3448 -0.0017 -0.0456 -0.0154 456 LYS B N   
330 C CA  . LYS B 10 ? 0.2283 0.1719 0.3456 -0.0048 -0.0526 -0.0136 456 LYS B CA  
331 C C   . LYS B 10 ? 0.2131 0.1759 0.3370 0.0012  -0.0443 -0.0118 456 LYS B C   
332 O O   . LYS B 10 ? 0.2042 0.1733 0.3269 0.0013  -0.0458 -0.0132 456 LYS B O   
333 C CB  . LYS B 10 ? 0.2416 0.1975 0.3905 -0.0109 -0.0574 -0.0069 456 LYS B CB  
334 C CG  . LYS B 10 ? 0.3138 0.2503 0.4670 -0.0234 -0.0793 -0.0024 456 LYS B CG  
335 C CD  . LYS B 10 ? 0.3992 0.3182 0.5399 -0.0313 -0.1024 -0.0014 456 LYS B CD  
336 C CE  . LYS B 10 ? 0.4962 0.3769 0.6255 -0.0511 -0.1383 0.0067  456 LYS B CE  
337 N NZ  . LYS B 10 ? 0.5791 0.4170 0.6643 -0.0629 -0.1669 0.0072  456 LYS B NZ  
338 N N   . ASP B 11 ? 0.2083 0.1732 0.3358 0.0034  -0.0414 -0.0066 457 ASP B N   
339 C CA  A ASP B 11 ? 0.2178 0.1880 0.3456 0.0021  -0.0468 0.0000  457 ASP B CA  
340 C CA  B ASP B 11 ? 0.2214 0.1914 0.3490 0.0021  -0.0467 -0.0001 457 ASP B CA  
341 C C   . ASP B 11 ? 0.2177 0.1973 0.3614 0.0059  -0.0452 0.0031  457 ASP B C   
342 O O   . ASP B 11 ? 0.2172 0.2011 0.3586 0.0017  -0.0524 0.0057  457 ASP B O   
343 C CB  A ASP B 11 ? 0.2281 0.1897 0.3568 -0.0008 -0.0561 0.0109  457 ASP B CB  
344 C CB  B ASP B 11 ? 0.2427 0.2038 0.3708 -0.0006 -0.0550 0.0102  457 ASP B CB  
345 C CG  A ASP B 11 ? 0.2829 0.2194 0.3752 -0.0088 -0.0558 0.0109  457 ASP B CG  
346 C CG  B ASP B 11 ? 0.3133 0.2544 0.4144 -0.0113 -0.0715 0.0186  457 ASP B CG  
347 O OD1 A ASP B 11 ? 0.3082 0.2336 0.3782 -0.0108 -0.0460 0.0053  457 ASP B OD1 
348 O OD1 B ASP B 11 ? 0.3362 0.2662 0.4112 -0.0152 -0.0694 0.0135  457 ASP B OD1 
349 O OD2 A ASP B 11 ? 0.2968 0.2173 0.3797 -0.0122 -0.0607 0.0174  457 ASP B OD2 
350 O OD2 B ASP B 11 ? 0.3358 0.2623 0.4351 -0.0175 -0.0898 0.0319  457 ASP B OD2 
351 N N   . GLU B 12 ? 0.2208 0.1946 0.3760 0.0140  -0.0305 0.0035  458 GLU B N   
352 C CA  . GLU B 12 ? 0.2316 0.2059 0.4027 0.0197  -0.0148 0.0082  458 GLU B CA  
353 C C   . GLU B 12 ? 0.2401 0.2056 0.3787 0.0149  -0.0160 -0.0020 458 GLU B C   
354 O O   . GLU B 12 ? 0.2341 0.2094 0.3858 0.0137  -0.0142 0.0034  458 GLU B O   
355 C CB  . GLU B 12 ? 0.2781 0.2236 0.4455 0.0310  0.0151  0.0078  458 GLU B CB  
356 C CG  . GLU B 12 ? 0.3763 0.3221 0.5807 0.0410  0.0452  0.0204  458 GLU B CG  
357 C CD  . GLU B 12 ? 0.5000 0.4063 0.6512 0.0407  0.0686  0.0099  458 GLU B CD  
358 O OE1 . GLU B 12 ? 0.5577 0.4253 0.6361 0.0323  0.0576  -0.0068 458 GLU B OE1 
359 O OE2 . GLU B 12 ? 0.4876 0.3979 0.6725 0.0469  0.0956  0.0219  458 GLU B OE2 
360 N N   . GLU B 13 ? 0.2409 0.1885 0.3450 0.0100  -0.0244 -0.0130 459 GLU B N   
361 C CA  . GLU B 13 ? 0.2458 0.1825 0.3259 0.0042  -0.0337 -0.0184 459 GLU B CA  
362 C C   . GLU B 13 ? 0.2269 0.1901 0.3258 0.0025  -0.0430 -0.0157 459 GLU B C   
363 O O   . GLU B 13 ? 0.2280 0.1887 0.3191 0.0008  -0.0434 -0.0156 459 GLU B O   
364 C CB  . GLU B 13 ? 0.2854 0.2049 0.3506 -0.0034 -0.0520 -0.0217 459 GLU B CB  
365 C CG  . GLU B 13 ? 0.3732 0.2815 0.4283 -0.0113 -0.0721 -0.0211 459 GLU B CG  
366 C CD  . GLU B 13 ? 0.5126 0.4081 0.5764 -0.0221 -0.0983 -0.0156 459 GLU B CD  
367 O OE1 . GLU B 13 ? 0.5587 0.4182 0.5891 -0.0285 -0.1027 -0.0176 459 GLU B OE1 
368 O OE2 . GLU B 13 ? 0.5756 0.4949 0.6864 -0.0240 -0.1129 -0.0065 459 GLU B OE2 
369 N N   . LEU B 14 ? 0.2003 0.1762 0.3122 0.0020  -0.0469 -0.0133 460 LEU B N   
370 C CA  . LEU B 14 ? 0.2041 0.1800 0.3098 -0.0005 -0.0503 -0.0122 460 LEU B CA  
371 C C   . LEU B 14 ? 0.2040 0.1818 0.3104 -0.0051 -0.0573 -0.0049 460 LEU B C   
372 O O   . LEU B 14 ? 0.2047 0.1752 0.2982 -0.0089 -0.0621 -0.0051 460 LEU B O   
373 C CB  . LEU B 14 ? 0.2143 0.1799 0.3116 -0.0014 -0.0453 -0.0109 460 LEU B CB  
374 C CG  . LEU B 14 ? 0.2161 0.1856 0.3342 0.0022  -0.0359 -0.0120 460 LEU B CG  
375 C CD1 . LEU B 14 ? 0.2478 0.2019 0.3562 0.0016  -0.0215 -0.0091 460 LEU B CD1 
376 C CD2 . LEU B 14 ? 0.2291 0.2002 0.3652 0.0059  -0.0320 -0.0112 460 LEU B CD2 
377 N N   . ARG B 15 ? 0.1983 0.1859 0.3300 -0.0052 -0.0593 0.0052  461 ARG B N   
378 C CA  . ARG B 15 ? 0.1969 0.1937 0.3570 -0.0114 -0.0696 0.0207  461 ARG B CA  
379 C C   . ARG B 15 ? 0.1905 0.1930 0.3604 -0.0080 -0.0541 0.0197  461 ARG B C   
380 O O   . ARG B 15 ? 0.1991 0.2046 0.3798 -0.0165 -0.0650 0.0290  461 ARG B O   
381 C CB  . ARG B 15 ? 0.1938 0.2051 0.4048 -0.0096 -0.0730 0.0386  461 ARG B CB  
382 C CG  . ARG B 15 ? 0.2386 0.2336 0.4306 -0.0181 -0.0968 0.0440  461 ARG B CG  
383 C CD  . ARG B 15 ? 0.2603 0.2689 0.5139 -0.0199 -0.1131 0.0695  461 ARG B CD  
384 N NE  . ARG B 15 ? 0.2508 0.2768 0.5482 -0.0013 -0.0812 0.0696  461 ARG B NE  
385 C CZ  . ARG B 15 ? 0.2757 0.2908 0.5557 0.0051  -0.0738 0.0621  461 ARG B CZ  
386 N NH1 . ARG B 15 ? 0.2782 0.2710 0.5054 -0.0047 -0.0918 0.0547  461 ARG B NH1 
387 N NH2 . ARG B 15 ? 0.3007 0.3176 0.6099 0.0213  -0.0436 0.0625  461 ARG B NH2 
388 N N   . ARG B 16 ? 0.1991 0.1913 0.3555 0.0009  -0.0310 0.0104  462 ARG B N   
389 C CA  . ARG B 16 ? 0.2107 0.1886 0.3542 0.0017  -0.0138 0.0092  462 ARG B CA  
390 C C   . ARG B 16 ? 0.2130 0.1827 0.3229 -0.0052 -0.0309 0.0008  462 ARG B C   
391 O O   . ARG B 16 ? 0.2152 0.1803 0.3230 -0.0091 -0.0270 0.0050  462 ARG B O   
392 C CB  . ARG B 16 ? 0.2814 0.2205 0.3853 0.0082  0.0115  0.0004  462 ARG B CB  
393 C CG  . ARG B 16 ? 0.3315 0.2643 0.4618 0.0191  0.0404  0.0079  462 ARG B CG  
394 C CD  . ARG B 16 ? 0.3527 0.2935 0.5389 0.0268  0.0758  0.0270  462 ARG B CD  
395 N NE  . ARG B 16 ? 0.3361 0.3303 0.6011 0.0204  0.0509  0.0473  462 ARG B NE  
396 C CZ  . ARG B 16 ? 0.3618 0.3868 0.6852 0.0199  0.0301  0.0626  462 ARG B CZ  
397 N NH1 . ARG B 16 ? 0.3552 0.3715 0.6761 0.0291  0.0380  0.0589  462 ARG B NH1 
398 N NH2 . ARG B 16 ? 0.3606 0.4163 0.7383 0.0072  -0.0036 0.0834  462 ARG B NH2 
399 N N   . MET B 17 ? 0.2043 0.1713 0.2961 -0.0055 -0.0457 -0.0082 463 MET B N   
400 C CA  . MET B 17 ? 0.2156 0.1748 0.2906 -0.0079 -0.0569 -0.0124 463 MET B CA  
401 C C   . MET B 17 ? 0.2219 0.1818 0.2969 -0.0141 -0.0649 -0.0069 463 MET B C   
402 O O   . MET B 17 ? 0.2321 0.1815 0.2940 -0.0179 -0.0690 -0.0065 463 MET B O   
403 C CB  . MET B 17 ? 0.2258 0.1847 0.3050 -0.0039 -0.0616 -0.0168 463 MET B CB  
404 C CG  . MET B 17 ? 0.2362 0.1837 0.3109 -0.0049 -0.0685 -0.0182 463 MET B CG  
405 S SD  . MET B 17 ? 0.2516 0.2104 0.3618 -0.0027 -0.0745 -0.0147 463 MET B SD  
406 C CE  . MET B 17 ? 0.2929 0.2533 0.4306 0.0008  -0.0806 -0.0082 463 MET B CE  
407 N N   . GLN B 18 ? 0.2219 0.1843 0.3043 -0.0188 -0.0721 -0.0004 464 GLN B N   
408 C CA  . GLN B 18 ? 0.2397 0.1842 0.3066 -0.0318 -0.0906 0.0080  464 GLN B CA  
409 C C   . GLN B 18 ? 0.2305 0.1907 0.3317 -0.0400 -0.0972 0.0223  464 GLN B C   
410 O O   . GLN B 18 ? 0.2484 0.1903 0.3310 -0.0508 -0.1109 0.0259  464 GLN B O   
411 C CB  . GLN B 18 ? 0.2747 0.2053 0.3326 -0.0399 -0.1063 0.0159  464 GLN B CB  
412 C CG  . GLN B 18 ? 0.3308 0.2312 0.3437 -0.0345 -0.0938 0.0039  464 GLN B CG  
413 C CD  . GLN B 18 ? 0.4220 0.2950 0.4104 -0.0463 -0.1118 0.0132  464 GLN B CD  
414 O OE1 . GLN B 18 ? 0.4486 0.3497 0.4807 -0.0469 -0.1218 0.0241  464 GLN B OE1 
415 N NE2 . GLN B 18 ? 0.4591 0.2652 0.3698 -0.0567 -0.1160 0.0107  464 GLN B NE2 
416 N N   . GLU B 19 ? 0.2050 0.1937 0.3579 -0.0339 -0.0812 0.0318  465 GLU B N   
417 C CA  . GLU B 19 ? 0.1911 0.1964 0.3945 -0.0386 -0.0734 0.0500  465 GLU B CA  
418 C C   . GLU B 19 ? 0.2090 0.1974 0.3773 -0.0389 -0.0621 0.0406  465 GLU B C   
419 O O   . GLU B 19 ? 0.2166 0.2050 0.4005 -0.0506 -0.0711 0.0531  465 GLU B O   
420 C CB  . GLU B 19 ? 0.1989 0.2224 0.4538 -0.0251 -0.0400 0.0588  465 GLU B CB  
421 C CG  . GLU B 19 ? 0.2360 0.2712 0.5501 -0.0241 -0.0110 0.0791  465 GLU B CG  
422 C CD  . GLU B 19 ? 0.3024 0.3361 0.6534 -0.0062 0.0387  0.0859  465 GLU B CD  
423 O OE1 . GLU B 19 ? 0.3330 0.3678 0.6848 0.0025  0.0390  0.0811  465 GLU B OE1 
424 O OE2 . GLU B 19 ? 0.3648 0.3883 0.7400 -0.0004 0.0825  0.0968  465 GLU B OE2 
425 N N   . MET B 20 ? 0.2179 0.1876 0.3384 -0.0292 -0.0495 0.0214  466 MET B N   
426 C CA  A MET B 20 ? 0.2288 0.1746 0.3103 -0.0309 -0.0462 0.0144  466 MET B CA  
427 C CA  B MET B 20 ? 0.2341 0.1798 0.3152 -0.0308 -0.0462 0.0142  466 MET B CA  
428 C C   . MET B 20 ? 0.2448 0.1802 0.3065 -0.0387 -0.0703 0.0125  466 MET B C   
429 O O   . MET B 20 ? 0.2523 0.1766 0.3065 -0.0464 -0.0723 0.0177  466 MET B O   
430 C CB  A MET B 20 ? 0.2421 0.1652 0.2822 -0.0234 -0.0434 -0.0001 466 MET B CB  
431 C CB  B MET B 20 ? 0.2558 0.1781 0.2950 -0.0233 -0.0430 -0.0002 466 MET B CB  
432 C CG  A MET B 20 ? 0.2891 0.1806 0.2872 -0.0273 -0.0507 -0.0041 466 MET B CG  
433 C CG  B MET B 20 ? 0.3009 0.1925 0.2983 -0.0269 -0.0531 -0.0050 466 MET B CG  
434 S SD  A MET B 20 ? 0.3736 0.2302 0.3300 -0.0263 -0.0657 -0.0120 466 MET B SD  
435 S SD  B MET B 20 ? 0.3564 0.2167 0.3264 -0.0346 -0.0313 0.0025  466 MET B SD  
436 C CE  A MET B 20 ? 0.2939 0.1813 0.2904 -0.0194 -0.0822 -0.0138 466 MET B CE  
437 C CE  B MET B 20 ? 0.3760 0.1842 0.2908 -0.0322 -0.0056 -0.0026 466 MET B CE  
438 N N   . LEU B 21 ? 0.2506 0.1795 0.2970 -0.0368 -0.0832 0.0058  467 LEU B N   
439 C CA  . LEU B 21 ? 0.2836 0.1818 0.2948 -0.0425 -0.0967 0.0031  467 LEU B CA  
440 C C   . LEU B 21 ? 0.3012 0.1902 0.3157 -0.0619 -0.1170 0.0179  467 LEU B C   
441 O O   . LEU B 21 ? 0.3215 0.1835 0.3088 -0.0705 -0.1268 0.0190  467 LEU B O   
442 C CB  . LEU B 21 ? 0.3101 0.1859 0.2945 -0.0365 -0.0941 -0.0050 467 LEU B CB  
443 C CG  . LEU B 21 ? 0.3223 0.2070 0.3197 -0.0195 -0.0776 -0.0137 467 LEU B CG  
444 C CD1 . LEU B 21 ? 0.3738 0.2300 0.3490 -0.0134 -0.0637 -0.0179 467 LEU B CD1 
445 C CD2 . LEU B 21 ? 0.3171 0.1979 0.3195 -0.0133 -0.0780 -0.0150 467 LEU B CD2 
446 N N   . HIS B 22 ? 0.2936 0.2046 0.3492 -0.0704 -0.1277 0.0332  468 HIS B N   
447 C CA  . HIS B 22 ? 0.3129 0.2178 0.3912 -0.0939 -0.1588 0.0562  468 HIS B CA  
448 C C   . HIS B 22 ? 0.2977 0.2239 0.4201 -0.0985 -0.1484 0.0690  468 HIS B C   
449 O O   . HIS B 22 ? 0.3244 0.2308 0.4417 -0.1182 -0.1732 0.0816  468 HIS B O   
450 C CB  . HIS B 22 ? 0.3219 0.2460 0.4506 -0.1030 -0.1796 0.0767  468 HIS B CB  
451 C CG  . HIS B 22 ? 0.4100 0.2970 0.4779 -0.1032 -0.1916 0.0656  468 HIS B CG  
452 N ND1 . HIS B 22 ? 0.4396 0.3462 0.5440 -0.1019 -0.1988 0.0760  468 HIS B ND1 
453 C CD2 . HIS B 22 ? 0.4804 0.3054 0.4537 -0.1040 -0.1919 0.0473  468 HIS B CD2 
454 C CE1 . HIS B 22 ? 0.4967 0.3528 0.5217 -0.1033 -0.2038 0.0622  468 HIS B CE1 
455 N NE2 . HIS B 22 ? 0.5246 0.3283 0.4696 -0.1039 -0.1958 0.0453  468 HIS B NE2 
456 N N   . LYS B 23 ? 0.2714 0.2247 0.4229 -0.0821 -0.1101 0.0652  469 LYS B N   
457 C CA  . LYS B 23 ? 0.2674 0.2264 0.4446 -0.0847 -0.0880 0.0758  469 LYS B CA  
458 C C   . LYS B 23 ? 0.2977 0.2201 0.4085 -0.0887 -0.0964 0.0624  469 LYS B C   
459 O O   . LYS B 23 ? 0.3105 0.2263 0.4336 -0.1027 -0.1012 0.0758  469 LYS B O   
460 C CB  . LYS B 23 ? 0.2939 0.2591 0.4798 -0.0667 -0.0406 0.0709  469 LYS B CB  
461 C CG  . LYS B 23 ? 0.3866 0.3355 0.5724 -0.0681 -0.0058 0.0789  469 LYS B CG  
462 C CD  . LYS B 23 ? 0.4156 0.3972 0.7035 -0.0782 0.0064  0.1139  469 LYS B CD  
463 C CE  . LYS B 23 ? 0.4729 0.4309 0.7586 -0.0778 0.0549  0.1229  469 LYS B CE  
464 N NZ  . LYS B 23 ? 0.5631 0.4728 0.7447 -0.0822 0.0445  0.1008  469 LYS B NZ  
465 N N   . ILE B 24 ? 0.3113 0.2103 0.3618 -0.0767 -0.0986 0.0391  470 ILE B N   
466 C CA  . ILE B 24 ? 0.3421 0.2057 0.3408 -0.0772 -0.1067 0.0291  470 ILE B CA  
467 C C   . ILE B 24 ? 0.3772 0.2115 0.3535 -0.0937 -0.1348 0.0349  470 ILE B C   
468 O O   . ILE B 24 ? 0.4017 0.2127 0.3592 -0.1039 -0.1425 0.0391  470 ILE B O   
469 C CB  . ILE B 24 ? 0.3524 0.2036 0.3202 -0.0593 -0.1026 0.0111  470 ILE B CB  
470 C CG1 . ILE B 24 ? 0.3438 0.2001 0.3111 -0.0515 -0.0866 0.0081  470 ILE B CG1 
471 C CG2 . ILE B 24 ? 0.3881 0.2017 0.3181 -0.0568 -0.1119 0.0050  470 ILE B CG2 
472 C CD1 . ILE B 24 ? 0.3518 0.2071 0.3141 -0.0383 -0.0910 -0.0019 470 ILE B CD1 
473 N N   . GLN B 25 ? 0.3971 0.2201 0.3633 -0.0996 -0.1522 0.0359  471 GLN B N   
474 C CA  . GLN B 25 ? 0.4618 0.2309 0.3794 -0.1207 -0.1841 0.0415  471 GLN B CA  
475 C C   . GLN B 25 ? 0.4790 0.2587 0.4401 -0.1472 -0.2099 0.0677  471 GLN B C   
476 O O   . GLN B 25 ? 0.5195 0.2519 0.4375 -0.1646 -0.2316 0.0714  471 GLN B O   
477 C CB  . GLN B 25 ? 0.5019 0.2463 0.3918 -0.1265 -0.1999 0.0416  471 GLN B CB  
478 C CG  . GLN B 25 ? 0.5565 0.2731 0.3955 -0.1035 -0.1713 0.0184  471 GLN B CG  
479 C CD  . GLN B 25 ? 0.6301 0.3184 0.4370 -0.1098 -0.1810 0.0193  471 GLN B CD  
480 O OE1 . GLN B 25 ? 0.6293 0.3558 0.4868 -0.1191 -0.1996 0.0344  471 GLN B OE1 
481 N NE2 . GLN B 25 ? 0.6824 0.2977 0.4051 -0.1038 -0.1643 0.0052  471 GLN B NE2 
482 N N   . LYS B 26 ? 0.4409 0.2802 0.4941 -0.1497 -0.2047 0.0887  472 LYS B N   
483 C CA  . LYS B 26 ? 0.4312 0.2927 0.5599 -0.1739 -0.2237 0.1221  472 LYS B CA  
484 C C   . LYS B 26 ? 0.4340 0.2920 0.5578 -0.1730 -0.2009 0.1209  472 LYS B C   
485 O O   . LYS B 26 ? 0.4527 0.2905 0.5816 -0.1975 -0.2276 0.1385  472 LYS B O   
486 C CB  . LYS B 26 ? 0.4119 0.3395 0.6552 -0.1680 -0.2054 0.1461  472 LYS B CB  
487 C CG  . LYS B 26 ? 0.4411 0.4035 0.7976 -0.1893 -0.2153 0.1888  472 LYS B CG  
488 C CD  . LYS B 26 ? 0.4556 0.4806 0.9330 -0.1732 -0.1731 0.2112  472 LYS B CD  
489 C CE  . LYS B 26 ? 0.5308 0.5579 0.9844 -0.1449 -0.0998 0.1905  472 LYS B CE  
490 N NZ  . LYS B 26 ? 0.5778 0.5911 1.0299 -0.1540 -0.0796 0.1987  472 LYS B NZ  
491 N N   . GLN B 27 ? 0.4252 0.2929 0.5298 -0.1480 -0.1567 0.1012  473 GLN B N   
492 C CA  . GLN B 27 ? 0.4344 0.2861 0.5176 -0.1474 -0.1355 0.0992  473 GLN B CA  
493 C C   . GLN B 27 ? 0.4748 0.2714 0.4770 -0.1534 -0.1604 0.0850  473 GLN B C   
494 O O   . GLN B 27 ? 0.4947 0.2730 0.4910 -0.1669 -0.1633 0.0946  473 GLN B O   
495 C CB  . GLN B 27 ? 0.4555 0.3111 0.5190 -0.1239 -0.0915 0.0835  473 GLN B CB  
496 N N   . MET B 28 ? 0.5043 0.2688 0.4469 -0.1440 -0.1743 0.0648  474 MET B N   
497 C CA  . MET B 28 ? 0.5587 0.2596 0.4250 -0.1459 -0.1891 0.0526  474 MET B CA  
498 C C   . MET B 28 ? 0.6121 0.2721 0.4596 -0.1785 -0.2285 0.0696  474 MET B C   
499 O O   . MET B 28 ? 0.6436 0.2588 0.4500 -0.1895 -0.2396 0.0706  474 MET B O   
500 C CB  . MET B 28 ? 0.5815 0.2512 0.3976 -0.1257 -0.1813 0.0312  474 MET B CB  
501 C CG  . MET B 28 ? 0.5591 0.2589 0.3940 -0.0974 -0.1536 0.0182  474 MET B CG  
502 S SD  . MET B 28 ? 0.5968 0.2731 0.4068 -0.0728 -0.1366 0.0012  474 MET B SD  
503 C CE  . MET B 28 ? 0.6888 0.2806 0.4292 -0.0709 -0.1352 -0.0047 474 MET B CE  
504 N N   . LYS B 29 ? 0.6294 0.2990 0.5055 -0.1965 -0.2553 0.0855  475 LYS B N   
505 C CA  . LYS B 29 ? 0.6917 0.3154 0.5520 -0.2352 -0.3077 0.1083  475 LYS B CA  
506 C C   . LYS B 29 ? 0.6842 0.3448 0.6235 -0.2548 -0.3138 0.1366  475 LYS B C   
507 O O   . LYS B 29 ? 0.7228 0.3302 0.6215 -0.2796 -0.3437 0.1452  475 LYS B O   
508 C CB  . LYS B 29 ? 0.6953 0.3274 0.5854 -0.2518 -0.3416 0.1258  475 LYS B CB  
509 N N   . GLU B 30 ? 0.6360 0.3767 0.6775 -0.2417 -0.2770 0.1492  476 GLU B N   
510 C CA  . GLU B 30 ? 0.6282 0.4036 0.7523 -0.2556 -0.2641 0.1777  476 GLU B CA  
511 C C   . GLU B 30 ? 0.6828 0.4172 0.7365 -0.2510 -0.2465 0.1614  476 GLU B C   
512 O O   . GLU B 30 ? 0.6751 0.3949 0.7474 -0.2758 -0.2622 0.1827  476 GLU B O   
513 C CB  . GLU B 30 ? 0.6114 0.4588 0.8335 -0.2348 -0.2101 0.1885  476 GLU B CB  
514 C CG  . GLU B 30 ? 0.6545 0.5296 0.9552 -0.2410 -0.1718 0.2153  476 GLU B CG  
515 C CD  . GLU B 30 ? 0.7193 0.6328 1.0735 -0.2145 -0.1006 0.2172  476 GLU B CD  
516 O OE1 . GLU B 30 ? 0.7524 0.6665 1.0633 -0.1897 -0.0830 0.1908  476 GLU B OE1 
517 O OE2 . GLU B 30 ? 0.7283 0.6622 1.1628 -0.2192 -0.0585 0.2461  476 GLU B OE2 
518 N N   . ASN B 31 ? 0.7285 0.4423 0.7069 -0.2210 -0.2192 0.1270  477 ASN B N   
519 C CA  . ASN B 31 ? 0.7843 0.4575 0.6942 -0.2104 -0.2047 0.1098  477 ASN B CA  
520 C C   . ASN B 31 ? 0.7705 0.4685 0.7022 -0.1971 -0.1591 0.1114  477 ASN B C   
521 O O   . ASN B 31 ? 0.7506 0.4818 0.7080 -0.1799 -0.1304 0.1064  477 ASN B O   
522 C CB  . ASN B 31 ? 0.8429 0.4618 0.7144 -0.2366 -0.2371 0.1196  477 ASN B CB  
523 C CG  . ASN B 31 ? 0.9454 0.4908 0.7237 -0.2369 -0.2661 0.1009  477 ASN B CG  
524 O OD1 . ASN B 31 ? 1.0079 0.5007 0.7178 -0.2257 -0.2607 0.0846  477 ASN B OD1 
525 N ND2 . ASN B 31 ? 0.9465 0.4761 0.7149 -0.2496 -0.2945 0.1043  477 ASN B ND2 
# 
